data_2RN7
#
_entry.id   2RN7
#
_entity_poly.entity_id   1
_entity_poly.type   'polypeptide(L)'
_entity_poly.pdbx_seq_one_letter_code
;MTKNTRFSPEVRQRAVRMVLESQGEYDSQWATICSIAPKIGCTPETLRVWVRQHERDTGGDDGGLTTAERQRLKEPEREN
RELRRSNDILRLASAYFAKAEFDRLWKK
;
_entity_poly.pdbx_strand_id   A
#
# COMPACT_ATOMS: atom_id res chain seq x y z
N MET A 1 -17.60 0.71 -21.27
CA MET A 1 -17.62 -0.02 -22.55
C MET A 1 -16.22 -0.51 -22.91
N THR A 2 -15.22 0.27 -22.56
CA THR A 2 -13.83 -0.10 -22.84
C THR A 2 -13.43 -1.36 -22.06
N LYS A 3 -12.91 -2.35 -22.77
CA LYS A 3 -12.59 -3.63 -22.16
C LYS A 3 -11.11 -3.69 -21.79
N ASN A 4 -10.84 -3.66 -20.48
CA ASN A 4 -9.47 -3.79 -19.95
C ASN A 4 -8.58 -2.64 -20.44
N THR A 5 -9.21 -1.54 -20.81
CA THR A 5 -8.47 -0.36 -21.25
C THR A 5 -7.87 0.37 -20.06
N ARG A 6 -6.59 0.12 -19.82
CA ARG A 6 -5.88 0.69 -18.70
C ARG A 6 -4.41 0.88 -19.04
N PHE A 7 -3.62 1.31 -18.05
CA PHE A 7 -2.19 1.48 -18.23
C PHE A 7 -1.48 0.13 -18.21
N SER A 8 -0.24 0.11 -18.69
CA SER A 8 0.54 -1.12 -18.75
C SER A 8 1.18 -1.42 -17.39
N PRO A 9 1.21 -2.70 -17.00
CA PRO A 9 1.77 -3.12 -15.70
C PRO A 9 3.24 -2.75 -15.55
N GLU A 10 4.04 -3.07 -16.57
CA GLU A 10 5.47 -2.84 -16.54
C GLU A 10 5.80 -1.37 -16.25
N VAL A 11 5.20 -0.47 -17.02
CA VAL A 11 5.44 0.95 -16.86
C VAL A 11 5.00 1.44 -15.48
N ARG A 12 3.87 0.94 -15.00
CA ARG A 12 3.35 1.32 -13.70
C ARG A 12 4.30 0.89 -12.59
N GLN A 13 4.73 -0.37 -12.63
CA GLN A 13 5.62 -0.89 -11.60
C GLN A 13 6.96 -0.17 -11.63
N ARG A 14 7.47 0.08 -12.83
CA ARG A 14 8.73 0.77 -13.00
C ARG A 14 8.61 2.21 -12.51
N ALA A 15 7.45 2.82 -12.75
CA ALA A 15 7.18 4.17 -12.28
C ALA A 15 7.26 4.25 -10.77
N VAL A 16 6.50 3.40 -10.10
CA VAL A 16 6.48 3.37 -8.65
C VAL A 16 7.89 3.06 -8.10
N ARG A 17 8.62 2.22 -8.81
CA ARG A 17 9.97 1.86 -8.42
C ARG A 17 10.86 3.11 -8.46
N MET A 18 10.80 3.85 -9.56
CA MET A 18 11.61 5.06 -9.72
C MET A 18 11.26 6.09 -8.64
N VAL A 19 10.00 6.10 -8.24
CA VAL A 19 9.55 6.98 -7.16
C VAL A 19 10.30 6.64 -5.87
N LEU A 20 10.36 5.36 -5.55
CA LEU A 20 11.08 4.90 -4.36
C LEU A 20 12.56 5.18 -4.50
N GLU A 21 13.11 4.91 -5.69
CA GLU A 21 14.51 5.21 -6.00
C GLU A 21 14.81 6.68 -5.70
N SER A 22 13.88 7.55 -6.07
CA SER A 22 14.07 8.98 -5.90
C SER A 22 13.68 9.44 -4.49
N GLN A 23 12.95 8.59 -3.76
CA GLN A 23 12.62 8.90 -2.36
C GLN A 23 13.85 8.75 -1.49
N GLY A 24 14.77 7.92 -1.93
CA GLY A 24 16.07 7.83 -1.27
C GLY A 24 16.81 9.16 -1.37
N GLU A 25 16.68 9.82 -2.50
CA GLU A 25 17.34 11.10 -2.75
C GLU A 25 16.54 12.25 -2.12
N TYR A 26 15.26 12.33 -2.46
CA TYR A 26 14.38 13.37 -1.93
C TYR A 26 13.43 12.78 -0.89
N ASP A 27 13.46 13.34 0.31
CA ASP A 27 12.60 12.85 1.39
C ASP A 27 11.23 13.51 1.31
N SER A 28 11.14 14.55 0.51
CA SER A 28 9.87 15.23 0.29
C SER A 28 9.11 14.52 -0.84
N GLN A 29 8.05 13.81 -0.45
CA GLN A 29 7.32 12.94 -1.37
C GLN A 29 6.81 13.70 -2.59
N TRP A 30 6.29 14.90 -2.37
CA TRP A 30 5.77 15.71 -3.46
C TRP A 30 6.88 16.07 -4.45
N ALA A 31 8.04 16.43 -3.93
CA ALA A 31 9.19 16.78 -4.76
C ALA A 31 9.58 15.60 -5.65
N THR A 32 9.53 14.41 -5.08
CA THR A 32 9.84 13.19 -5.79
C THR A 32 8.84 12.96 -6.94
N ILE A 33 7.57 12.87 -6.58
CA ILE A 33 6.52 12.52 -7.54
C ILE A 33 6.38 13.54 -8.67
N CYS A 34 6.40 14.82 -8.30
CA CYS A 34 6.17 15.90 -9.25
C CYS A 34 7.28 15.98 -10.31
N SER A 35 8.45 15.47 -9.97
CA SER A 35 9.60 15.56 -10.88
C SER A 35 9.67 14.35 -11.82
N ILE A 36 9.14 13.22 -11.39
CA ILE A 36 9.23 11.99 -12.16
C ILE A 36 8.12 11.89 -13.20
N ALA A 37 6.95 12.38 -12.85
CA ALA A 37 5.75 12.27 -13.70
C ALA A 37 6.00 12.72 -15.15
N PRO A 38 6.56 13.94 -15.40
CA PRO A 38 6.74 14.47 -16.76
C PRO A 38 7.76 13.66 -17.57
N LYS A 39 8.51 12.79 -16.91
CA LYS A 39 9.52 11.98 -17.59
C LYS A 39 8.89 10.72 -18.16
N ILE A 40 7.97 10.13 -17.41
CA ILE A 40 7.32 8.91 -17.82
C ILE A 40 6.11 9.21 -18.71
N GLY A 41 5.50 10.36 -18.49
CA GLY A 41 4.36 10.75 -19.29
C GLY A 41 3.06 10.59 -18.55
N CYS A 42 3.03 11.06 -17.31
CA CYS A 42 1.84 10.99 -16.49
C CYS A 42 1.75 12.23 -15.59
N THR A 43 0.64 12.36 -14.88
CA THR A 43 0.49 13.46 -13.95
C THR A 43 0.93 13.03 -12.55
N PRO A 44 1.46 13.97 -11.75
CA PRO A 44 1.92 13.68 -10.38
C PRO A 44 0.78 13.13 -9.52
N GLU A 45 -0.42 13.59 -9.82
CA GLU A 45 -1.62 13.15 -9.11
C GLU A 45 -1.86 11.66 -9.33
N THR A 46 -1.74 11.22 -10.58
CA THR A 46 -1.95 9.82 -10.93
C THR A 46 -0.79 8.96 -10.42
N LEU A 47 0.43 9.49 -10.53
CA LEU A 47 1.61 8.79 -10.05
C LEU A 47 1.52 8.57 -8.54
N ARG A 48 0.99 9.56 -7.83
CA ARG A 48 0.77 9.45 -6.38
C ARG A 48 -0.19 8.30 -6.07
N VAL A 49 -1.25 8.19 -6.88
CA VAL A 49 -2.24 7.14 -6.70
C VAL A 49 -1.61 5.77 -6.87
N TRP A 50 -0.74 5.63 -7.87
CA TRP A 50 -0.04 4.37 -8.11
C TRP A 50 0.81 3.98 -6.90
N VAL A 51 1.51 4.95 -6.34
CA VAL A 51 2.34 4.71 -5.17
C VAL A 51 1.47 4.30 -3.97
N ARG A 52 0.35 5.01 -3.81
CA ARG A 52 -0.57 4.72 -2.72
C ARG A 52 -1.20 3.33 -2.89
N GLN A 53 -1.52 2.98 -4.13
CA GLN A 53 -2.10 1.67 -4.41
C GLN A 53 -1.07 0.58 -4.17
N HIS A 54 0.17 0.87 -4.52
CA HIS A 54 1.27 -0.06 -4.32
C HIS A 54 1.55 -0.23 -2.82
N GLU A 55 1.10 0.73 -2.03
CA GLU A 55 1.17 0.62 -0.58
C GLU A 55 0.16 -0.43 -0.11
N ARG A 56 -1.04 -0.34 -0.67
CA ARG A 56 -2.12 -1.27 -0.34
C ARG A 56 -1.91 -2.61 -1.07
N ASP A 57 -0.87 -2.65 -1.90
CA ASP A 57 -0.47 -3.89 -2.57
C ASP A 57 -0.03 -4.93 -1.55
N THR A 58 0.64 -4.45 -0.50
CA THR A 58 1.09 -5.31 0.58
C THR A 58 -0.10 -5.79 1.43
N GLY A 59 -1.24 -5.14 1.25
CA GLY A 59 -2.42 -5.48 2.01
C GLY A 59 -3.13 -6.70 1.46
N GLY A 60 -2.55 -7.86 1.70
CA GLY A 60 -3.14 -9.09 1.24
C GLY A 60 -4.05 -9.72 2.28
N ASP A 61 -5.28 -10.01 1.89
CA ASP A 61 -6.24 -10.67 2.76
C ASP A 61 -7.26 -11.43 1.93
N ASP A 62 -8.04 -12.28 2.60
CA ASP A 62 -9.08 -13.06 1.94
C ASP A 62 -10.02 -13.69 2.96
N GLY A 63 -11.31 -13.42 2.82
CA GLY A 63 -12.30 -13.95 3.74
C GLY A 63 -12.55 -15.42 3.52
N GLY A 64 -12.04 -16.24 4.43
CA GLY A 64 -12.23 -17.68 4.33
C GLY A 64 -11.55 -18.40 5.47
N LEU A 65 -12.17 -18.35 6.65
CA LEU A 65 -11.59 -18.96 7.83
C LEU A 65 -12.26 -20.29 8.13
N THR A 66 -11.45 -21.28 8.49
CA THR A 66 -11.96 -22.59 8.88
C THR A 66 -12.68 -22.50 10.22
N THR A 67 -13.90 -23.02 10.28
CA THR A 67 -14.72 -22.89 11.47
C THR A 67 -14.52 -24.08 12.41
N ALA A 68 -14.55 -23.80 13.70
CA ALA A 68 -14.44 -24.82 14.73
C ALA A 68 -15.82 -25.26 15.18
N GLU A 69 -16.32 -26.33 14.58
CA GLU A 69 -17.66 -26.81 14.86
C GLU A 69 -17.73 -27.55 16.18
N ARG A 70 -17.07 -28.70 16.26
CA ARG A 70 -17.06 -29.49 17.47
C ARG A 70 -15.64 -29.68 17.99
N GLN A 71 -14.69 -29.68 17.07
CA GLN A 71 -13.28 -29.68 17.44
C GLN A 71 -12.86 -28.27 17.82
N ARG A 72 -12.54 -28.09 19.10
CA ARG A 72 -12.26 -26.77 19.62
C ARG A 72 -10.85 -26.31 19.23
N LEU A 73 -10.79 -25.35 18.31
CA LEU A 73 -9.54 -24.72 17.92
C LEU A 73 -9.21 -23.59 18.90
N LYS A 74 -8.04 -23.01 18.77
CA LYS A 74 -7.64 -21.95 19.69
C LYS A 74 -7.57 -20.60 18.97
N GLU A 75 -8.40 -19.66 19.40
CA GLU A 75 -8.35 -18.31 18.87
C GLU A 75 -7.38 -17.47 19.70
N PRO A 76 -6.27 -17.03 19.09
CA PRO A 76 -5.21 -16.31 19.79
C PRO A 76 -5.53 -14.83 20.00
N GLU A 77 -4.66 -14.16 20.72
CA GLU A 77 -4.80 -12.74 20.99
C GLU A 77 -4.12 -11.94 19.88
N ARG A 78 -3.85 -10.66 20.12
CA ARG A 78 -3.19 -9.81 19.14
C ARG A 78 -1.70 -10.13 19.08
N GLU A 79 -1.14 -10.50 20.22
CA GLU A 79 0.29 -10.74 20.35
C GLU A 79 0.70 -12.04 19.67
N ASN A 80 1.35 -11.89 18.51
CA ASN A 80 1.89 -13.02 17.80
C ASN A 80 3.33 -13.28 18.26
N ARG A 81 3.47 -13.97 19.38
CA ARG A 81 4.78 -14.26 19.94
C ARG A 81 5.35 -15.55 19.35
N GLU A 82 6.64 -15.76 19.55
CA GLU A 82 7.36 -16.89 18.97
C GLU A 82 6.95 -18.20 19.66
N LEU A 83 7.14 -19.31 18.96
CA LEU A 83 6.73 -20.62 19.45
C LEU A 83 7.82 -21.67 19.25
N ARG A 84 8.67 -21.47 18.25
CA ARG A 84 9.68 -22.46 17.87
C ARG A 84 10.79 -22.54 18.91
N ARG A 85 11.06 -21.40 19.54
CA ARG A 85 12.11 -21.26 20.55
C ARG A 85 13.48 -21.18 19.89
N SER A 86 14.25 -20.18 20.31
CA SER A 86 15.55 -19.90 19.73
C SER A 86 16.47 -21.11 19.69
N ASN A 87 17.01 -21.39 18.51
CA ASN A 87 18.09 -22.34 18.37
C ASN A 87 19.39 -21.64 18.76
N ASP A 88 20.53 -22.15 18.33
CA ASP A 88 21.78 -21.46 18.57
C ASP A 88 21.97 -20.40 17.51
N ILE A 89 22.77 -19.39 17.80
CA ILE A 89 23.05 -18.32 16.85
C ILE A 89 23.70 -18.91 15.59
N LEU A 90 24.56 -19.91 15.81
CA LEU A 90 25.17 -20.68 14.75
C LEU A 90 25.97 -19.78 13.80
N ARG A 91 26.38 -20.33 12.65
CA ARG A 91 27.11 -19.59 11.63
C ARG A 91 28.48 -19.15 12.14
N LEU A 92 28.90 -19.72 13.26
CA LEU A 92 30.15 -19.34 13.89
C LEU A 92 31.32 -20.01 13.19
N ALA A 93 32.28 -19.21 12.78
CA ALA A 93 33.46 -19.72 12.08
C ALA A 93 34.37 -20.52 13.01
N SER A 94 34.08 -21.80 13.12
CA SER A 94 34.91 -22.71 13.87
C SER A 94 35.29 -23.89 12.98
N ALA A 95 36.41 -23.75 12.29
CA ALA A 95 36.86 -24.75 11.34
C ALA A 95 38.36 -24.95 11.45
N TYR A 96 38.88 -25.95 10.77
CA TYR A 96 40.30 -26.26 10.81
C TYR A 96 41.03 -25.53 9.70
N PHE A 97 40.94 -24.20 9.75
CA PHE A 97 41.59 -23.32 8.77
C PHE A 97 41.02 -23.49 7.37
N ALA A 98 40.39 -22.44 6.88
CA ALA A 98 39.85 -22.44 5.53
C ALA A 98 40.97 -22.37 4.51
N LYS A 99 42.09 -21.79 4.92
CA LYS A 99 43.28 -21.70 4.08
C LYS A 99 44.15 -22.93 4.29
N ALA A 100 44.78 -23.39 3.23
CA ALA A 100 45.66 -24.56 3.31
C ALA A 100 46.97 -24.19 3.98
N GLU A 101 47.39 -25.00 4.94
CA GLU A 101 48.65 -24.75 5.63
C GLU A 101 49.83 -25.06 4.72
N PHE A 102 49.81 -26.24 4.12
CA PHE A 102 50.82 -26.60 3.14
C PHE A 102 50.34 -26.25 1.75
N ASP A 103 51.26 -25.82 0.90
CA ASP A 103 50.89 -25.32 -0.41
C ASP A 103 50.70 -26.45 -1.41
N ARG A 104 49.89 -26.17 -2.43
CA ARG A 104 49.58 -27.15 -3.47
C ARG A 104 49.30 -26.43 -4.78
N LEU A 105 49.11 -25.12 -4.72
CA LEU A 105 48.64 -24.38 -5.87
C LEU A 105 49.77 -23.95 -6.79
N TRP A 106 50.23 -24.89 -7.63
CA TRP A 106 51.17 -24.57 -8.68
C TRP A 106 50.42 -24.09 -9.92
N LYS A 107 49.12 -24.35 -9.93
CA LYS A 107 48.25 -23.87 -10.99
C LYS A 107 47.48 -22.64 -10.51
N LYS A 108 47.28 -21.70 -11.41
CA LYS A 108 46.55 -20.50 -11.09
C LYS A 108 45.18 -20.49 -11.77
N MET A 1 -11.19 -7.68 -29.10
CA MET A 1 -10.80 -6.88 -30.28
C MET A 1 -9.49 -6.14 -30.03
N THR A 2 -9.50 -5.19 -29.09
CA THR A 2 -8.33 -4.37 -28.84
C THR A 2 -7.34 -5.08 -27.90
N LYS A 3 -6.13 -4.54 -27.82
CA LYS A 3 -5.07 -5.10 -26.99
C LYS A 3 -4.56 -4.02 -26.04
N ASN A 4 -3.50 -4.33 -25.30
CA ASN A 4 -2.85 -3.32 -24.47
C ASN A 4 -1.93 -2.47 -25.32
N THR A 5 -2.36 -1.26 -25.63
CA THR A 5 -1.67 -0.41 -26.57
C THR A 5 -0.44 0.25 -25.94
N ARG A 6 0.70 -0.44 -26.07
CA ARG A 6 2.00 0.04 -25.61
C ARG A 6 2.06 0.15 -24.08
N PHE A 7 0.99 -0.24 -23.42
CA PHE A 7 0.92 -0.20 -21.97
C PHE A 7 1.01 -1.62 -21.41
N SER A 8 2.20 -1.96 -20.93
CA SER A 8 2.41 -3.26 -20.31
C SER A 8 2.20 -3.15 -18.81
N PRO A 9 1.69 -4.23 -18.19
CA PRO A 9 1.35 -4.23 -16.76
C PRO A 9 2.52 -3.85 -15.84
N GLU A 10 3.72 -4.33 -16.14
CA GLU A 10 4.86 -4.12 -15.26
C GLU A 10 5.39 -2.69 -15.35
N VAL A 11 4.98 -1.97 -16.40
CA VAL A 11 5.36 -0.57 -16.57
C VAL A 11 4.87 0.24 -15.36
N ARG A 12 3.72 -0.15 -14.84
CA ARG A 12 3.15 0.50 -13.67
C ARG A 12 4.09 0.37 -12.47
N GLN A 13 4.54 -0.86 -12.22
CA GLN A 13 5.47 -1.13 -11.12
C GLN A 13 6.76 -0.36 -11.32
N ARG A 14 7.24 -0.34 -12.56
CA ARG A 14 8.48 0.34 -12.89
C ARG A 14 8.36 1.83 -12.55
N ALA A 15 7.22 2.41 -12.89
CA ALA A 15 6.95 3.81 -12.60
C ALA A 15 6.98 4.08 -11.10
N VAL A 16 6.37 3.18 -10.34
CA VAL A 16 6.35 3.29 -8.88
C VAL A 16 7.76 3.23 -8.31
N ARG A 17 8.57 2.31 -8.82
CA ARG A 17 9.94 2.15 -8.35
C ARG A 17 10.75 3.41 -8.64
N MET A 18 10.50 4.03 -9.79
CA MET A 18 11.17 5.28 -10.15
C MET A 18 10.94 6.34 -9.08
N VAL A 19 9.69 6.47 -8.66
CA VAL A 19 9.35 7.42 -7.60
C VAL A 19 10.04 7.05 -6.30
N LEU A 20 9.93 5.78 -5.92
CA LEU A 20 10.50 5.29 -4.66
C LEU A 20 12.01 5.50 -4.60
N GLU A 21 12.70 5.17 -5.68
CA GLU A 21 14.16 5.26 -5.71
C GLU A 21 14.62 6.71 -5.54
N SER A 22 13.92 7.63 -6.19
CA SER A 22 14.26 9.04 -6.09
C SER A 22 13.75 9.62 -4.76
N GLN A 23 12.69 9.03 -4.22
CA GLN A 23 12.11 9.49 -2.96
C GLN A 23 13.11 9.32 -1.82
N GLY A 24 13.83 8.21 -1.84
CA GLY A 24 14.84 7.95 -0.83
C GLY A 24 16.12 8.70 -1.13
N GLU A 25 16.17 9.33 -2.30
CA GLU A 25 17.33 10.09 -2.71
C GLU A 25 17.15 11.55 -2.32
N TYR A 26 15.95 12.06 -2.54
CA TYR A 26 15.61 13.43 -2.14
C TYR A 26 15.01 13.44 -0.75
N ASP A 27 14.69 14.62 -0.25
CA ASP A 27 14.06 14.73 1.06
C ASP A 27 12.56 14.89 0.91
N SER A 28 12.16 15.75 -0.01
CA SER A 28 10.76 16.07 -0.19
C SER A 28 10.07 15.04 -1.09
N GLN A 29 9.05 14.38 -0.56
CA GLN A 29 8.29 13.39 -1.32
C GLN A 29 7.51 14.04 -2.45
N TRP A 30 6.84 15.15 -2.14
CA TRP A 30 6.03 15.88 -3.11
C TRP A 30 6.90 16.30 -4.30
N ALA A 31 8.04 16.92 -4.00
CA ALA A 31 8.99 17.32 -5.03
C ALA A 31 9.39 16.14 -5.90
N THR A 32 9.65 15.00 -5.26
CA THR A 32 10.00 13.78 -5.97
C THR A 32 8.88 13.38 -6.92
N ILE A 33 7.67 13.29 -6.39
CA ILE A 33 6.49 12.93 -7.17
C ILE A 33 6.33 13.85 -8.38
N CYS A 34 6.49 15.14 -8.16
CA CYS A 34 6.31 16.14 -9.20
C CYS A 34 7.45 16.12 -10.22
N SER A 35 8.57 15.50 -9.84
CA SER A 35 9.73 15.46 -10.74
C SER A 35 9.77 14.17 -11.54
N ILE A 36 9.09 13.14 -11.06
CA ILE A 36 9.00 11.87 -11.77
C ILE A 36 7.85 11.92 -12.79
N ALA A 37 6.84 12.73 -12.46
CA ALA A 37 5.66 12.88 -13.31
C ALA A 37 6.02 13.21 -14.77
N PRO A 38 6.86 14.24 -15.03
CA PRO A 38 7.21 14.64 -16.41
C PRO A 38 8.11 13.61 -17.09
N LYS A 39 8.80 12.80 -16.29
CA LYS A 39 9.68 11.77 -16.83
C LYS A 39 8.87 10.61 -17.39
N ILE A 40 7.74 10.34 -16.74
CA ILE A 40 6.85 9.28 -17.20
C ILE A 40 5.87 9.83 -18.24
N GLY A 41 5.34 11.01 -17.97
CA GLY A 41 4.38 11.61 -18.86
C GLY A 41 2.98 11.56 -18.29
N CYS A 42 2.85 11.96 -17.04
CA CYS A 42 1.57 11.94 -16.36
C CYS A 42 1.54 13.01 -15.28
N THR A 43 0.36 13.23 -14.70
CA THR A 43 0.19 14.20 -13.65
C THR A 43 0.72 13.66 -12.32
N PRO A 44 1.24 14.53 -11.45
CA PRO A 44 1.72 14.13 -10.13
C PRO A 44 0.64 13.45 -9.30
N GLU A 45 -0.62 13.75 -9.62
CA GLU A 45 -1.77 13.11 -9.01
C GLU A 45 -1.74 11.62 -9.27
N THR A 46 -1.32 11.24 -10.47
CA THR A 46 -1.28 9.84 -10.88
C THR A 46 -0.24 9.08 -10.07
N LEU A 47 0.90 9.73 -9.79
CA LEU A 47 1.95 9.10 -9.00
C LEU A 47 1.46 8.80 -7.59
N ARG A 48 0.66 9.71 -7.05
CA ARG A 48 0.07 9.50 -5.73
C ARG A 48 -0.73 8.21 -5.72
N VAL A 49 -1.53 8.03 -6.76
CA VAL A 49 -2.38 6.85 -6.89
C VAL A 49 -1.55 5.58 -7.05
N TRP A 50 -0.51 5.65 -7.89
CA TRP A 50 0.34 4.49 -8.13
C TRP A 50 1.04 4.01 -6.86
N VAL A 51 1.60 4.95 -6.12
CA VAL A 51 2.27 4.63 -4.86
C VAL A 51 1.25 4.10 -3.86
N ARG A 52 0.10 4.78 -3.79
CA ARG A 52 -0.97 4.38 -2.88
C ARG A 52 -1.43 2.96 -3.16
N GLN A 53 -1.74 2.71 -4.43
CA GLN A 53 -2.24 1.41 -4.87
C GLN A 53 -1.20 0.33 -4.64
N HIS A 54 0.06 0.65 -4.87
CA HIS A 54 1.14 -0.31 -4.65
C HIS A 54 1.24 -0.70 -3.18
N GLU A 55 1.02 0.26 -2.30
CA GLU A 55 1.10 0.01 -0.86
C GLU A 55 -0.10 -0.80 -0.36
N ARG A 56 -1.19 -0.77 -1.12
CA ARG A 56 -2.34 -1.63 -0.82
C ARG A 56 -2.15 -3.00 -1.47
N ASP A 57 -1.53 -2.98 -2.64
CA ASP A 57 -1.30 -4.18 -3.43
C ASP A 57 -0.22 -5.06 -2.80
N THR A 58 0.95 -4.50 -2.60
CA THR A 58 2.08 -5.23 -2.05
C THR A 58 2.30 -4.84 -0.58
N GLY A 59 1.22 -4.42 0.08
CA GLY A 59 1.31 -4.02 1.46
C GLY A 59 0.81 -5.10 2.40
N GLY A 60 1.72 -5.95 2.84
CA GLY A 60 1.35 -7.01 3.75
C GLY A 60 1.99 -6.82 5.11
N ASP A 61 1.19 -6.44 6.10
CA ASP A 61 1.69 -6.22 7.44
C ASP A 61 1.49 -7.46 8.28
N ASP A 62 2.51 -7.82 9.06
CA ASP A 62 2.42 -8.96 9.97
C ASP A 62 3.52 -8.88 11.01
N GLY A 63 3.15 -8.51 12.23
CA GLY A 63 4.12 -8.41 13.30
C GLY A 63 3.49 -8.57 14.66
N GLY A 64 4.31 -8.60 15.68
CA GLY A 64 3.80 -8.72 17.04
C GLY A 64 3.47 -7.37 17.62
N LEU A 65 4.51 -6.58 17.86
CA LEU A 65 4.38 -5.25 18.45
C LEU A 65 3.60 -5.33 19.77
N THR A 66 3.85 -6.40 20.52
CA THR A 66 3.15 -6.62 21.78
C THR A 66 3.76 -5.78 22.89
N THR A 67 3.60 -4.48 22.75
CA THR A 67 4.07 -3.53 23.75
C THR A 67 2.93 -2.57 24.10
N ALA A 68 2.25 -2.85 25.20
CA ALA A 68 1.14 -2.02 25.61
C ALA A 68 1.57 -1.07 26.71
N GLU A 69 0.71 -0.12 27.02
CA GLU A 69 0.98 0.82 28.08
C GLU A 69 0.84 0.12 29.43
N ARG A 70 1.96 -0.05 30.13
CA ARG A 70 1.96 -0.72 31.42
C ARG A 70 1.04 0.01 32.39
N GLN A 71 1.26 1.32 32.54
CA GLN A 71 0.47 2.21 33.38
C GLN A 71 1.32 3.43 33.71
N ARG A 72 2.02 3.33 34.83
CA ARG A 72 2.97 4.35 35.28
C ARG A 72 3.55 3.93 36.63
N LEU A 73 4.77 3.42 36.60
CA LEU A 73 5.38 2.85 37.80
C LEU A 73 6.14 3.92 38.57
N LYS A 74 5.48 4.47 39.58
CA LYS A 74 6.10 5.48 40.42
C LYS A 74 5.61 5.32 41.85
N GLU A 75 4.30 5.14 42.00
CA GLU A 75 3.71 4.89 43.31
C GLU A 75 4.21 3.55 43.84
N PRO A 76 4.66 3.53 45.11
CA PRO A 76 5.27 2.33 45.71
C PRO A 76 4.34 1.11 45.72
N GLU A 77 3.23 1.22 46.46
CA GLU A 77 2.29 0.11 46.62
C GLU A 77 3.01 -1.08 47.26
N ARG A 78 3.81 -0.77 48.28
CA ARG A 78 4.66 -1.78 48.91
C ARG A 78 4.33 -1.95 50.39
N GLU A 79 3.89 -0.88 51.03
CA GLU A 79 3.56 -0.92 52.45
C GLU A 79 2.28 -1.72 52.67
N ASN A 80 2.32 -2.66 53.62
CA ASN A 80 1.20 -3.55 53.88
C ASN A 80 0.89 -4.36 52.62
N ARG A 81 1.93 -4.94 52.04
CA ARG A 81 1.80 -5.72 50.81
C ARG A 81 0.94 -6.95 51.06
N GLU A 82 1.20 -7.63 52.16
CA GLU A 82 0.37 -8.74 52.59
C GLU A 82 -0.70 -8.21 53.52
N LEU A 83 -1.85 -8.90 53.59
CA LEU A 83 -3.02 -8.40 54.29
C LEU A 83 -3.55 -7.16 53.54
N ARG A 84 -3.25 -7.13 52.25
CA ARG A 84 -3.64 -6.01 51.40
C ARG A 84 -5.15 -5.88 51.31
N ARG A 85 -5.64 -4.67 51.47
CA ARG A 85 -7.04 -4.37 51.26
C ARG A 85 -7.23 -3.94 49.81
N SER A 86 -8.06 -4.66 49.08
CA SER A 86 -8.24 -4.41 47.65
C SER A 86 -9.09 -3.16 47.42
N ASN A 87 -8.43 -2.10 46.96
CA ASN A 87 -9.11 -0.83 46.68
C ASN A 87 -8.76 -0.34 45.29
N ASP A 88 -9.35 0.78 44.91
CA ASP A 88 -9.14 1.37 43.59
C ASP A 88 -7.88 2.25 43.57
N ILE A 89 -6.86 1.83 44.32
CA ILE A 89 -5.58 2.54 44.40
C ILE A 89 -5.73 3.84 45.20
N LEU A 90 -4.64 4.26 45.85
CA LEU A 90 -4.65 5.53 46.58
C LEU A 90 -4.93 6.68 45.62
N ARG A 91 -6.02 7.38 45.88
CA ARG A 91 -6.44 8.48 45.03
C ARG A 91 -6.88 9.66 45.89
N LEU A 92 -6.48 10.86 45.49
CA LEU A 92 -6.90 12.07 46.19
C LEU A 92 -7.96 12.80 45.38
N ALA A 93 -7.51 13.55 44.37
CA ALA A 93 -8.41 14.30 43.50
C ALA A 93 -7.61 14.94 42.38
N SER A 94 -8.25 15.17 41.24
CA SER A 94 -7.61 15.84 40.13
C SER A 94 -8.12 17.28 40.04
N ALA A 95 -9.30 17.45 39.47
CA ALA A 95 -9.92 18.76 39.39
C ALA A 95 -10.87 18.96 40.57
N TYR A 96 -10.92 20.17 41.10
CA TYR A 96 -11.72 20.44 42.28
C TYR A 96 -13.14 20.88 41.91
N PHE A 97 -13.53 20.55 40.68
CA PHE A 97 -14.92 20.69 40.20
C PHE A 97 -15.33 22.15 39.97
N ALA A 98 -15.12 23.00 40.98
CA ALA A 98 -15.64 24.37 41.00
C ALA A 98 -17.14 24.37 41.26
N LYS A 99 -17.86 23.56 40.49
CA LYS A 99 -19.26 23.27 40.75
C LYS A 99 -19.45 21.76 40.80
N ALA A 100 -19.71 21.23 41.98
CA ALA A 100 -19.84 19.80 42.16
C ALA A 100 -21.26 19.43 42.53
N GLU A 101 -22.17 20.36 42.34
CA GLU A 101 -23.57 20.16 42.64
C GLU A 101 -24.17 19.12 41.70
N PHE A 102 -24.30 17.90 42.17
CA PHE A 102 -24.94 16.84 41.42
C PHE A 102 -26.42 17.17 41.23
N ASP A 103 -26.98 17.82 42.27
CA ASP A 103 -28.38 18.22 42.29
C ASP A 103 -29.30 17.01 42.15
N ARG A 104 -29.46 16.30 43.26
CA ARG A 104 -30.26 15.10 43.30
C ARG A 104 -31.12 15.10 44.56
N LEU A 105 -31.41 16.31 45.04
CA LEU A 105 -32.17 16.48 46.27
C LEU A 105 -33.67 16.37 46.00
N TRP A 106 -34.11 15.16 45.70
CA TRP A 106 -35.53 14.89 45.51
C TRP A 106 -36.17 14.51 46.84
N LYS A 107 -37.50 14.56 46.86
CA LYS A 107 -38.28 14.23 48.06
C LYS A 107 -38.11 15.29 49.14
N LYS A 108 -38.95 15.21 50.16
CA LYS A 108 -38.94 16.17 51.24
C LYS A 108 -38.80 15.44 52.57
N MET A 1 -13.68 -6.71 -26.33
CA MET A 1 -12.88 -7.11 -25.15
C MET A 1 -12.09 -5.91 -24.63
N THR A 2 -11.59 -6.00 -23.42
CA THR A 2 -10.75 -4.96 -22.87
C THR A 2 -9.27 -5.34 -23.02
N LYS A 3 -8.43 -4.37 -23.27
CA LYS A 3 -7.01 -4.61 -23.44
C LYS A 3 -6.22 -3.59 -22.63
N ASN A 4 -4.91 -3.80 -22.54
CA ASN A 4 -4.04 -2.91 -21.78
C ASN A 4 -4.03 -1.51 -22.36
N THR A 5 -3.63 -0.55 -21.55
CA THR A 5 -3.51 0.82 -21.99
C THR A 5 -2.08 1.06 -22.51
N ARG A 6 -1.78 2.27 -22.94
CA ARG A 6 -0.44 2.57 -23.43
C ARG A 6 0.47 2.97 -22.28
N PHE A 7 -0.10 3.05 -21.10
CA PHE A 7 0.69 3.07 -19.88
C PHE A 7 1.02 1.63 -19.52
N SER A 8 2.00 1.09 -20.24
CA SER A 8 2.32 -0.33 -20.17
C SER A 8 2.61 -0.78 -18.75
N PRO A 9 2.17 -2.02 -18.40
CA PRO A 9 2.33 -2.59 -17.06
C PRO A 9 3.76 -2.50 -16.55
N GLU A 10 4.72 -2.81 -17.41
CA GLU A 10 6.12 -2.74 -17.05
C GLU A 10 6.52 -1.32 -16.69
N VAL A 11 6.08 -0.36 -17.52
CA VAL A 11 6.36 1.05 -17.27
C VAL A 11 5.71 1.51 -15.97
N ARG A 12 4.46 1.10 -15.77
CA ARG A 12 3.72 1.45 -14.57
C ARG A 12 4.43 0.91 -13.33
N GLN A 13 4.84 -0.35 -13.39
CA GLN A 13 5.55 -0.98 -12.29
C GLN A 13 6.91 -0.32 -12.08
N ARG A 14 7.56 -0.01 -13.20
CA ARG A 14 8.86 0.65 -13.20
C ARG A 14 8.74 2.01 -12.51
N ALA A 15 7.68 2.73 -12.83
CA ALA A 15 7.42 4.04 -12.24
C ALA A 15 7.27 3.94 -10.73
N VAL A 16 6.48 2.97 -10.27
CA VAL A 16 6.25 2.77 -8.85
C VAL A 16 7.57 2.57 -8.11
N ARG A 17 8.42 1.70 -8.64
CA ARG A 17 9.72 1.47 -8.04
C ARG A 17 10.60 2.71 -8.16
N MET A 18 10.55 3.35 -9.32
CA MET A 18 11.34 4.56 -9.58
C MET A 18 11.04 5.63 -8.54
N VAL A 19 9.78 5.74 -8.16
CA VAL A 19 9.39 6.67 -7.12
C VAL A 19 10.06 6.32 -5.80
N LEU A 20 9.92 5.07 -5.37
CA LEU A 20 10.50 4.62 -4.10
C LEU A 20 12.02 4.74 -4.12
N GLU A 21 12.62 4.33 -5.23
CA GLU A 21 14.07 4.33 -5.39
C GLU A 21 14.62 5.74 -5.29
N SER A 22 13.88 6.71 -5.82
CA SER A 22 14.28 8.10 -5.77
C SER A 22 13.82 8.74 -4.45
N GLN A 23 12.80 8.16 -3.86
CA GLN A 23 12.22 8.67 -2.61
C GLN A 23 13.26 8.68 -1.50
N GLY A 24 14.05 7.61 -1.45
CA GLY A 24 15.12 7.54 -0.47
C GLY A 24 16.13 8.67 -0.63
N GLU A 25 16.34 9.08 -1.88
CA GLU A 25 17.30 10.14 -2.19
C GLU A 25 16.70 11.53 -2.00
N TYR A 26 15.45 11.68 -2.44
CA TYR A 26 14.77 12.97 -2.37
C TYR A 26 14.51 13.43 -0.94
N ASP A 27 14.23 14.71 -0.80
CA ASP A 27 13.92 15.32 0.49
C ASP A 27 12.53 14.96 0.97
N SER A 28 11.57 14.93 0.06
CA SER A 28 10.18 14.75 0.42
C SER A 28 9.44 13.90 -0.60
N GLN A 29 8.27 13.40 -0.17
CA GLN A 29 7.42 12.56 -1.01
C GLN A 29 6.99 13.31 -2.27
N TRP A 30 6.44 14.50 -2.10
CA TRP A 30 5.91 15.27 -3.21
C TRP A 30 7.01 15.64 -4.21
N ALA A 31 8.20 15.93 -3.69
CA ALA A 31 9.33 16.29 -4.52
C ALA A 31 9.71 15.14 -5.46
N THR A 32 9.37 13.93 -5.04
CA THR A 32 9.66 12.74 -5.83
C THR A 32 8.61 12.56 -6.92
N ILE A 33 7.35 12.73 -6.54
CA ILE A 33 6.23 12.50 -7.45
C ILE A 33 6.20 13.53 -8.59
N CYS A 34 6.35 14.80 -8.24
CA CYS A 34 6.17 15.88 -9.21
C CYS A 34 7.30 15.92 -10.26
N SER A 35 8.42 15.28 -9.97
CA SER A 35 9.55 15.30 -10.89
C SER A 35 9.53 14.09 -11.84
N ILE A 36 9.04 12.96 -11.33
CA ILE A 36 9.01 11.72 -12.11
C ILE A 36 7.79 11.67 -13.03
N ALA A 37 6.67 12.19 -12.55
CA ALA A 37 5.40 12.12 -13.27
C ALA A 37 5.50 12.64 -14.72
N PRO A 38 6.00 13.88 -14.96
CA PRO A 38 6.10 14.43 -16.31
C PRO A 38 7.06 13.62 -17.19
N LYS A 39 7.96 12.90 -16.55
CA LYS A 39 8.94 12.09 -17.27
C LYS A 39 8.29 10.79 -17.75
N ILE A 40 7.19 10.43 -17.11
CA ILE A 40 6.41 9.26 -17.51
C ILE A 40 5.50 9.62 -18.67
N GLY A 41 4.92 10.81 -18.58
CA GLY A 41 4.03 11.29 -19.62
C GLY A 41 2.66 11.64 -19.07
N CYS A 42 2.42 11.27 -17.83
CA CYS A 42 1.15 11.54 -17.19
C CYS A 42 1.29 12.67 -16.17
N THR A 43 0.21 12.98 -15.47
CA THR A 43 0.24 14.00 -14.45
C THR A 43 0.57 13.40 -13.08
N PRO A 44 0.99 14.23 -12.10
CA PRO A 44 1.32 13.77 -10.75
C PRO A 44 0.16 13.02 -10.10
N GLU A 45 -1.06 13.43 -10.43
CA GLU A 45 -2.28 12.80 -9.92
C GLU A 45 -2.22 11.28 -10.09
N THR A 46 -1.93 10.85 -11.30
CA THR A 46 -1.88 9.42 -11.62
C THR A 46 -0.81 8.71 -10.79
N LEU A 47 0.35 9.34 -10.66
CA LEU A 47 1.47 8.74 -9.96
C LEU A 47 1.18 8.64 -8.46
N ARG A 48 0.50 9.65 -7.92
CA ARG A 48 0.11 9.64 -6.50
C ARG A 48 -0.69 8.39 -6.18
N VAL A 49 -1.59 8.02 -7.09
CA VAL A 49 -2.43 6.85 -6.91
C VAL A 49 -1.59 5.57 -6.92
N TRP A 50 -0.72 5.46 -7.92
CA TRP A 50 0.13 4.28 -8.09
C TRP A 50 0.96 4.02 -6.84
N VAL A 51 1.61 5.07 -6.33
CA VAL A 51 2.46 4.96 -5.15
C VAL A 51 1.64 4.53 -3.93
N ARG A 52 0.51 5.21 -3.73
CA ARG A 52 -0.34 4.94 -2.57
C ARG A 52 -0.91 3.53 -2.61
N GLN A 53 -1.26 3.08 -3.80
CA GLN A 53 -1.79 1.73 -3.99
C GLN A 53 -0.78 0.70 -3.50
N HIS A 54 0.46 0.82 -3.96
CA HIS A 54 1.51 -0.12 -3.59
C HIS A 54 1.84 0.01 -2.10
N GLU A 55 1.73 1.23 -1.58
CA GLU A 55 2.00 1.49 -0.18
C GLU A 55 0.91 0.87 0.72
N ARG A 56 -0.32 0.86 0.22
CA ARG A 56 -1.44 0.33 0.98
C ARG A 56 -1.49 -1.19 0.89
N ASP A 57 -0.97 -1.73 -0.21
CA ASP A 57 -0.97 -3.18 -0.44
C ASP A 57 0.25 -3.85 0.17
N THR A 58 1.43 -3.37 -0.19
CA THR A 58 2.68 -3.99 0.22
C THR A 58 3.08 -3.53 1.62
N GLY A 59 2.77 -4.35 2.61
CA GLY A 59 3.15 -4.06 3.97
C GLY A 59 2.11 -4.51 4.97
N GLY A 60 1.17 -3.62 5.27
CA GLY A 60 0.17 -3.92 6.29
C GLY A 60 0.52 -3.28 7.61
N ASP A 61 1.40 -3.93 8.36
CA ASP A 61 1.89 -3.39 9.62
C ASP A 61 3.34 -3.75 9.81
N ASP A 62 4.23 -2.82 9.49
CA ASP A 62 5.66 -3.07 9.49
C ASP A 62 6.32 -2.53 10.76
N GLY A 63 5.51 -2.15 11.74
CA GLY A 63 6.04 -1.64 12.98
C GLY A 63 6.18 -2.72 14.02
N GLY A 64 7.22 -2.64 14.83
CA GLY A 64 7.44 -3.62 15.86
C GLY A 64 8.61 -3.27 16.75
N LEU A 65 9.77 -3.85 16.47
CA LEU A 65 10.97 -3.56 17.23
C LEU A 65 11.89 -2.63 16.44
N THR A 66 12.08 -1.44 16.98
CA THR A 66 12.93 -0.44 16.34
C THR A 66 14.39 -0.74 16.62
N THR A 67 14.73 -0.87 17.92
CA THR A 67 16.08 -1.22 18.35
C THR A 67 17.14 -0.21 17.86
N ALA A 68 16.68 0.97 17.48
CA ALA A 68 17.57 1.99 16.94
C ALA A 68 18.11 2.87 18.05
N GLU A 69 19.31 2.56 18.51
CA GLU A 69 19.98 3.37 19.53
C GLU A 69 21.43 2.96 19.69
N ARG A 70 21.66 1.82 20.33
CA ARG A 70 23.01 1.42 20.68
C ARG A 70 23.55 0.36 19.72
N GLN A 71 22.79 -0.72 19.55
CA GLN A 71 23.23 -1.79 18.67
C GLN A 71 22.17 -2.15 17.65
N ARG A 72 22.33 -1.67 16.43
CA ARG A 72 21.44 -2.03 15.33
C ARG A 72 22.06 -3.16 14.52
N LEU A 73 23.36 -3.08 14.32
CA LEU A 73 24.08 -4.10 13.56
C LEU A 73 24.50 -5.23 14.51
N LYS A 74 23.77 -6.33 14.45
CA LYS A 74 24.07 -7.48 15.27
C LYS A 74 24.73 -8.57 14.44
N GLU A 75 26.02 -8.78 14.64
CA GLU A 75 26.75 -9.81 13.92
C GLU A 75 27.92 -10.33 14.75
N PRO A 76 27.70 -11.41 15.51
CA PRO A 76 28.73 -12.06 16.30
C PRO A 76 29.66 -12.88 15.42
N GLU A 77 30.87 -13.14 15.90
CA GLU A 77 31.82 -13.96 15.17
C GLU A 77 31.77 -15.39 15.68
N ARG A 78 32.41 -15.61 16.82
CA ARG A 78 32.41 -16.91 17.48
C ARG A 78 32.33 -16.69 18.99
N GLU A 79 32.04 -15.43 19.35
CA GLU A 79 32.10 -14.98 20.74
C GLU A 79 33.42 -15.35 21.37
N ASN A 80 34.42 -14.54 21.07
CA ASN A 80 35.80 -14.88 21.35
C ASN A 80 36.20 -14.45 22.75
N ARG A 81 35.32 -13.70 23.42
CA ARG A 81 35.60 -13.24 24.78
C ARG A 81 34.88 -14.11 25.79
N GLU A 82 35.63 -14.92 26.51
CA GLU A 82 35.07 -15.76 27.56
C GLU A 82 35.09 -15.02 28.88
N LEU A 83 34.37 -15.56 29.87
CA LEU A 83 34.27 -14.97 31.21
C LEU A 83 33.46 -13.67 31.18
N ARG A 84 33.97 -12.68 30.48
CA ARG A 84 33.30 -11.40 30.36
C ARG A 84 33.30 -10.95 28.90
N ARG A 85 32.12 -10.56 28.41
CA ARG A 85 31.97 -10.13 27.02
C ARG A 85 32.59 -8.74 26.81
N SER A 86 32.45 -8.21 25.60
CA SER A 86 33.08 -6.95 25.21
C SER A 86 32.67 -5.81 26.13
N ASN A 87 33.62 -4.95 26.45
CA ASN A 87 33.39 -3.81 27.32
C ASN A 87 33.03 -2.57 26.51
N ASP A 88 32.87 -1.45 27.18
CA ASP A 88 32.49 -0.21 26.53
C ASP A 88 33.61 0.82 26.60
N ILE A 89 34.21 0.92 27.79
CA ILE A 89 35.28 1.88 28.02
C ILE A 89 36.45 1.21 28.74
N LEU A 90 37.67 1.52 28.32
CA LEU A 90 38.86 0.91 28.91
C LEU A 90 39.96 1.95 29.13
N ARG A 91 39.87 3.07 28.43
CA ARG A 91 40.85 4.14 28.56
C ARG A 91 40.42 5.11 29.66
N LEU A 92 39.17 5.56 29.58
CA LEU A 92 38.60 6.46 30.56
C LEU A 92 37.97 5.65 31.69
N ALA A 93 37.19 6.31 32.56
CA ALA A 93 36.53 5.65 33.68
C ALA A 93 37.56 5.08 34.66
N SER A 94 38.68 5.78 34.77
CA SER A 94 39.75 5.35 35.66
C SER A 94 39.71 6.18 36.94
N ALA A 95 38.68 6.99 37.07
CA ALA A 95 38.50 7.83 38.25
C ALA A 95 37.67 7.10 39.29
N TYR A 96 37.84 7.50 40.54
CA TYR A 96 37.04 6.95 41.62
C TYR A 96 35.98 7.95 42.05
N PHE A 97 34.75 7.46 42.18
CA PHE A 97 33.64 8.31 42.57
C PHE A 97 33.40 8.22 44.07
N ALA A 98 32.94 7.07 44.52
CA ALA A 98 32.69 6.84 45.93
C ALA A 98 33.08 5.41 46.31
N LYS A 99 33.81 5.28 47.41
CA LYS A 99 34.22 3.98 47.92
C LYS A 99 33.00 3.16 48.33
N ALA A 100 32.01 3.86 48.89
CA ALA A 100 30.81 3.26 49.47
C ALA A 100 31.15 2.60 50.81
N GLU A 101 30.28 2.80 51.79
CA GLU A 101 30.51 2.27 53.11
C GLU A 101 30.05 0.83 53.20
N PHE A 102 31.00 -0.08 53.07
CA PHE A 102 30.72 -1.50 53.20
C PHE A 102 30.84 -1.88 54.67
N ASP A 103 30.32 -3.07 55.00
CA ASP A 103 30.35 -3.60 56.37
C ASP A 103 29.40 -2.78 57.25
N ARG A 104 28.22 -2.50 56.70
CA ARG A 104 27.17 -1.73 57.39
C ARG A 104 27.51 -0.24 57.44
N LEU A 105 26.52 0.57 57.76
CA LEU A 105 26.69 2.00 57.88
C LEU A 105 26.96 2.39 59.32
N TRP A 106 28.22 2.71 59.59
CA TRP A 106 28.63 3.12 60.93
C TRP A 106 28.35 4.61 61.17
N LYS A 107 27.23 5.08 60.64
CA LYS A 107 26.80 6.48 60.75
C LYS A 107 27.76 7.42 60.02
N LYS A 108 27.34 7.87 58.85
CA LYS A 108 28.15 8.76 58.04
C LYS A 108 27.28 9.88 57.51
N MET A 1 -9.11 1.14 -25.69
CA MET A 1 -10.51 0.67 -25.58
C MET A 1 -10.63 -0.78 -26.05
N THR A 2 -10.42 -1.02 -27.34
CA THR A 2 -10.48 -2.38 -27.87
C THR A 2 -9.09 -2.98 -27.99
N LYS A 3 -8.06 -2.13 -28.08
CA LYS A 3 -6.69 -2.62 -28.01
C LYS A 3 -6.41 -3.07 -26.60
N ASN A 4 -6.50 -2.12 -25.69
CA ASN A 4 -6.39 -2.38 -24.26
C ASN A 4 -7.41 -1.54 -23.52
N THR A 5 -7.87 -2.02 -22.39
CA THR A 5 -8.78 -1.26 -21.55
C THR A 5 -8.04 -0.77 -20.32
N ARG A 6 -7.12 -1.59 -19.85
CA ARG A 6 -6.32 -1.30 -18.68
C ARG A 6 -4.84 -1.25 -19.09
N PHE A 7 -4.15 -0.19 -18.70
CA PHE A 7 -2.77 0.02 -19.13
C PHE A 7 -1.80 -0.90 -18.40
N SER A 8 -0.56 -0.93 -18.88
CA SER A 8 0.44 -1.90 -18.45
C SER A 8 0.85 -1.67 -16.99
N PRO A 9 0.67 -2.70 -16.13
CA PRO A 9 1.01 -2.63 -14.71
C PRO A 9 2.52 -2.57 -14.45
N GLU A 10 3.32 -3.15 -15.33
CA GLU A 10 4.77 -3.16 -15.15
C GLU A 10 5.32 -1.74 -15.24
N VAL A 11 4.71 -0.95 -16.12
CA VAL A 11 5.07 0.45 -16.25
C VAL A 11 4.84 1.19 -14.94
N ARG A 12 3.76 0.83 -14.24
CA ARG A 12 3.45 1.42 -12.95
C ARG A 12 4.46 0.97 -11.91
N GLN A 13 4.85 -0.30 -11.96
CA GLN A 13 5.85 -0.83 -11.05
C GLN A 13 7.16 -0.07 -11.22
N ARG A 14 7.54 0.20 -12.47
CA ARG A 14 8.72 1.00 -12.76
C ARG A 14 8.60 2.37 -12.10
N ALA A 15 7.46 3.02 -12.32
CA ALA A 15 7.21 4.33 -11.76
C ALA A 15 7.37 4.35 -10.25
N VAL A 16 6.67 3.45 -9.58
CA VAL A 16 6.72 3.37 -8.11
C VAL A 16 8.13 3.13 -7.61
N ARG A 17 8.81 2.13 -8.20
CA ARG A 17 10.16 1.79 -7.78
C ARG A 17 11.14 2.93 -8.07
N MET A 18 10.92 3.62 -9.18
CA MET A 18 11.76 4.76 -9.56
C MET A 18 11.55 5.92 -8.59
N VAL A 19 10.34 6.05 -8.05
CA VAL A 19 10.05 7.02 -7.02
C VAL A 19 10.80 6.64 -5.74
N LEU A 20 10.77 5.37 -5.40
CA LEU A 20 11.48 4.86 -4.22
C LEU A 20 12.98 5.08 -4.35
N GLU A 21 13.50 4.78 -5.54
CA GLU A 21 14.92 4.93 -5.84
C GLU A 21 15.39 6.36 -5.57
N SER A 22 14.60 7.32 -6.01
CA SER A 22 14.96 8.73 -5.87
C SER A 22 14.56 9.27 -4.49
N GLN A 23 13.54 8.67 -3.89
CA GLN A 23 13.08 9.08 -2.56
C GLN A 23 14.16 8.85 -1.52
N GLY A 24 15.01 7.86 -1.77
CA GLY A 24 16.12 7.58 -0.87
C GLY A 24 17.26 8.57 -1.05
N GLU A 25 17.05 9.54 -1.95
CA GLU A 25 18.04 10.58 -2.23
C GLU A 25 17.46 11.95 -1.92
N TYR A 26 16.15 12.08 -2.11
CA TYR A 26 15.46 13.34 -1.89
C TYR A 26 15.02 13.49 -0.43
N ASP A 27 14.23 14.51 -0.18
CA ASP A 27 13.67 14.75 1.14
C ASP A 27 12.16 14.57 1.13
N SER A 28 11.49 15.34 0.28
CA SER A 28 10.04 15.33 0.22
C SER A 28 9.55 14.38 -0.86
N GLN A 29 8.53 13.60 -0.52
CA GLN A 29 7.96 12.61 -1.43
C GLN A 29 7.27 13.28 -2.62
N TRP A 30 6.67 14.45 -2.38
CA TRP A 30 6.02 15.18 -3.44
C TRP A 30 7.02 15.79 -4.41
N ALA A 31 8.24 15.98 -3.95
CA ALA A 31 9.30 16.51 -4.78
C ALA A 31 9.66 15.53 -5.88
N THR A 32 9.56 14.24 -5.58
CA THR A 32 9.83 13.20 -6.56
C THR A 32 8.60 12.95 -7.43
N ILE A 33 7.43 12.88 -6.80
CA ILE A 33 6.18 12.63 -7.52
C ILE A 33 5.94 13.68 -8.61
N CYS A 34 6.04 14.95 -8.25
CA CYS A 34 5.75 16.03 -9.18
C CYS A 34 6.84 16.19 -10.24
N SER A 35 7.98 15.54 -10.03
CA SER A 35 9.08 15.62 -10.99
C SER A 35 9.08 14.40 -11.92
N ILE A 36 8.86 13.23 -11.35
CA ILE A 36 8.95 11.98 -12.10
C ILE A 36 7.76 11.79 -13.04
N ALA A 37 6.57 12.18 -12.59
CA ALA A 37 5.35 11.99 -13.39
C ALA A 37 5.44 12.65 -14.77
N PRO A 38 5.79 13.96 -14.86
CA PRO A 38 5.92 14.64 -16.16
C PRO A 38 7.10 14.11 -16.96
N LYS A 39 8.05 13.48 -16.28
CA LYS A 39 9.21 12.89 -16.92
C LYS A 39 8.81 11.59 -17.62
N ILE A 40 7.88 10.87 -17.00
CA ILE A 40 7.33 9.64 -17.59
C ILE A 40 6.36 9.99 -18.71
N GLY A 41 5.40 10.84 -18.39
CA GLY A 41 4.42 11.25 -19.38
C GLY A 41 3.02 11.27 -18.82
N CYS A 42 2.87 11.80 -17.60
CA CYS A 42 1.58 11.93 -16.97
C CYS A 42 1.61 13.08 -15.97
N THR A 43 0.45 13.42 -15.42
CA THR A 43 0.39 14.46 -14.41
C THR A 43 0.62 13.86 -13.03
N PRO A 44 1.19 14.65 -12.09
CA PRO A 44 1.64 14.17 -10.77
C PRO A 44 0.59 13.35 -9.99
N GLU A 45 -0.68 13.72 -10.11
CA GLU A 45 -1.71 13.06 -9.31
C GLU A 45 -1.91 11.61 -9.76
N THR A 46 -1.64 11.34 -11.04
CA THR A 46 -1.77 10.00 -11.58
C THR A 46 -0.68 9.09 -11.01
N LEU A 47 0.51 9.66 -10.82
CA LEU A 47 1.61 8.92 -10.23
C LEU A 47 1.29 8.52 -8.80
N ARG A 48 0.59 9.41 -8.09
CA ARG A 48 0.15 9.13 -6.73
C ARG A 48 -0.78 7.91 -6.71
N VAL A 49 -1.66 7.83 -7.71
CA VAL A 49 -2.59 6.70 -7.83
C VAL A 49 -1.81 5.39 -7.96
N TRP A 50 -0.73 5.42 -8.74
CA TRP A 50 0.09 4.23 -8.94
C TRP A 50 0.79 3.82 -7.64
N VAL A 51 1.31 4.80 -6.92
CA VAL A 51 1.93 4.54 -5.62
C VAL A 51 0.90 3.97 -4.65
N ARG A 52 -0.29 4.58 -4.66
CA ARG A 52 -1.41 4.13 -3.84
C ARG A 52 -1.73 2.66 -4.08
N GLN A 53 -1.64 2.24 -5.34
CA GLN A 53 -1.87 0.85 -5.70
C GLN A 53 -0.86 -0.06 -5.02
N HIS A 54 0.41 0.32 -5.08
CA HIS A 54 1.48 -0.49 -4.52
C HIS A 54 1.40 -0.51 -2.99
N GLU A 55 0.85 0.54 -2.41
CA GLU A 55 0.62 0.58 -0.97
C GLU A 55 -0.44 -0.44 -0.58
N ARG A 56 -1.44 -0.60 -1.45
CA ARG A 56 -2.49 -1.60 -1.22
C ARG A 56 -1.89 -2.99 -1.14
N ASP A 57 -0.94 -3.27 -2.04
CA ASP A 57 -0.22 -4.55 -2.02
C ASP A 57 0.50 -4.75 -0.69
N THR A 58 0.97 -3.65 -0.12
CA THR A 58 1.75 -3.70 1.11
C THR A 58 0.85 -3.92 2.33
N GLY A 59 -0.34 -3.34 2.31
CA GLY A 59 -1.24 -3.46 3.43
C GLY A 59 -2.14 -4.67 3.36
N GLY A 60 -2.51 -5.05 2.13
CA GLY A 60 -3.42 -6.17 1.93
C GLY A 60 -2.84 -7.50 2.36
N ASP A 61 -1.52 -7.63 2.29
CA ASP A 61 -0.84 -8.85 2.69
C ASP A 61 0.53 -8.52 3.27
N ASP A 62 1.03 -9.38 4.16
CA ASP A 62 2.32 -9.16 4.80
C ASP A 62 3.45 -9.10 3.78
N GLY A 63 3.30 -9.87 2.71
CA GLY A 63 4.30 -9.86 1.66
C GLY A 63 4.45 -11.19 0.97
N GLY A 64 5.11 -12.13 1.62
CA GLY A 64 5.35 -13.41 1.00
C GLY A 64 5.46 -14.55 2.00
N LEU A 65 4.77 -14.42 3.12
CA LEU A 65 4.75 -15.47 4.12
C LEU A 65 3.62 -16.43 3.83
N THR A 66 3.94 -17.72 3.73
CA THR A 66 2.95 -18.73 3.41
C THR A 66 3.34 -20.07 4.02
N THR A 67 2.42 -21.02 3.97
CA THR A 67 2.63 -22.33 4.55
C THR A 67 3.26 -23.28 3.54
N ALA A 68 4.54 -23.58 3.74
CA ALA A 68 5.25 -24.53 2.91
C ALA A 68 6.18 -25.38 3.75
N GLU A 69 7.28 -24.77 4.22
CA GLU A 69 8.31 -25.45 4.99
C GLU A 69 8.92 -26.60 4.21
N ARG A 70 10.13 -26.40 3.73
CA ARG A 70 10.78 -27.37 2.86
C ARG A 70 11.36 -28.52 3.67
N GLN A 71 10.48 -29.42 4.12
CA GLN A 71 10.86 -30.60 4.89
C GLN A 71 11.48 -30.24 6.24
N ARG A 72 10.66 -30.30 7.27
CA ARG A 72 11.11 -30.02 8.62
C ARG A 72 11.96 -31.19 9.15
N LEU A 73 11.60 -32.39 8.75
CA LEU A 73 12.40 -33.57 9.06
C LEU A 73 13.25 -33.96 7.86
N LYS A 74 14.09 -34.97 8.04
CA LYS A 74 14.99 -35.41 6.97
C LYS A 74 14.22 -36.12 5.87
N GLU A 75 13.55 -37.19 6.24
CA GLU A 75 12.80 -37.99 5.30
C GLU A 75 11.35 -37.54 5.22
N PRO A 76 10.86 -37.29 3.99
CA PRO A 76 9.44 -37.05 3.76
C PRO A 76 8.63 -38.27 4.15
N GLU A 77 9.22 -39.44 3.88
CA GLU A 77 8.66 -40.73 4.25
C GLU A 77 7.23 -40.87 3.74
N ARG A 78 7.08 -40.77 2.44
CA ARG A 78 5.78 -40.93 1.80
C ARG A 78 5.39 -42.39 1.73
N GLU A 79 5.03 -42.96 2.88
CA GLU A 79 4.71 -44.36 2.97
C GLU A 79 3.26 -44.60 2.54
N ASN A 80 3.04 -44.50 1.25
CA ASN A 80 1.77 -44.81 0.63
C ASN A 80 2.05 -45.23 -0.81
N ARG A 81 3.12 -46.00 -0.95
CA ARG A 81 3.58 -46.48 -2.25
C ARG A 81 2.51 -47.33 -2.91
N GLU A 82 1.84 -48.15 -2.11
CA GLU A 82 0.69 -48.89 -2.57
C GLU A 82 -0.51 -47.94 -2.60
N LEU A 83 -0.85 -47.45 -3.78
CA LEU A 83 -1.92 -46.48 -3.92
C LEU A 83 -3.28 -47.16 -3.73
N ARG A 84 -3.69 -47.25 -2.47
CA ARG A 84 -4.96 -47.87 -2.10
C ARG A 84 -5.96 -46.79 -1.68
N ARG A 85 -5.90 -45.66 -2.36
CA ARG A 85 -6.78 -44.55 -2.08
C ARG A 85 -8.02 -44.63 -2.96
N SER A 86 -9.09 -43.97 -2.56
CA SER A 86 -10.28 -43.88 -3.38
C SER A 86 -10.13 -42.76 -4.40
N ASN A 87 -9.74 -43.11 -5.61
CA ASN A 87 -9.51 -42.13 -6.67
C ASN A 87 -10.74 -42.00 -7.55
N ASP A 88 -11.46 -43.09 -7.72
CA ASP A 88 -12.64 -43.10 -8.57
C ASP A 88 -13.88 -43.43 -7.76
N ILE A 89 -14.91 -42.62 -7.90
CA ILE A 89 -16.13 -42.79 -7.10
C ILE A 89 -17.17 -43.62 -7.85
N LEU A 90 -17.31 -44.87 -7.44
CA LEU A 90 -18.30 -45.76 -8.04
C LEU A 90 -19.67 -45.49 -7.45
N ARG A 91 -20.36 -44.50 -8.01
CA ARG A 91 -21.69 -44.15 -7.55
C ARG A 91 -22.72 -45.11 -8.13
N LEU A 92 -22.84 -45.12 -9.45
CA LEU A 92 -23.69 -46.08 -10.13
C LEU A 92 -22.85 -47.27 -10.56
N ALA A 93 -21.63 -46.98 -11.02
CA ALA A 93 -20.67 -47.99 -11.42
C ALA A 93 -21.24 -48.90 -12.51
N SER A 94 -21.96 -48.31 -13.44
CA SER A 94 -22.56 -49.06 -14.53
C SER A 94 -21.48 -49.71 -15.39
N ALA A 95 -21.28 -51.00 -15.17
CA ALA A 95 -20.26 -51.75 -15.88
C ALA A 95 -20.82 -52.34 -17.17
N TYR A 96 -19.94 -52.54 -18.14
CA TYR A 96 -20.32 -53.15 -19.39
C TYR A 96 -20.29 -54.67 -19.24
N PHE A 97 -21.48 -55.27 -19.20
CA PHE A 97 -21.64 -56.69 -18.89
C PHE A 97 -21.26 -56.96 -17.44
N ALA A 98 -19.96 -57.05 -17.20
CA ALA A 98 -19.38 -57.33 -15.89
C ALA A 98 -17.89 -57.58 -16.06
N LYS A 99 -17.20 -57.93 -14.99
CA LYS A 99 -15.83 -58.37 -15.12
C LYS A 99 -15.81 -59.86 -15.38
N ALA A 100 -15.72 -60.21 -16.66
CA ALA A 100 -15.85 -61.59 -17.12
C ALA A 100 -14.83 -62.50 -16.47
N GLU A 101 -15.20 -63.77 -16.36
CA GLU A 101 -14.32 -64.76 -15.77
C GLU A 101 -13.34 -65.31 -16.79
N PHE A 102 -12.16 -65.67 -16.30
CA PHE A 102 -11.12 -66.24 -17.13
C PHE A 102 -10.50 -67.43 -16.41
N ASP A 103 -11.33 -68.42 -16.12
CA ASP A 103 -10.89 -69.59 -15.39
C ASP A 103 -10.60 -70.74 -16.36
N ARG A 104 -10.84 -70.49 -17.64
CA ARG A 104 -10.65 -71.50 -18.65
C ARG A 104 -9.23 -71.46 -19.20
N LEU A 105 -8.40 -72.34 -18.69
CA LEU A 105 -7.03 -72.45 -19.15
C LEU A 105 -6.67 -73.91 -19.32
N TRP A 106 -6.53 -74.32 -20.57
CA TRP A 106 -6.26 -75.72 -20.91
C TRP A 106 -5.43 -75.75 -22.19
N LYS A 107 -4.87 -76.91 -22.51
CA LYS A 107 -4.04 -77.07 -23.70
C LYS A 107 -4.86 -76.78 -24.96
N LYS A 108 -4.60 -75.61 -25.53
CA LYS A 108 -5.32 -75.16 -26.70
C LYS A 108 -4.43 -74.23 -27.53
N MET A 1 -14.40 7.02 -26.95
CA MET A 1 -13.79 7.22 -28.28
C MET A 1 -12.56 8.13 -28.19
N THR A 2 -11.40 7.53 -28.02
CA THR A 2 -10.15 8.26 -27.97
C THR A 2 -8.99 7.26 -27.91
N LYS A 3 -7.84 7.66 -28.41
CA LYS A 3 -6.68 6.77 -28.42
C LYS A 3 -5.87 6.93 -27.15
N ASN A 4 -6.12 6.06 -26.20
CA ASN A 4 -5.31 6.01 -24.98
C ASN A 4 -4.59 4.68 -24.92
N THR A 5 -3.27 4.75 -24.82
CA THR A 5 -2.43 3.56 -24.82
C THR A 5 -2.73 2.68 -23.62
N ARG A 6 -2.81 1.38 -23.85
CA ARG A 6 -2.99 0.43 -22.76
C ARG A 6 -1.71 0.36 -21.93
N PHE A 7 -1.83 0.75 -20.66
CA PHE A 7 -0.67 0.90 -19.80
C PHE A 7 -0.11 -0.45 -19.39
N SER A 8 1.14 -0.70 -19.77
CA SER A 8 1.84 -1.90 -19.38
C SER A 8 2.13 -1.87 -17.87
N PRO A 9 1.92 -3.01 -17.19
CA PRO A 9 2.19 -3.13 -15.75
C PRO A 9 3.62 -2.77 -15.39
N GLU A 10 4.54 -3.04 -16.31
CA GLU A 10 5.95 -2.72 -16.09
C GLU A 10 6.14 -1.21 -16.00
N VAL A 11 5.44 -0.48 -16.85
CA VAL A 11 5.53 0.99 -16.86
C VAL A 11 5.01 1.55 -15.54
N ARG A 12 3.89 0.99 -15.08
CA ARG A 12 3.28 1.37 -13.81
C ARG A 12 4.25 1.11 -12.66
N GLN A 13 4.88 -0.06 -12.70
CA GLN A 13 5.88 -0.42 -11.71
C GLN A 13 7.11 0.47 -11.81
N ARG A 14 7.55 0.77 -13.03
CA ARG A 14 8.68 1.66 -13.25
C ARG A 14 8.45 3.01 -12.59
N ALA A 15 7.23 3.52 -12.72
CA ALA A 15 6.86 4.79 -12.12
C ALA A 15 7.10 4.77 -10.61
N VAL A 16 6.50 3.79 -9.95
CA VAL A 16 6.66 3.64 -8.50
C VAL A 16 8.12 3.34 -8.14
N ARG A 17 8.76 2.51 -8.96
CA ARG A 17 10.15 2.12 -8.76
C ARG A 17 11.07 3.34 -8.77
N MET A 18 10.92 4.19 -9.77
CA MET A 18 11.74 5.40 -9.88
C MET A 18 11.51 6.30 -8.69
N VAL A 19 10.24 6.44 -8.29
CA VAL A 19 9.89 7.26 -7.14
C VAL A 19 10.55 6.72 -5.87
N LEU A 20 10.47 5.41 -5.67
CA LEU A 20 11.06 4.79 -4.48
C LEU A 20 12.58 4.98 -4.45
N GLU A 21 13.23 4.75 -5.58
CA GLU A 21 14.68 4.90 -5.67
C GLU A 21 15.08 6.36 -5.41
N SER A 22 14.31 7.29 -5.98
CA SER A 22 14.58 8.70 -5.80
C SER A 22 14.12 9.17 -4.41
N GLN A 23 13.31 8.34 -3.75
CA GLN A 23 12.86 8.63 -2.40
C GLN A 23 13.92 8.20 -1.41
N GLY A 24 14.85 7.38 -1.87
CA GLY A 24 16.05 7.12 -1.11
C GLY A 24 17.06 8.25 -1.29
N GLU A 25 16.72 9.16 -2.18
CA GLU A 25 17.54 10.33 -2.46
C GLU A 25 16.98 11.53 -1.72
N TYR A 26 15.69 11.78 -1.88
CA TYR A 26 15.03 12.92 -1.25
C TYR A 26 14.28 12.49 0.00
N ASP A 27 13.57 13.43 0.62
CA ASP A 27 12.78 13.15 1.80
C ASP A 27 11.30 13.38 1.53
N SER A 28 11.01 14.35 0.66
CA SER A 28 9.64 14.72 0.35
C SER A 28 9.09 13.85 -0.79
N GLN A 29 7.88 13.34 -0.59
CA GLN A 29 7.28 12.39 -1.52
C GLN A 29 6.89 13.06 -2.83
N TRP A 30 6.15 14.16 -2.75
CA TRP A 30 5.61 14.80 -3.94
C TRP A 30 6.73 15.43 -4.78
N ALA A 31 7.83 15.77 -4.12
CA ALA A 31 8.99 16.29 -4.81
C ALA A 31 9.50 15.29 -5.84
N THR A 32 9.37 14.01 -5.51
CA THR A 32 9.75 12.96 -6.43
C THR A 32 8.68 12.77 -7.49
N ILE A 33 7.42 12.86 -7.06
CA ILE A 33 6.27 12.66 -7.93
C ILE A 33 6.29 13.65 -9.11
N CYS A 34 6.48 14.92 -8.80
CA CYS A 34 6.42 15.98 -9.80
C CYS A 34 7.65 15.98 -10.72
N SER A 35 8.62 15.14 -10.40
CA SER A 35 9.82 15.03 -11.21
C SER A 35 9.73 13.83 -12.16
N ILE A 36 9.20 12.73 -11.67
CA ILE A 36 9.15 11.49 -12.44
C ILE A 36 7.94 11.45 -13.37
N ALA A 37 6.79 11.89 -12.87
CA ALA A 37 5.54 11.84 -13.62
C ALA A 37 5.65 12.50 -15.00
N PRO A 38 6.13 13.77 -15.08
CA PRO A 38 6.22 14.49 -16.36
C PRO A 38 7.26 13.87 -17.31
N LYS A 39 8.21 13.13 -16.75
CA LYS A 39 9.21 12.45 -17.57
C LYS A 39 8.59 11.26 -18.29
N ILE A 40 7.76 10.52 -17.57
CA ILE A 40 7.08 9.37 -18.14
C ILE A 40 5.97 9.83 -19.10
N GLY A 41 5.36 10.95 -18.78
CA GLY A 41 4.32 11.50 -19.63
C GLY A 41 2.95 11.44 -18.97
N CYS A 42 2.92 11.69 -17.67
CA CYS A 42 1.68 11.66 -16.91
C CYS A 42 1.66 12.80 -15.90
N THR A 43 0.52 13.04 -15.28
CA THR A 43 0.41 14.07 -14.27
C THR A 43 0.55 13.48 -12.86
N PRO A 44 1.05 14.29 -11.92
CA PRO A 44 1.34 13.87 -10.54
C PRO A 44 0.16 13.20 -9.83
N GLU A 45 -1.06 13.57 -10.18
CA GLU A 45 -2.26 12.99 -9.56
C GLU A 45 -2.21 11.47 -9.63
N THR A 46 -2.06 10.96 -10.84
CA THR A 46 -2.10 9.53 -11.10
C THR A 46 -0.90 8.83 -10.48
N LEU A 47 0.24 9.51 -10.44
CA LEU A 47 1.46 8.94 -9.88
C LEU A 47 1.25 8.63 -8.40
N ARG A 48 0.63 9.56 -7.68
CA ARG A 48 0.34 9.37 -6.27
C ARG A 48 -0.64 8.24 -6.04
N VAL A 49 -1.56 8.05 -6.99
CA VAL A 49 -2.54 6.99 -6.91
C VAL A 49 -1.85 5.63 -6.96
N TRP A 50 -0.84 5.51 -7.81
CA TRP A 50 -0.07 4.28 -7.94
C TRP A 50 0.72 3.99 -6.66
N VAL A 51 1.28 5.05 -6.07
CA VAL A 51 2.04 4.92 -4.82
C VAL A 51 1.12 4.45 -3.70
N ARG A 52 -0.04 5.10 -3.57
CA ARG A 52 -1.02 4.73 -2.55
C ARG A 52 -1.56 3.32 -2.80
N GLN A 53 -1.58 2.93 -4.07
CA GLN A 53 -2.02 1.59 -4.44
C GLN A 53 -1.04 0.54 -3.92
N HIS A 54 0.24 0.74 -4.19
CA HIS A 54 1.28 -0.16 -3.72
C HIS A 54 1.40 -0.09 -2.20
N GLU A 55 1.03 1.07 -1.66
CA GLU A 55 1.03 1.28 -0.22
C GLU A 55 0.13 0.26 0.49
N ARG A 56 -1.09 0.11 -0.02
CA ARG A 56 -2.04 -0.83 0.55
C ARG A 56 -1.68 -2.26 0.13
N ASP A 57 -1.02 -2.37 -1.01
CA ASP A 57 -0.52 -3.64 -1.50
C ASP A 57 0.51 -4.22 -0.53
N THR A 58 1.41 -3.39 -0.06
CA THR A 58 2.42 -3.81 0.90
C THR A 58 1.83 -3.84 2.31
N GLY A 59 1.12 -4.92 2.62
CA GLY A 59 0.48 -5.05 3.90
C GLY A 59 1.33 -5.82 4.89
N GLY A 60 2.35 -5.17 5.41
CA GLY A 60 3.25 -5.82 6.36
C GLY A 60 4.29 -6.68 5.66
N ASP A 61 4.68 -6.27 4.47
CA ASP A 61 5.65 -7.01 3.67
C ASP A 61 7.08 -6.61 4.02
N ASP A 62 7.23 -5.97 5.17
CA ASP A 62 8.55 -5.58 5.66
C ASP A 62 9.09 -6.64 6.63
N GLY A 63 8.24 -7.60 6.97
CA GLY A 63 8.64 -8.65 7.87
C GLY A 63 8.05 -8.49 9.25
N GLY A 64 7.86 -7.25 9.67
CA GLY A 64 7.33 -6.97 10.98
C GLY A 64 8.09 -5.88 11.68
N LEU A 65 9.33 -6.16 12.05
CA LEU A 65 10.16 -5.17 12.71
C LEU A 65 11.21 -4.63 11.76
N THR A 66 10.82 -3.64 10.97
CA THR A 66 11.74 -2.93 10.11
C THR A 66 12.25 -1.70 10.83
N THR A 67 13.50 -1.33 10.57
CA THR A 67 14.07 -0.15 11.17
C THR A 67 13.39 1.10 10.62
N ALA A 68 13.24 1.12 9.29
CA ALA A 68 12.56 2.21 8.59
C ALA A 68 13.19 3.57 8.85
N GLU A 69 13.87 4.09 7.84
CA GLU A 69 14.50 5.39 7.93
C GLU A 69 13.44 6.48 8.06
N ARG A 70 12.21 6.13 7.69
CA ARG A 70 11.09 7.05 7.71
C ARG A 70 10.51 7.22 9.12
N GLN A 71 11.08 6.52 10.10
CA GLN A 71 10.61 6.65 11.48
C GLN A 71 11.10 7.95 12.11
N ARG A 72 11.80 8.76 11.33
CA ARG A 72 12.18 10.09 11.77
C ARG A 72 11.11 11.10 11.36
N LEU A 73 10.16 10.64 10.56
CA LEU A 73 9.05 11.49 10.14
C LEU A 73 7.96 11.48 11.19
N LYS A 74 7.62 10.28 11.67
CA LYS A 74 6.59 10.13 12.68
C LYS A 74 7.18 9.52 13.94
N GLU A 75 6.77 10.01 15.10
CA GLU A 75 7.21 9.44 16.36
C GLU A 75 6.64 8.03 16.51
N PRO A 76 7.53 7.02 16.60
CA PRO A 76 7.12 5.61 16.69
C PRO A 76 6.40 5.29 18.00
N GLU A 77 6.74 6.02 19.05
CA GLU A 77 6.12 5.83 20.36
C GLU A 77 5.67 7.16 20.92
N ARG A 78 5.55 7.23 22.26
CA ARG A 78 5.03 8.41 22.95
C ARG A 78 3.51 8.49 22.76
N GLU A 79 2.85 9.40 23.50
CA GLU A 79 1.40 9.58 23.44
C GLU A 79 0.65 8.44 24.12
N ASN A 80 1.37 7.38 24.47
CA ASN A 80 0.77 6.21 25.09
C ASN A 80 0.65 6.42 26.59
N ARG A 81 1.60 7.12 27.16
CA ARG A 81 1.61 7.36 28.59
C ARG A 81 1.16 8.79 28.89
N GLU A 82 0.48 8.95 30.02
CA GLU A 82 -0.02 10.24 30.42
C GLU A 82 0.26 10.45 31.91
N LEU A 83 -0.14 11.59 32.45
CA LEU A 83 -0.05 11.82 33.88
C LEU A 83 -1.17 11.06 34.57
N ARG A 84 -2.34 11.08 33.94
CA ARG A 84 -3.47 10.28 34.40
C ARG A 84 -3.30 8.85 33.90
N ARG A 85 -3.89 7.90 34.62
CA ARG A 85 -3.66 6.47 34.39
C ARG A 85 -2.22 6.12 34.74
N SER A 86 -2.02 5.67 35.96
CA SER A 86 -0.68 5.34 36.43
C SER A 86 -0.73 4.05 37.25
N ASN A 87 0.45 3.48 37.52
CA ASN A 87 0.52 2.22 38.25
C ASN A 87 1.12 2.45 39.64
N ASP A 88 1.03 3.67 40.11
CA ASP A 88 1.42 3.98 41.49
C ASP A 88 0.21 3.88 42.39
N ILE A 89 0.46 3.79 43.69
CA ILE A 89 -0.58 3.52 44.68
C ILE A 89 -1.14 2.12 44.47
N LEU A 90 -0.43 1.14 44.99
CA LEU A 90 -0.85 -0.25 44.88
C LEU A 90 -1.72 -0.62 46.07
N ARG A 91 -2.90 -1.17 45.80
CA ARG A 91 -3.81 -1.58 46.84
C ARG A 91 -3.71 -3.07 47.10
N LEU A 92 -2.63 -3.66 46.63
CA LEU A 92 -2.36 -5.08 46.83
C LEU A 92 -1.09 -5.25 47.65
N ALA A 93 -1.19 -5.99 48.75
CA ALA A 93 -0.06 -6.19 49.64
C ALA A 93 -0.26 -7.44 50.49
N SER A 94 -0.91 -8.44 49.90
CA SER A 94 -1.19 -9.70 50.59
C SER A 94 0.07 -10.32 51.17
N ALA A 95 0.90 -10.89 50.31
CA ALA A 95 2.13 -11.53 50.74
C ALA A 95 3.02 -11.83 49.55
N TYR A 96 4.32 -11.91 49.81
CA TYR A 96 5.29 -12.30 48.80
C TYR A 96 6.39 -13.11 49.47
N PHE A 97 6.40 -14.41 49.23
CA PHE A 97 7.30 -15.31 49.93
C PHE A 97 8.61 -15.50 49.16
N ALA A 98 8.63 -15.04 47.92
CA ALA A 98 9.82 -15.17 47.10
C ALA A 98 10.78 -14.01 47.37
N LYS A 99 12.01 -14.16 46.91
CA LYS A 99 13.02 -13.13 47.09
C LYS A 99 12.72 -11.92 46.21
N ALA A 100 12.44 -10.79 46.84
CA ALA A 100 12.12 -9.56 46.14
C ALA A 100 12.98 -8.42 46.66
N GLU A 101 12.49 -7.19 46.48
CA GLU A 101 13.19 -6.01 46.96
C GLU A 101 13.10 -5.92 48.48
N PHE A 102 14.26 -5.98 49.13
CA PHE A 102 14.30 -5.91 50.59
C PHE A 102 14.31 -4.45 51.02
N ASP A 103 13.16 -3.98 51.48
CA ASP A 103 13.02 -2.60 51.93
C ASP A 103 12.03 -2.53 53.09
N ARG A 104 12.20 -1.55 53.97
CA ARG A 104 11.35 -1.42 55.15
C ARG A 104 9.95 -0.94 54.76
N LEU A 105 8.95 -1.67 55.21
CA LEU A 105 7.57 -1.30 54.95
C LEU A 105 7.04 -0.45 56.09
N TRP A 106 7.20 0.85 55.97
CA TRP A 106 6.73 1.79 56.98
C TRP A 106 5.23 2.03 56.81
N LYS A 107 4.45 1.60 57.80
CA LYS A 107 3.01 1.77 57.77
C LYS A 107 2.61 2.96 58.64
N LYS A 108 1.79 3.83 58.08
CA LYS A 108 1.28 4.96 58.83
C LYS A 108 -0.21 5.13 58.56
N MET A 1 -17.07 0.11 -16.36
CA MET A 1 -15.97 0.79 -17.08
C MET A 1 -14.67 0.03 -16.87
N THR A 2 -14.13 -0.52 -17.94
CA THR A 2 -12.98 -1.40 -17.85
C THR A 2 -11.67 -0.62 -17.74
N LYS A 3 -11.65 0.57 -18.33
CA LYS A 3 -10.45 1.38 -18.32
C LYS A 3 -10.38 2.26 -17.09
N ASN A 4 -9.71 1.76 -16.05
CA ASN A 4 -9.39 2.56 -14.89
C ASN A 4 -7.92 2.93 -14.95
N THR A 5 -7.61 4.20 -14.70
CA THR A 5 -6.24 4.69 -14.77
C THR A 5 -5.30 3.92 -13.83
N ARG A 6 -4.60 2.94 -14.39
CA ARG A 6 -3.65 2.15 -13.62
C ARG A 6 -2.53 1.66 -14.53
N PHE A 7 -2.88 1.40 -15.79
CA PHE A 7 -1.94 0.93 -16.81
C PHE A 7 -1.37 -0.45 -16.46
N SER A 8 -0.57 -0.98 -17.37
CA SER A 8 -0.01 -2.31 -17.20
C SER A 8 1.04 -2.34 -16.10
N PRO A 9 1.15 -3.48 -15.40
CA PRO A 9 2.13 -3.67 -14.32
C PRO A 9 3.56 -3.33 -14.76
N GLU A 10 3.85 -3.59 -16.03
CA GLU A 10 5.17 -3.30 -16.60
C GLU A 10 5.57 -1.85 -16.34
N VAL A 11 4.75 -0.92 -16.81
CA VAL A 11 5.02 0.50 -16.66
C VAL A 11 4.84 0.93 -15.21
N ARG A 12 3.77 0.47 -14.58
CA ARG A 12 3.44 0.87 -13.23
C ARG A 12 4.51 0.44 -12.23
N GLN A 13 5.00 -0.78 -12.34
CA GLN A 13 6.07 -1.25 -11.46
C GLN A 13 7.33 -0.41 -11.65
N ARG A 14 7.75 -0.25 -12.91
CA ARG A 14 8.95 0.53 -13.20
C ARG A 14 8.82 1.95 -12.64
N ALA A 15 7.67 2.56 -12.90
CA ALA A 15 7.43 3.94 -12.47
C ALA A 15 7.56 4.08 -10.96
N VAL A 16 6.77 3.31 -10.22
CA VAL A 16 6.73 3.43 -8.78
C VAL A 16 8.06 3.09 -8.13
N ARG A 17 8.70 2.02 -8.59
CA ARG A 17 9.97 1.60 -8.01
C ARG A 17 11.04 2.65 -8.24
N MET A 18 10.95 3.36 -9.36
CA MET A 18 11.86 4.45 -9.64
C MET A 18 11.55 5.64 -8.75
N VAL A 19 10.26 5.88 -8.51
CA VAL A 19 9.85 6.93 -7.60
C VAL A 19 10.33 6.63 -6.18
N LEU A 20 10.17 5.38 -5.76
CA LEU A 20 10.61 4.95 -4.43
C LEU A 20 12.12 5.07 -4.28
N GLU A 21 12.84 4.79 -5.37
CA GLU A 21 14.29 4.91 -5.40
C GLU A 21 14.70 6.34 -5.01
N SER A 22 14.20 7.30 -5.77
CA SER A 22 14.56 8.69 -5.53
C SER A 22 13.74 9.29 -4.38
N GLN A 23 12.75 8.54 -3.89
CA GLN A 23 12.00 8.93 -2.71
C GLN A 23 12.91 8.83 -1.48
N GLY A 24 13.77 7.82 -1.48
CA GLY A 24 14.75 7.68 -0.42
C GLY A 24 15.83 8.74 -0.52
N GLU A 25 16.06 9.22 -1.75
CA GLU A 25 17.03 10.29 -1.99
C GLU A 25 16.51 11.61 -1.43
N TYR A 26 15.27 11.95 -1.78
CA TYR A 26 14.68 13.21 -1.36
C TYR A 26 14.05 13.11 0.02
N ASP A 27 13.76 14.26 0.60
CA ASP A 27 13.10 14.32 1.90
C ASP A 27 11.59 14.17 1.71
N SER A 28 11.02 15.04 0.90
CA SER A 28 9.58 15.06 0.69
C SER A 28 9.20 14.30 -0.58
N GLN A 29 8.18 13.45 -0.44
CA GLN A 29 7.75 12.56 -1.51
C GLN A 29 7.31 13.34 -2.76
N TRP A 30 6.53 14.41 -2.54
CA TRP A 30 5.99 15.20 -3.64
C TRP A 30 7.10 15.79 -4.51
N ALA A 31 8.26 16.02 -3.91
CA ALA A 31 9.39 16.60 -4.62
C ALA A 31 9.94 15.64 -5.67
N THR A 32 9.83 14.35 -5.38
CA THR A 32 10.27 13.33 -6.31
C THR A 32 9.21 13.11 -7.40
N ILE A 33 7.97 13.03 -6.96
CA ILE A 33 6.84 12.71 -7.84
C ILE A 33 6.68 13.74 -8.96
N CYS A 34 6.74 15.03 -8.61
CA CYS A 34 6.53 16.09 -9.60
C CYS A 34 7.70 16.18 -10.59
N SER A 35 8.77 15.45 -10.32
CA SER A 35 9.92 15.45 -11.20
C SER A 35 9.91 14.23 -12.13
N ILE A 36 9.05 13.27 -11.83
CA ILE A 36 9.00 12.05 -12.62
C ILE A 36 7.73 11.97 -13.47
N ALA A 37 6.63 12.48 -12.94
CA ALA A 37 5.34 12.44 -13.62
C ALA A 37 5.40 13.01 -15.05
N PRO A 38 5.90 14.25 -15.25
CA PRO A 38 5.97 14.85 -16.58
C PRO A 38 7.01 14.19 -17.48
N LYS A 39 7.87 13.38 -16.88
CA LYS A 39 8.92 12.70 -17.62
C LYS A 39 8.38 11.42 -18.27
N ILE A 40 7.47 10.75 -17.56
CA ILE A 40 6.87 9.53 -18.09
C ILE A 40 5.68 9.88 -18.99
N GLY A 41 4.77 10.70 -18.47
CA GLY A 41 3.59 11.08 -19.23
C GLY A 41 2.33 10.94 -18.41
N CYS A 42 2.37 11.46 -17.19
CA CYS A 42 1.22 11.42 -16.30
C CYS A 42 1.20 12.66 -15.43
N THR A 43 0.12 12.85 -14.68
CA THR A 43 0.01 13.99 -13.80
C THR A 43 0.62 13.67 -12.44
N PRO A 44 0.99 14.71 -11.67
CA PRO A 44 1.49 14.51 -10.30
C PRO A 44 0.51 13.70 -9.46
N GLU A 45 -0.77 13.91 -9.73
CA GLU A 45 -1.83 13.17 -9.06
C GLU A 45 -1.77 11.69 -9.42
N THR A 46 -1.74 11.42 -10.72
CA THR A 46 -1.71 10.06 -11.23
C THR A 46 -0.54 9.27 -10.66
N LEU A 47 0.63 9.90 -10.59
CA LEU A 47 1.81 9.23 -10.08
C LEU A 47 1.67 8.96 -8.58
N ARG A 48 1.07 9.89 -7.86
CA ARG A 48 0.79 9.68 -6.44
C ARG A 48 -0.13 8.48 -6.25
N VAL A 49 -1.13 8.36 -7.13
CA VAL A 49 -2.06 7.23 -7.08
C VAL A 49 -1.32 5.92 -7.27
N TRP A 50 -0.40 5.87 -8.22
CA TRP A 50 0.37 4.66 -8.49
C TRP A 50 1.24 4.26 -7.29
N VAL A 51 1.88 5.25 -6.68
CA VAL A 51 2.69 4.99 -5.49
C VAL A 51 1.82 4.49 -4.35
N ARG A 52 0.69 5.16 -4.13
CA ARG A 52 -0.27 4.77 -3.11
C ARG A 52 -0.79 3.37 -3.38
N GLN A 53 -1.02 3.07 -4.66
CA GLN A 53 -1.52 1.77 -5.09
C GLN A 53 -0.48 0.68 -4.86
N HIS A 54 0.80 1.03 -5.02
CA HIS A 54 1.87 0.07 -4.84
C HIS A 54 1.89 -0.41 -3.39
N GLU A 55 1.74 0.53 -2.47
CA GLU A 55 1.64 0.22 -1.05
C GLU A 55 0.36 -0.57 -0.77
N ARG A 56 -0.69 -0.21 -1.50
CA ARG A 56 -1.99 -0.87 -1.38
C ARG A 56 -1.88 -2.35 -1.70
N ASP A 57 -1.03 -2.70 -2.66
CA ASP A 57 -0.87 -4.08 -3.10
C ASP A 57 0.29 -4.80 -2.43
N THR A 58 1.34 -4.06 -2.07
CA THR A 58 2.57 -4.68 -1.58
C THR A 58 2.75 -4.54 -0.07
N GLY A 59 1.91 -3.72 0.56
CA GLY A 59 2.06 -3.47 1.98
C GLY A 59 1.75 -4.68 2.84
N GLY A 60 2.79 -5.29 3.39
CA GLY A 60 2.61 -6.45 4.26
C GLY A 60 3.90 -7.20 4.50
N ASP A 61 4.46 -7.05 5.69
CA ASP A 61 5.72 -7.70 6.03
C ASP A 61 5.46 -9.04 6.74
N ASP A 62 4.71 -8.95 7.84
CA ASP A 62 4.34 -10.11 8.66
C ASP A 62 5.54 -10.61 9.48
N GLY A 63 6.48 -11.29 8.84
CA GLY A 63 7.68 -11.70 9.55
C GLY A 63 8.26 -13.03 9.10
N GLY A 64 8.51 -13.15 7.79
CA GLY A 64 9.27 -14.29 7.28
C GLY A 64 8.50 -15.60 7.24
N LEU A 65 8.22 -16.17 8.40
CA LEU A 65 7.63 -17.51 8.50
C LEU A 65 6.21 -17.55 7.94
N THR A 66 6.10 -17.96 6.69
CA THR A 66 4.82 -18.10 6.04
C THR A 66 5.01 -18.79 4.68
N THR A 67 3.93 -19.31 4.11
CA THR A 67 4.00 -19.94 2.81
C THR A 67 3.90 -18.89 1.71
N ALA A 68 5.02 -18.26 1.41
CA ALA A 68 5.09 -17.20 0.42
C ALA A 68 6.55 -16.93 0.06
N GLU A 69 6.78 -15.88 -0.73
CA GLU A 69 8.13 -15.49 -1.14
C GLU A 69 8.79 -16.62 -1.94
N ARG A 70 7.96 -17.43 -2.59
CA ARG A 70 8.43 -18.62 -3.29
C ARG A 70 8.87 -18.30 -4.73
N GLN A 71 9.46 -17.13 -4.91
CA GLN A 71 9.92 -16.72 -6.23
C GLN A 71 11.30 -17.30 -6.54
N ARG A 72 11.33 -18.59 -6.79
CA ARG A 72 12.54 -19.26 -7.20
C ARG A 72 12.45 -19.68 -8.66
N LEU A 73 13.44 -19.29 -9.45
CA LEU A 73 13.41 -19.58 -10.88
C LEU A 73 13.84 -21.02 -11.16
N LYS A 74 14.27 -21.72 -10.11
CA LYS A 74 14.66 -23.12 -10.24
C LYS A 74 13.48 -24.03 -9.93
N GLU A 75 12.30 -23.63 -10.40
CA GLU A 75 11.10 -24.42 -10.23
C GLU A 75 11.10 -25.62 -11.17
N PRO A 76 10.43 -26.72 -10.77
CA PRO A 76 10.33 -27.93 -11.61
C PRO A 76 9.83 -27.61 -13.01
N GLU A 77 10.70 -27.81 -13.99
CA GLU A 77 10.41 -27.46 -15.37
C GLU A 77 11.34 -28.23 -16.32
N ARG A 78 12.61 -28.24 -15.97
CA ARG A 78 13.62 -28.89 -16.81
C ARG A 78 13.91 -30.30 -16.32
N GLU A 79 13.49 -30.59 -15.10
CA GLU A 79 13.72 -31.88 -14.48
C GLU A 79 12.75 -32.92 -15.03
N ASN A 80 12.99 -33.33 -16.27
CA ASN A 80 12.17 -34.33 -16.92
C ASN A 80 12.73 -35.71 -16.67
N ARG A 81 14.03 -35.89 -16.95
CA ARG A 81 14.70 -37.15 -16.69
C ARG A 81 15.24 -37.17 -15.27
N GLU A 82 15.35 -36.00 -14.67
CA GLU A 82 15.75 -35.87 -13.29
C GLU A 82 14.56 -36.23 -12.40
N LEU A 83 14.57 -37.45 -11.86
CA LEU A 83 13.41 -37.99 -11.18
C LEU A 83 13.75 -38.48 -9.78
N ARG A 84 15.00 -38.88 -9.58
CA ARG A 84 15.50 -39.40 -8.30
C ARG A 84 14.89 -40.76 -7.98
N ARG A 85 13.65 -40.74 -7.48
CA ARG A 85 12.96 -41.92 -6.95
C ARG A 85 13.66 -42.44 -5.70
N SER A 86 13.15 -43.53 -5.16
CA SER A 86 13.74 -44.13 -3.96
C SER A 86 14.62 -45.32 -4.33
N ASN A 87 15.91 -45.08 -4.47
CA ASN A 87 16.86 -46.13 -4.79
C ASN A 87 18.25 -45.73 -4.37
N ASP A 88 19.20 -46.66 -4.47
CA ASP A 88 20.58 -46.37 -4.13
C ASP A 88 21.27 -45.64 -5.28
N ILE A 89 21.46 -44.35 -5.09
CA ILE A 89 22.04 -43.52 -6.12
C ILE A 89 23.56 -43.46 -5.98
N LEU A 90 24.23 -44.23 -6.82
CA LEU A 90 25.69 -44.19 -6.92
C LEU A 90 26.05 -43.91 -8.37
N ARG A 91 26.29 -42.64 -8.67
CA ARG A 91 26.47 -42.19 -10.05
C ARG A 91 27.72 -42.79 -10.68
N LEU A 92 28.75 -43.01 -9.89
CA LEU A 92 29.97 -43.63 -10.40
C LEU A 92 29.74 -45.12 -10.63
N ALA A 93 29.11 -45.43 -11.74
CA ALA A 93 28.87 -46.81 -12.14
C ALA A 93 29.69 -47.15 -13.37
N SER A 94 30.57 -46.24 -13.73
CA SER A 94 31.45 -46.42 -14.88
C SER A 94 32.35 -47.64 -14.68
N ALA A 95 33.21 -47.56 -13.67
CA ALA A 95 34.09 -48.67 -13.31
C ALA A 95 34.83 -48.34 -12.02
N TYR A 96 35.76 -47.39 -12.12
CA TYR A 96 36.55 -46.96 -10.98
C TYR A 96 37.09 -45.56 -11.25
N PHE A 97 37.43 -44.82 -10.21
CA PHE A 97 37.92 -43.46 -10.39
C PHE A 97 39.41 -43.44 -10.70
N ALA A 98 39.71 -43.34 -11.99
CA ALA A 98 41.09 -43.28 -12.44
C ALA A 98 41.48 -41.85 -12.81
N LYS A 99 42.76 -41.60 -12.91
CA LYS A 99 43.24 -40.27 -13.29
C LYS A 99 43.13 -40.07 -14.80
N ALA A 100 42.00 -39.51 -15.22
CA ALA A 100 41.74 -39.16 -16.62
C ALA A 100 41.57 -40.39 -17.52
N GLU A 101 40.41 -40.48 -18.16
CA GLU A 101 40.17 -41.52 -19.15
C GLU A 101 40.92 -41.19 -20.42
N PHE A 102 40.79 -39.93 -20.85
CA PHE A 102 41.45 -39.47 -22.06
C PHE A 102 42.28 -38.22 -21.76
N ASP A 103 43.55 -38.42 -21.42
CA ASP A 103 44.47 -37.30 -21.28
C ASP A 103 44.80 -36.74 -22.65
N ARG A 104 44.98 -37.66 -23.59
CA ARG A 104 45.19 -37.33 -24.99
C ARG A 104 44.76 -38.52 -25.84
N LEU A 105 44.67 -38.33 -27.15
CA LEU A 105 44.10 -39.36 -28.03
C LEU A 105 45.11 -40.46 -28.38
N TRP A 106 45.93 -40.82 -27.39
CA TRP A 106 46.84 -41.95 -27.47
C TRP A 106 47.79 -41.87 -28.67
N LYS A 107 48.87 -41.11 -28.50
CA LYS A 107 49.93 -41.04 -29.48
C LYS A 107 51.27 -41.28 -28.79
N LYS A 108 51.46 -40.58 -27.69
CA LYS A 108 52.61 -40.79 -26.80
C LYS A 108 52.39 -40.01 -25.51
N MET A 1 -9.39 8.67 -29.08
CA MET A 1 -8.64 9.71 -28.33
C MET A 1 -8.32 9.22 -26.92
N THR A 2 -7.80 10.11 -26.08
CA THR A 2 -7.39 9.75 -24.73
C THR A 2 -8.56 9.24 -23.89
N LYS A 3 -8.50 7.96 -23.53
CA LYS A 3 -9.49 7.35 -22.67
C LYS A 3 -8.85 6.92 -21.37
N ASN A 4 -9.47 6.00 -20.65
CA ASN A 4 -8.87 5.44 -19.45
C ASN A 4 -8.17 4.15 -19.83
N THR A 5 -7.14 4.28 -20.67
CA THR A 5 -6.41 3.15 -21.20
C THR A 5 -5.66 2.42 -20.08
N ARG A 6 -5.72 1.09 -20.12
CA ARG A 6 -5.04 0.28 -19.11
C ARG A 6 -3.53 0.37 -19.28
N PHE A 7 -2.85 0.62 -18.17
CA PHE A 7 -1.40 0.69 -18.17
C PHE A 7 -0.82 -0.63 -17.69
N SER A 8 0.20 -1.11 -18.39
CA SER A 8 0.87 -2.35 -18.02
C SER A 8 1.38 -2.27 -16.57
N PRO A 9 1.14 -3.32 -15.77
CA PRO A 9 1.51 -3.35 -14.35
C PRO A 9 2.98 -3.04 -14.13
N GLU A 10 3.83 -3.47 -15.06
CA GLU A 10 5.25 -3.21 -14.99
C GLU A 10 5.54 -1.72 -15.12
N VAL A 11 4.81 -1.05 -16.00
CA VAL A 11 4.98 0.39 -16.20
C VAL A 11 4.54 1.14 -14.94
N ARG A 12 3.42 0.71 -14.36
CA ARG A 12 2.94 1.28 -13.11
C ARG A 12 3.96 1.03 -12.00
N GLN A 13 4.55 -0.15 -12.01
CA GLN A 13 5.56 -0.53 -11.02
C GLN A 13 6.83 0.30 -11.20
N ARG A 14 7.21 0.54 -12.46
CA ARG A 14 8.35 1.40 -12.77
C ARG A 14 8.18 2.77 -12.15
N ALA A 15 6.97 3.30 -12.25
CA ALA A 15 6.62 4.57 -11.64
C ALA A 15 6.80 4.52 -10.13
N VAL A 16 6.16 3.52 -9.52
CA VAL A 16 6.22 3.33 -8.07
C VAL A 16 7.67 3.21 -7.60
N ARG A 17 8.42 2.32 -8.24
CA ARG A 17 9.79 2.08 -7.86
C ARG A 17 10.64 3.34 -7.98
N MET A 18 10.60 3.98 -9.15
CA MET A 18 11.46 5.12 -9.41
C MET A 18 11.18 6.26 -8.44
N VAL A 19 9.93 6.39 -8.01
CA VAL A 19 9.57 7.39 -7.01
C VAL A 19 10.25 7.09 -5.68
N LEU A 20 10.13 5.85 -5.21
CA LEU A 20 10.72 5.45 -3.93
C LEU A 20 12.24 5.44 -4.02
N GLU A 21 12.75 4.93 -5.13
CA GLU A 21 14.18 4.84 -5.37
C GLU A 21 14.82 6.23 -5.31
N SER A 22 14.19 7.18 -5.97
CA SER A 22 14.68 8.56 -5.99
C SER A 22 14.27 9.29 -4.72
N GLN A 23 13.37 8.68 -3.95
CA GLN A 23 12.94 9.25 -2.68
C GLN A 23 14.00 8.94 -1.62
N GLY A 24 14.88 8.00 -1.94
CA GLY A 24 16.08 7.83 -1.14
C GLY A 24 17.00 9.02 -1.28
N GLU A 25 16.86 9.72 -2.40
CA GLU A 25 17.67 10.92 -2.67
C GLU A 25 16.91 12.16 -2.21
N TYR A 26 15.63 12.24 -2.59
CA TYR A 26 14.78 13.37 -2.20
C TYR A 26 14.04 13.06 -0.91
N ASP A 27 14.23 13.90 0.10
CA ASP A 27 13.60 13.67 1.40
C ASP A 27 12.09 13.89 1.32
N SER A 28 11.67 14.79 0.45
CA SER A 28 10.25 15.11 0.31
C SER A 28 9.68 14.39 -0.92
N GLN A 29 8.72 13.52 -0.69
CA GLN A 29 8.13 12.69 -1.75
C GLN A 29 7.47 13.53 -2.83
N TRP A 30 6.79 14.62 -2.44
CA TRP A 30 6.10 15.44 -3.42
C TRP A 30 7.08 16.04 -4.42
N ALA A 31 8.31 16.27 -3.97
CA ALA A 31 9.35 16.82 -4.84
C ALA A 31 9.78 15.77 -5.86
N THR A 32 9.77 14.52 -5.44
CA THR A 32 10.09 13.40 -6.31
C THR A 32 8.99 13.23 -7.36
N ILE A 33 7.75 13.31 -6.91
CA ILE A 33 6.60 13.17 -7.79
C ILE A 33 6.60 14.24 -8.88
N CYS A 34 6.86 15.48 -8.49
CA CYS A 34 6.83 16.60 -9.43
C CYS A 34 7.93 16.50 -10.48
N SER A 35 9.02 15.80 -10.16
CA SER A 35 10.14 15.69 -11.08
C SER A 35 10.03 14.45 -11.96
N ILE A 36 9.34 13.43 -11.47
CA ILE A 36 9.20 12.17 -12.20
C ILE A 36 7.98 12.19 -13.12
N ALA A 37 6.95 12.95 -12.74
CA ALA A 37 5.74 13.06 -13.56
C ALA A 37 6.05 13.44 -15.02
N PRO A 38 6.82 14.52 -15.27
CA PRO A 38 7.17 14.93 -16.64
C PRO A 38 8.11 13.95 -17.33
N LYS A 39 8.62 12.98 -16.58
CA LYS A 39 9.46 11.93 -17.15
C LYS A 39 8.59 10.82 -17.72
N ILE A 40 7.48 10.55 -17.04
CA ILE A 40 6.55 9.54 -17.48
C ILE A 40 5.66 10.09 -18.60
N GLY A 41 5.26 11.35 -18.44
CA GLY A 41 4.37 11.96 -19.40
C GLY A 41 2.93 11.82 -18.97
N CYS A 42 2.70 11.96 -17.68
CA CYS A 42 1.37 11.83 -17.11
C CYS A 42 1.20 12.78 -15.94
N THR A 43 0.00 12.82 -15.38
CA THR A 43 -0.30 13.68 -14.25
C THR A 43 0.31 13.17 -12.95
N PRO A 44 0.91 14.08 -12.16
CA PRO A 44 1.55 13.72 -10.89
C PRO A 44 0.57 13.05 -9.93
N GLU A 45 -0.68 13.48 -9.98
CA GLU A 45 -1.73 12.88 -9.17
C GLU A 45 -1.87 11.39 -9.45
N THR A 46 -1.81 11.02 -10.73
CA THR A 46 -1.92 9.64 -11.14
C THR A 46 -0.70 8.83 -10.68
N LEU A 47 0.45 9.49 -10.70
CA LEU A 47 1.70 8.88 -10.23
C LEU A 47 1.56 8.47 -8.76
N ARG A 48 1.00 9.37 -7.96
CA ARG A 48 0.79 9.11 -6.55
C ARG A 48 -0.19 7.97 -6.35
N VAL A 49 -1.19 7.88 -7.22
CA VAL A 49 -2.18 6.81 -7.18
C VAL A 49 -1.50 5.44 -7.39
N TRP A 50 -0.62 5.37 -8.38
CA TRP A 50 0.10 4.13 -8.68
C TRP A 50 0.87 3.64 -7.46
N VAL A 51 1.61 4.56 -6.84
CA VAL A 51 2.39 4.23 -5.64
C VAL A 51 1.47 3.73 -4.53
N ARG A 52 0.39 4.48 -4.30
CA ARG A 52 -0.55 4.17 -3.23
C ARG A 52 -1.21 2.80 -3.43
N GLN A 53 -1.70 2.55 -4.64
CA GLN A 53 -2.37 1.29 -4.93
C GLN A 53 -1.40 0.12 -4.83
N HIS A 54 -0.15 0.36 -5.18
CA HIS A 54 0.88 -0.68 -5.09
C HIS A 54 1.18 -1.01 -3.64
N GLU A 55 0.99 -0.03 -2.75
CA GLU A 55 1.12 -0.26 -1.31
C GLU A 55 0.03 -1.23 -0.85
N ARG A 56 -1.16 -1.10 -1.46
CA ARG A 56 -2.27 -2.01 -1.18
C ARG A 56 -1.94 -3.42 -1.68
N ASP A 57 -1.21 -3.51 -2.80
CA ASP A 57 -0.71 -4.80 -3.29
C ASP A 57 0.16 -5.47 -2.25
N THR A 58 1.05 -4.68 -1.65
CA THR A 58 1.94 -5.19 -0.61
C THR A 58 1.16 -5.60 0.64
N GLY A 59 0.00 -4.96 0.85
CA GLY A 59 -0.83 -5.27 1.99
C GLY A 59 -1.46 -6.64 1.88
N GLY A 60 -2.10 -6.90 0.75
CA GLY A 60 -2.73 -8.19 0.53
C GLY A 60 -4.12 -8.26 1.15
N ASP A 61 -4.18 -8.66 2.41
CA ASP A 61 -5.45 -8.80 3.12
C ASP A 61 -5.17 -8.95 4.61
N ASP A 62 -6.18 -9.33 5.38
CA ASP A 62 -6.02 -9.52 6.82
C ASP A 62 -5.93 -11.00 7.17
N GLY A 63 -5.67 -11.82 6.15
CA GLY A 63 -5.61 -13.26 6.34
C GLY A 63 -4.25 -13.73 6.83
N GLY A 64 -3.64 -12.94 7.70
CA GLY A 64 -2.34 -13.31 8.23
C GLY A 64 -2.47 -14.01 9.56
N LEU A 65 -2.86 -15.28 9.51
CA LEU A 65 -3.03 -16.09 10.71
C LEU A 65 -1.67 -16.39 11.34
N THR A 66 -1.42 -15.75 12.48
CA THR A 66 -0.17 -15.94 13.20
C THR A 66 -0.33 -16.99 14.29
N THR A 67 -1.53 -17.58 14.36
CA THR A 67 -1.80 -18.64 15.30
C THR A 67 -0.93 -19.85 15.00
N ALA A 68 -0.33 -20.44 16.04
CA ALA A 68 0.55 -21.59 15.89
C ALA A 68 -0.22 -22.84 15.48
N GLU A 69 -0.79 -22.81 14.28
CA GLU A 69 -1.50 -23.94 13.74
C GLU A 69 -0.65 -24.58 12.64
N ARG A 70 -0.26 -23.77 11.66
CA ARG A 70 0.60 -24.23 10.58
C ARG A 70 1.98 -24.63 11.10
N GLN A 71 2.33 -24.10 12.27
CA GLN A 71 3.59 -24.45 12.93
C GLN A 71 3.56 -25.91 13.36
N ARG A 72 4.13 -26.79 12.55
CA ARG A 72 4.11 -28.21 12.82
C ARG A 72 5.31 -28.63 13.66
N LEU A 73 5.04 -29.41 14.70
CA LEU A 73 6.09 -29.97 15.52
C LEU A 73 6.64 -31.23 14.86
N LYS A 74 7.87 -31.60 15.18
CA LYS A 74 8.53 -32.75 14.57
C LYS A 74 8.74 -32.52 13.08
N GLU A 75 8.95 -31.25 12.72
CA GLU A 75 9.19 -30.88 11.33
C GLU A 75 10.64 -31.18 10.96
N PRO A 76 10.86 -32.07 9.97
CA PRO A 76 12.21 -32.49 9.56
C PRO A 76 12.93 -31.44 8.73
N GLU A 77 12.28 -30.30 8.52
CA GLU A 77 12.88 -29.21 7.77
C GLU A 77 13.74 -28.37 8.70
N ARG A 78 15.01 -28.73 8.79
CA ARG A 78 15.96 -28.04 9.66
C ARG A 78 16.48 -26.78 8.96
N GLU A 79 17.02 -26.96 7.77
CA GLU A 79 17.52 -25.84 6.98
C GLU A 79 17.56 -26.24 5.50
N ASN A 80 16.60 -25.73 4.73
CA ASN A 80 16.54 -26.01 3.31
C ASN A 80 17.73 -25.36 2.60
N ARG A 81 18.54 -26.19 1.96
CA ARG A 81 19.77 -25.71 1.36
C ARG A 81 19.56 -25.38 -0.11
N GLU A 82 19.86 -26.33 -1.00
CA GLU A 82 19.81 -26.09 -2.43
C GLU A 82 18.46 -26.48 -3.01
N LEU A 83 18.13 -27.77 -2.92
CA LEU A 83 16.90 -28.30 -3.51
C LEU A 83 15.69 -27.88 -2.70
N ARG A 84 15.93 -27.22 -1.56
CA ARG A 84 14.88 -26.75 -0.65
C ARG A 84 14.25 -27.91 0.11
N ARG A 85 14.15 -29.06 -0.53
CA ARG A 85 13.86 -30.30 0.16
C ARG A 85 15.17 -31.06 0.32
N SER A 86 15.90 -30.75 1.38
CA SER A 86 17.24 -31.26 1.55
C SER A 86 17.31 -32.25 2.72
N ASN A 87 18.54 -32.58 3.11
CA ASN A 87 18.84 -33.52 4.20
C ASN A 87 18.06 -34.84 4.08
N ASP A 88 18.25 -35.70 5.07
CA ASP A 88 17.52 -36.97 5.14
C ASP A 88 16.96 -37.14 6.54
N ILE A 89 16.12 -38.15 6.71
CA ILE A 89 15.60 -38.48 8.02
C ILE A 89 16.66 -39.28 8.80
N LEU A 90 17.62 -38.56 9.36
CA LEU A 90 18.71 -39.18 10.08
C LEU A 90 18.89 -38.58 11.46
N ARG A 91 18.25 -39.20 12.44
CA ARG A 91 18.39 -38.81 13.85
C ARG A 91 18.50 -40.05 14.72
N LEU A 92 19.01 -41.12 14.13
CA LEU A 92 19.15 -42.39 14.82
C LEU A 92 20.34 -42.36 15.76
N ALA A 93 20.08 -42.12 17.03
CA ALA A 93 21.11 -42.17 18.06
C ALA A 93 21.43 -43.61 18.42
N SER A 94 20.55 -44.51 17.97
CA SER A 94 20.72 -45.94 18.16
C SER A 94 19.94 -46.66 17.07
N ALA A 95 20.15 -47.97 16.93
CA ALA A 95 19.47 -48.75 15.91
C ALA A 95 18.00 -48.97 16.27
N TYR A 96 17.20 -47.94 16.03
CA TYR A 96 15.76 -47.99 16.28
C TYR A 96 15.02 -47.16 15.24
N PHE A 97 13.74 -46.93 15.48
CA PHE A 97 12.94 -46.11 14.58
C PHE A 97 12.85 -44.68 15.10
N ALA A 98 12.44 -43.77 14.23
CA ALA A 98 12.35 -42.36 14.59
C ALA A 98 11.16 -42.09 15.51
N LYS A 99 10.21 -43.01 15.54
CA LYS A 99 9.06 -42.87 16.42
C LYS A 99 9.44 -43.22 17.86
N ALA A 100 9.87 -42.22 18.60
CA ALA A 100 10.26 -42.41 19.99
C ALA A 100 9.81 -41.22 20.83
N GLU A 101 9.56 -41.47 22.11
CA GLU A 101 9.17 -40.42 23.03
C GLU A 101 10.23 -40.25 24.10
N PHE A 102 11.40 -40.81 23.83
CA PHE A 102 12.48 -40.84 24.81
C PHE A 102 13.61 -39.89 24.42
N ASP A 103 13.30 -38.90 23.60
CA ASP A 103 14.29 -37.89 23.20
C ASP A 103 14.76 -37.12 24.42
N ARG A 104 13.82 -36.72 25.26
CA ARG A 104 14.12 -36.00 26.48
C ARG A 104 13.43 -36.68 27.65
N LEU A 105 13.90 -36.43 28.86
CA LEU A 105 13.26 -36.97 30.05
C LEU A 105 12.18 -36.02 30.52
N TRP A 106 12.36 -34.75 30.18
CA TRP A 106 11.38 -33.73 30.48
C TRP A 106 10.35 -33.66 29.35
N LYS A 107 9.33 -34.49 29.46
CA LYS A 107 8.25 -34.52 28.49
C LYS A 107 7.09 -33.67 29.00
N LYS A 108 6.48 -34.12 30.09
CA LYS A 108 5.49 -33.35 30.81
C LYS A 108 5.10 -34.08 32.09
N MET A 1 -18.81 0.00 -16.19
CA MET A 1 -17.93 1.10 -15.73
C MET A 1 -16.58 0.57 -15.26
N THR A 2 -16.52 0.15 -14.00
CA THR A 2 -15.27 -0.25 -13.40
C THR A 2 -14.98 -1.74 -13.63
N LYS A 3 -14.07 -2.01 -14.54
CA LYS A 3 -13.53 -3.35 -14.72
C LYS A 3 -12.07 -3.34 -14.31
N ASN A 4 -11.26 -2.60 -15.07
CA ASN A 4 -9.86 -2.37 -14.73
C ASN A 4 -9.24 -1.44 -15.76
N THR A 5 -8.82 -0.27 -15.31
CA THR A 5 -8.17 0.69 -16.19
C THR A 5 -6.87 0.10 -16.74
N ARG A 6 -6.77 0.04 -18.06
CA ARG A 6 -5.65 -0.62 -18.70
C ARG A 6 -4.36 0.19 -18.58
N PHE A 7 -3.54 -0.21 -17.62
CA PHE A 7 -2.18 0.30 -17.51
C PHE A 7 -1.21 -0.87 -17.54
N SER A 8 -0.07 -0.69 -18.17
CA SER A 8 0.92 -1.74 -18.25
C SER A 8 1.60 -1.92 -16.89
N PRO A 9 1.47 -3.11 -16.28
CA PRO A 9 2.03 -3.40 -14.95
C PRO A 9 3.49 -3.01 -14.83
N GLU A 10 4.27 -3.34 -15.86
CA GLU A 10 5.69 -3.03 -15.89
C GLU A 10 5.93 -1.52 -15.79
N VAL A 11 5.10 -0.75 -16.49
CA VAL A 11 5.25 0.70 -16.51
C VAL A 11 4.91 1.29 -15.16
N ARG A 12 3.79 0.86 -14.59
CA ARG A 12 3.36 1.36 -13.29
C ARG A 12 4.34 0.97 -12.20
N GLN A 13 4.80 -0.28 -12.23
CA GLN A 13 5.77 -0.77 -11.27
C GLN A 13 7.07 0.02 -11.39
N ARG A 14 7.51 0.24 -12.64
CA ARG A 14 8.73 0.98 -12.91
C ARG A 14 8.63 2.40 -12.37
N ALA A 15 7.47 3.00 -12.56
CA ALA A 15 7.21 4.36 -12.07
C ALA A 15 7.38 4.43 -10.56
N VAL A 16 6.62 3.60 -9.85
CA VAL A 16 6.66 3.57 -8.40
C VAL A 16 8.06 3.24 -7.90
N ARG A 17 8.70 2.28 -8.55
CA ARG A 17 10.05 1.86 -8.18
C ARG A 17 11.02 3.04 -8.29
N MET A 18 10.99 3.73 -9.43
CA MET A 18 11.89 4.84 -9.68
C MET A 18 11.61 6.01 -8.74
N VAL A 19 10.35 6.17 -8.34
CA VAL A 19 9.99 7.19 -7.36
C VAL A 19 10.70 6.91 -6.03
N LEU A 20 10.64 5.66 -5.58
CA LEU A 20 11.29 5.26 -4.35
C LEU A 20 12.81 5.43 -4.47
N GLU A 21 13.35 5.02 -5.63
CA GLU A 21 14.76 5.16 -5.92
C GLU A 21 15.21 6.61 -5.80
N SER A 22 14.40 7.52 -6.31
CA SER A 22 14.73 8.93 -6.30
C SER A 22 14.47 9.54 -4.92
N GLN A 23 13.47 9.01 -4.20
CA GLN A 23 13.17 9.46 -2.85
C GLN A 23 14.36 9.16 -1.93
N GLY A 24 15.19 8.22 -2.36
CA GLY A 24 16.41 7.91 -1.63
C GLY A 24 17.39 9.09 -1.55
N GLU A 25 17.10 10.15 -2.28
CA GLU A 25 17.88 11.38 -2.17
C GLU A 25 17.00 12.57 -1.83
N TYR A 26 15.75 12.53 -2.28
CA TYR A 26 14.79 13.60 -2.00
C TYR A 26 14.34 13.55 -0.55
N ASP A 27 13.88 14.68 -0.03
CA ASP A 27 13.40 14.77 1.35
C ASP A 27 11.94 14.36 1.43
N SER A 28 11.23 14.52 0.31
CA SER A 28 9.81 14.23 0.28
C SER A 28 9.43 13.52 -1.01
N GLN A 29 8.47 12.59 -0.90
CA GLN A 29 7.96 11.85 -2.04
C GLN A 29 7.36 12.80 -3.07
N TRP A 30 6.71 13.85 -2.57
CA TRP A 30 6.02 14.82 -3.42
C TRP A 30 6.99 15.53 -4.34
N ALA A 31 8.17 15.86 -3.83
CA ALA A 31 9.21 16.48 -4.63
C ALA A 31 9.66 15.53 -5.75
N THR A 32 9.73 14.25 -5.41
CA THR A 32 10.07 13.22 -6.38
C THR A 32 9.00 13.13 -7.47
N ILE A 33 7.75 13.07 -7.04
CA ILE A 33 6.60 12.95 -7.96
C ILE A 33 6.59 14.09 -8.97
N CYS A 34 6.83 15.31 -8.50
CA CYS A 34 6.81 16.48 -9.36
C CYS A 34 7.94 16.45 -10.41
N SER A 35 8.93 15.61 -10.18
CA SER A 35 10.05 15.49 -11.11
C SER A 35 9.87 14.28 -12.03
N ILE A 36 9.32 13.21 -11.49
CA ILE A 36 9.18 11.95 -12.21
C ILE A 36 7.97 11.98 -13.15
N ALA A 37 6.87 12.58 -12.69
CA ALA A 37 5.62 12.61 -13.45
C ALA A 37 5.82 13.18 -14.86
N PRO A 38 6.43 14.37 -15.03
CA PRO A 38 6.66 14.97 -16.36
C PRO A 38 7.67 14.18 -17.17
N LYS A 39 8.56 13.47 -16.48
CA LYS A 39 9.59 12.67 -17.13
C LYS A 39 8.95 11.48 -17.84
N ILE A 40 8.01 10.82 -17.18
CA ILE A 40 7.32 9.68 -17.75
C ILE A 40 6.21 10.13 -18.68
N GLY A 41 5.52 11.19 -18.31
CA GLY A 41 4.40 11.68 -19.07
C GLY A 41 3.09 11.28 -18.45
N CYS A 42 2.93 11.61 -17.17
CA CYS A 42 1.76 11.23 -16.41
C CYS A 42 1.40 12.30 -15.38
N THR A 43 0.13 12.36 -15.04
CA THR A 43 -0.34 13.28 -14.02
C THR A 43 0.26 12.92 -12.65
N PRO A 44 0.83 13.91 -11.94
CA PRO A 44 1.46 13.68 -10.62
C PRO A 44 0.52 12.98 -9.64
N GLU A 45 -0.75 13.40 -9.64
CA GLU A 45 -1.74 12.82 -8.74
C GLU A 45 -2.03 11.36 -9.12
N THR A 46 -1.95 11.05 -10.41
CA THR A 46 -2.12 9.68 -10.89
C THR A 46 -0.97 8.81 -10.42
N LEU A 47 0.23 9.38 -10.41
CA LEU A 47 1.41 8.69 -9.92
C LEU A 47 1.23 8.35 -8.44
N ARG A 48 0.62 9.27 -7.70
CA ARG A 48 0.26 9.04 -6.31
C ARG A 48 -0.67 7.84 -6.19
N VAL A 49 -1.67 7.79 -7.07
CA VAL A 49 -2.64 6.70 -7.09
C VAL A 49 -1.95 5.37 -7.31
N TRP A 50 -0.98 5.36 -8.22
CA TRP A 50 -0.23 4.15 -8.53
C TRP A 50 0.54 3.65 -7.30
N VAL A 51 1.17 4.58 -6.60
CA VAL A 51 1.90 4.24 -5.39
C VAL A 51 0.92 3.79 -4.30
N ARG A 52 -0.20 4.50 -4.20
CA ARG A 52 -1.23 4.17 -3.22
C ARG A 52 -1.74 2.74 -3.43
N GLN A 53 -2.10 2.44 -4.68
CA GLN A 53 -2.59 1.11 -5.03
C GLN A 53 -1.54 0.07 -4.71
N HIS A 54 -0.30 0.35 -5.12
CA HIS A 54 0.82 -0.56 -4.91
C HIS A 54 1.00 -0.88 -3.43
N GLU A 55 0.84 0.11 -2.59
CA GLU A 55 1.09 -0.06 -1.16
C GLU A 55 -0.15 -0.61 -0.44
N ARG A 56 -1.33 -0.11 -0.80
CA ARG A 56 -2.58 -0.56 -0.16
C ARG A 56 -2.86 -2.03 -0.42
N ASP A 57 -2.63 -2.46 -1.66
CA ASP A 57 -2.97 -3.82 -2.05
C ASP A 57 -1.96 -4.81 -1.51
N THR A 58 -0.78 -4.32 -1.16
CA THR A 58 0.26 -5.15 -0.57
C THR A 58 0.06 -5.25 0.94
N GLY A 59 -0.45 -6.39 1.39
CA GLY A 59 -0.66 -6.59 2.81
C GLY A 59 0.64 -6.65 3.58
N GLY A 60 0.55 -6.47 4.89
CA GLY A 60 1.74 -6.49 5.71
C GLY A 60 1.60 -7.39 6.95
N ASP A 61 0.36 -7.77 7.26
CA ASP A 61 0.11 -8.59 8.44
C ASP A 61 0.47 -10.05 8.18
N ASP A 62 0.95 -10.33 6.99
CA ASP A 62 1.38 -11.68 6.64
C ASP A 62 2.75 -11.97 7.23
N GLY A 63 3.38 -10.93 7.78
CA GLY A 63 4.67 -11.09 8.42
C GLY A 63 5.81 -10.94 7.43
N GLY A 64 6.18 -9.70 7.15
CA GLY A 64 7.26 -9.44 6.23
C GLY A 64 8.61 -9.73 6.83
N LEU A 65 9.33 -10.69 6.23
CA LEU A 65 10.68 -11.09 6.68
C LEU A 65 10.63 -11.82 8.02
N THR A 66 11.07 -13.06 8.02
CA THR A 66 11.10 -13.85 9.23
C THR A 66 12.44 -13.70 9.94
N THR A 67 13.45 -13.31 9.17
CA THR A 67 14.81 -13.18 9.69
C THR A 67 14.95 -11.96 10.62
N ALA A 68 14.08 -10.97 10.44
CA ALA A 68 14.14 -9.76 11.24
C ALA A 68 13.09 -9.79 12.34
N GLU A 69 13.39 -10.50 13.41
CA GLU A 69 12.44 -10.65 14.51
C GLU A 69 12.66 -9.62 15.60
N ARG A 70 11.57 -9.33 16.31
CA ARG A 70 11.54 -8.33 17.38
C ARG A 70 11.95 -6.93 16.88
N GLN A 71 12.10 -6.80 15.57
CA GLN A 71 12.34 -5.50 14.94
C GLN A 71 11.00 -4.78 14.80
N ARG A 72 9.94 -5.55 15.00
CA ARG A 72 8.59 -5.05 14.97
C ARG A 72 7.97 -5.13 16.36
N LEU A 73 7.23 -4.11 16.74
CA LEU A 73 6.63 -4.08 18.07
C LEU A 73 5.41 -4.98 18.14
N LYS A 74 5.56 -6.12 18.79
CA LYS A 74 4.45 -7.06 18.93
C LYS A 74 3.84 -6.96 20.32
N GLU A 75 3.09 -5.88 20.54
CA GLU A 75 2.38 -5.65 21.81
C GLU A 75 1.39 -4.49 21.64
N PRO A 76 0.13 -4.71 22.04
CA PRO A 76 -0.88 -3.65 22.06
C PRO A 76 -0.50 -2.55 23.06
N GLU A 77 0.00 -2.97 24.22
CA GLU A 77 0.44 -2.05 25.24
C GLU A 77 1.95 -1.88 25.18
N ARG A 78 2.38 -0.73 24.69
CA ARG A 78 3.79 -0.41 24.63
C ARG A 78 4.01 1.03 25.07
N GLU A 79 3.50 1.96 24.27
CA GLU A 79 3.66 3.38 24.54
C GLU A 79 2.37 4.12 24.25
N ASN A 80 1.87 4.84 25.25
CA ASN A 80 0.69 5.66 25.07
C ASN A 80 1.00 7.08 25.51
N ARG A 81 0.47 8.04 24.77
CA ARG A 81 0.69 9.44 25.10
C ARG A 81 -0.32 9.93 26.12
N GLU A 82 0.12 10.81 26.99
CA GLU A 82 -0.74 11.37 28.03
C GLU A 82 -1.84 12.24 27.42
N LEU A 83 -2.99 12.28 28.06
CA LEU A 83 -4.07 13.14 27.63
C LEU A 83 -3.69 14.59 27.93
N ARG A 84 -3.10 14.79 29.09
CA ARG A 84 -2.54 16.08 29.44
C ARG A 84 -1.06 16.13 29.03
N ARG A 85 -0.82 16.42 27.76
CA ARG A 85 0.54 16.49 27.26
C ARG A 85 1.17 17.83 27.63
N SER A 86 0.66 18.91 27.05
CA SER A 86 1.17 20.24 27.33
C SER A 86 0.22 20.98 28.26
N ASN A 87 -1.05 20.55 28.26
CA ASN A 87 -2.07 21.22 29.06
C ASN A 87 -2.28 20.46 30.37
N ASP A 88 -2.90 21.13 31.33
CA ASP A 88 -3.28 20.48 32.58
C ASP A 88 -4.79 20.51 32.73
N ILE A 89 -5.42 21.45 32.04
CA ILE A 89 -6.87 21.56 32.02
C ILE A 89 -7.44 20.82 30.83
N LEU A 90 -8.06 19.69 31.10
CA LEU A 90 -8.70 18.90 30.06
C LEU A 90 -10.20 19.18 30.08
N ARG A 91 -10.77 19.14 31.26
CA ARG A 91 -12.18 19.44 31.45
C ARG A 91 -12.35 20.85 31.97
N LEU A 92 -13.16 21.64 31.29
CA LEU A 92 -13.46 23.00 31.73
C LEU A 92 -14.57 22.96 32.77
N ALA A 93 -15.45 22.00 32.61
CA ALA A 93 -16.54 21.79 33.55
C ALA A 93 -16.94 20.32 33.57
N SER A 94 -17.57 19.90 34.65
CA SER A 94 -18.10 18.55 34.75
C SER A 94 -19.62 18.59 34.82
N ALA A 95 -20.20 19.56 34.11
CA ALA A 95 -21.64 19.76 34.12
C ALA A 95 -22.34 18.81 33.17
N TYR A 96 -23.18 17.95 33.71
CA TYR A 96 -23.94 17.00 32.91
C TYR A 96 -25.22 17.66 32.42
N PHE A 97 -25.30 17.86 31.11
CA PHE A 97 -26.40 18.58 30.49
C PHE A 97 -27.73 17.86 30.68
N ALA A 98 -27.83 16.65 30.14
CA ALA A 98 -29.07 15.88 30.15
C ALA A 98 -30.20 16.68 29.50
N LYS A 99 -30.08 16.87 28.19
CA LYS A 99 -30.99 17.73 27.44
C LYS A 99 -30.61 17.74 25.96
N ALA A 100 -29.35 17.44 25.69
CA ALA A 100 -28.80 17.59 24.35
C ALA A 100 -28.67 16.25 23.63
N GLU A 101 -28.03 16.28 22.48
CA GLU A 101 -27.84 15.09 21.66
C GLU A 101 -26.78 14.18 22.25
N PHE A 102 -25.86 14.76 23.00
CA PHE A 102 -24.68 14.04 23.45
C PHE A 102 -24.95 13.19 24.68
N ASP A 103 -25.91 13.58 25.51
CA ASP A 103 -26.24 12.80 26.69
C ASP A 103 -27.07 11.57 26.33
N ARG A 104 -28.36 11.78 26.05
CA ARG A 104 -29.25 10.69 25.65
C ARG A 104 -30.68 11.17 25.49
N LEU A 105 -30.99 12.34 26.02
CA LEU A 105 -32.37 12.80 26.09
C LEU A 105 -32.85 13.42 24.77
N TRP A 106 -31.98 13.48 23.78
CA TRP A 106 -32.40 13.90 22.45
C TRP A 106 -32.95 12.68 21.72
N LYS A 107 -34.26 12.48 21.85
CA LYS A 107 -34.92 11.31 21.30
C LYS A 107 -35.83 11.71 20.15
N LYS A 108 -36.37 12.91 20.23
CA LYS A 108 -37.35 13.38 19.27
C LYS A 108 -36.67 13.83 17.98
N MET A 1 -1.81 -2.70 -33.87
CA MET A 1 -1.88 -1.66 -32.82
C MET A 1 -3.22 -0.95 -32.90
N THR A 2 -3.42 0.03 -32.01
CA THR A 2 -4.63 0.82 -31.97
C THR A 2 -5.82 -0.02 -31.53
N LYS A 3 -5.96 -0.17 -30.22
CA LYS A 3 -7.11 -0.84 -29.63
C LYS A 3 -7.56 -0.06 -28.40
N ASN A 4 -6.74 -0.14 -27.36
CA ASN A 4 -6.92 0.61 -26.13
C ASN A 4 -5.65 0.52 -25.29
N THR A 5 -5.03 1.65 -25.04
CA THR A 5 -3.76 1.68 -24.34
C THR A 5 -3.95 1.40 -22.85
N ARG A 6 -3.65 0.17 -22.46
CA ARG A 6 -3.65 -0.21 -21.06
C ARG A 6 -2.29 0.10 -20.46
N PHE A 7 -2.26 0.53 -19.21
CA PHE A 7 -0.99 0.80 -18.55
C PHE A 7 -0.17 -0.47 -18.46
N SER A 8 0.94 -0.50 -19.18
CA SER A 8 1.83 -1.64 -19.18
C SER A 8 2.28 -1.96 -17.75
N PRO A 9 2.09 -3.22 -17.33
CA PRO A 9 2.38 -3.65 -15.96
C PRO A 9 3.78 -3.23 -15.49
N GLU A 10 4.80 -3.64 -16.23
CA GLU A 10 6.17 -3.35 -15.86
C GLU A 10 6.42 -1.84 -15.82
N VAL A 11 5.98 -1.14 -16.86
CA VAL A 11 6.20 0.30 -16.95
C VAL A 11 5.59 1.03 -15.75
N ARG A 12 4.36 0.68 -15.43
CA ARG A 12 3.65 1.29 -14.31
C ARG A 12 4.35 1.02 -12.99
N GLN A 13 4.68 -0.24 -12.76
CA GLN A 13 5.20 -0.67 -11.47
C GLN A 13 6.69 -0.35 -11.32
N ARG A 14 7.40 -0.29 -12.44
CA ARG A 14 8.80 0.10 -12.43
C ARG A 14 8.93 1.60 -12.21
N ALA A 15 7.93 2.34 -12.69
CA ALA A 15 7.86 3.77 -12.44
C ALA A 15 7.80 4.02 -10.94
N VAL A 16 6.87 3.34 -10.27
CA VAL A 16 6.75 3.42 -8.82
C VAL A 16 8.04 2.94 -8.13
N ARG A 17 8.64 1.91 -8.70
CA ARG A 17 9.89 1.37 -8.19
C ARG A 17 10.99 2.44 -8.24
N MET A 18 11.03 3.17 -9.34
CA MET A 18 12.04 4.22 -9.54
C MET A 18 11.70 5.44 -8.67
N VAL A 19 10.43 5.60 -8.34
CA VAL A 19 10.01 6.62 -7.37
C VAL A 19 10.68 6.35 -6.03
N LEU A 20 10.76 5.08 -5.66
CA LEU A 20 11.41 4.67 -4.43
C LEU A 20 12.92 4.89 -4.53
N GLU A 21 13.47 4.59 -5.69
CA GLU A 21 14.90 4.80 -5.95
C GLU A 21 15.24 6.30 -5.81
N SER A 22 14.31 7.14 -6.25
CA SER A 22 14.47 8.58 -6.14
C SER A 22 14.08 9.07 -4.74
N GLN A 23 13.34 8.24 -4.01
CA GLN A 23 12.95 8.55 -2.63
C GLN A 23 14.19 8.54 -1.75
N GLY A 24 15.14 7.69 -2.09
CA GLY A 24 16.42 7.66 -1.39
C GLY A 24 17.34 8.79 -1.82
N GLU A 25 16.80 10.00 -1.83
CA GLU A 25 17.53 11.20 -2.20
C GLU A 25 16.73 12.43 -1.77
N TYR A 26 15.51 12.53 -2.27
CA TYR A 26 14.63 13.63 -1.89
C TYR A 26 14.14 13.45 -0.47
N ASP A 27 13.89 14.56 0.21
CA ASP A 27 13.38 14.54 1.58
C ASP A 27 11.87 14.34 1.58
N SER A 28 11.25 14.60 0.45
CA SER A 28 9.81 14.45 0.31
C SER A 28 9.47 13.68 -0.95
N GLN A 29 8.67 12.64 -0.80
CA GLN A 29 8.28 11.78 -1.90
C GLN A 29 7.39 12.54 -2.88
N TRP A 30 6.68 13.53 -2.37
CA TRP A 30 5.79 14.35 -3.19
C TRP A 30 6.59 15.12 -4.25
N ALA A 31 7.80 15.54 -3.88
CA ALA A 31 8.68 16.23 -4.82
C ALA A 31 9.15 15.27 -5.90
N THR A 32 9.44 14.04 -5.48
CA THR A 32 9.81 12.98 -6.40
C THR A 32 8.71 12.75 -7.43
N ILE A 33 7.47 12.68 -6.95
CA ILE A 33 6.31 12.51 -7.81
C ILE A 33 6.24 13.62 -8.87
N CYS A 34 6.40 14.85 -8.41
CA CYS A 34 6.29 16.03 -9.27
C CYS A 34 7.49 16.14 -10.22
N SER A 35 8.50 15.31 -10.03
CA SER A 35 9.67 15.33 -10.88
C SER A 35 9.58 14.27 -11.97
N ILE A 36 8.96 13.15 -11.64
CA ILE A 36 8.87 12.01 -12.55
C ILE A 36 7.65 12.12 -13.47
N ALA A 37 6.58 12.73 -12.95
CA ALA A 37 5.34 12.87 -13.70
C ALA A 37 5.55 13.59 -15.05
N PRO A 38 6.16 14.80 -15.07
CA PRO A 38 6.42 15.52 -16.32
C PRO A 38 7.46 14.83 -17.19
N LYS A 39 8.24 13.93 -16.58
CA LYS A 39 9.25 13.18 -17.31
C LYS A 39 8.56 12.15 -18.19
N ILE A 40 7.70 11.34 -17.58
CA ILE A 40 6.97 10.31 -18.31
C ILE A 40 5.89 10.95 -19.18
N GLY A 41 5.31 12.03 -18.66
CA GLY A 41 4.25 12.70 -19.38
C GLY A 41 2.89 12.27 -18.87
N CYS A 42 2.73 12.33 -17.56
CA CYS A 42 1.49 11.91 -16.93
C CYS A 42 1.13 12.83 -15.77
N THR A 43 -0.05 12.65 -15.21
CA THR A 43 -0.52 13.47 -14.11
C THR A 43 0.09 13.01 -12.79
N PRO A 44 0.67 13.95 -12.02
CA PRO A 44 1.31 13.65 -10.73
C PRO A 44 0.36 12.96 -9.76
N GLU A 45 -0.91 13.36 -9.79
CA GLU A 45 -1.93 12.73 -8.96
C GLU A 45 -2.00 11.24 -9.23
N THR A 46 -2.02 10.89 -10.52
CA THR A 46 -2.12 9.50 -10.94
C THR A 46 -0.90 8.71 -10.49
N LEU A 47 0.26 9.35 -10.55
CA LEU A 47 1.50 8.73 -10.11
C LEU A 47 1.42 8.44 -8.61
N ARG A 48 0.86 9.38 -7.86
CA ARG A 48 0.64 9.19 -6.44
C ARG A 48 -0.39 8.09 -6.19
N VAL A 49 -1.38 8.00 -7.07
CA VAL A 49 -2.40 6.95 -6.99
C VAL A 49 -1.76 5.57 -7.09
N TRP A 50 -0.84 5.40 -8.04
CA TRP A 50 -0.15 4.12 -8.20
C TRP A 50 0.64 3.77 -6.95
N VAL A 51 1.26 4.78 -6.35
CA VAL A 51 2.02 4.59 -5.12
C VAL A 51 1.08 4.23 -3.97
N ARG A 52 0.02 5.03 -3.80
CA ARG A 52 -0.94 4.80 -2.72
C ARG A 52 -1.68 3.48 -2.90
N GLN A 53 -1.89 3.09 -4.15
CA GLN A 53 -2.52 1.80 -4.44
C GLN A 53 -1.65 0.68 -3.89
N HIS A 54 -0.34 0.80 -4.06
CA HIS A 54 0.60 -0.18 -3.51
C HIS A 54 0.78 0.05 -2.01
N GLU A 55 0.57 1.27 -1.59
CA GLU A 55 0.62 1.65 -0.17
C GLU A 55 -0.45 0.86 0.60
N ARG A 56 -1.55 0.58 -0.07
CA ARG A 56 -2.61 -0.27 0.47
C ARG A 56 -2.40 -1.73 0.06
N ASP A 57 -1.83 -1.93 -1.13
CA ASP A 57 -1.69 -3.26 -1.71
C ASP A 57 -0.80 -4.17 -0.86
N THR A 58 0.15 -3.57 -0.14
CA THR A 58 0.99 -4.33 0.78
C THR A 58 0.11 -4.99 1.85
N GLY A 59 -0.15 -6.27 1.66
CA GLY A 59 -1.09 -7.00 2.49
C GLY A 59 -2.28 -7.45 1.67
N GLY A 60 -3.43 -6.83 1.92
CA GLY A 60 -4.61 -7.08 1.12
C GLY A 60 -5.02 -8.54 1.06
N ASP A 61 -4.73 -9.19 -0.06
CA ASP A 61 -5.08 -10.58 -0.25
C ASP A 61 -3.84 -11.38 -0.63
N ASP A 62 -3.70 -12.57 -0.08
CA ASP A 62 -2.47 -13.34 -0.23
C ASP A 62 -2.46 -14.16 -1.51
N GLY A 63 -2.02 -13.53 -2.59
CA GLY A 63 -1.75 -14.25 -3.84
C GLY A 63 -2.99 -14.83 -4.51
N GLY A 64 -4.16 -14.46 -4.02
CA GLY A 64 -5.39 -14.98 -4.59
C GLY A 64 -5.67 -16.41 -4.15
N LEU A 65 -4.85 -16.91 -3.25
CA LEU A 65 -4.99 -18.27 -2.76
C LEU A 65 -5.21 -18.28 -1.26
N THR A 66 -6.46 -18.45 -0.87
CA THR A 66 -6.83 -18.45 0.54
C THR A 66 -7.47 -19.81 0.89
N THR A 67 -6.98 -20.85 0.24
CA THR A 67 -7.51 -22.20 0.40
C THR A 67 -8.96 -22.26 -0.11
N ALA A 68 -9.11 -22.40 -1.41
CA ALA A 68 -10.41 -22.37 -2.06
C ALA A 68 -10.30 -22.75 -3.53
N GLU A 69 -9.56 -21.95 -4.29
CA GLU A 69 -9.39 -22.19 -5.71
C GLU A 69 -8.04 -21.69 -6.21
N ARG A 70 -7.31 -22.60 -6.83
CA ARG A 70 -6.09 -22.25 -7.54
C ARG A 70 -6.50 -21.66 -8.90
N GLN A 71 -6.29 -20.36 -9.06
CA GLN A 71 -6.82 -19.65 -10.21
C GLN A 71 -6.31 -20.22 -11.52
N ARG A 72 -7.22 -20.84 -12.27
CA ARG A 72 -6.89 -21.40 -13.57
C ARG A 72 -7.95 -21.03 -14.60
N LEU A 73 -7.63 -20.02 -15.39
CA LEU A 73 -8.48 -19.62 -16.48
C LEU A 73 -7.64 -19.02 -17.59
N LYS A 74 -7.33 -19.84 -18.59
CA LYS A 74 -6.58 -19.39 -19.75
C LYS A 74 -7.45 -19.50 -20.97
N GLU A 75 -7.73 -18.36 -21.60
CA GLU A 75 -8.63 -18.28 -22.75
C GLU A 75 -10.03 -18.76 -22.35
N PRO A 76 -10.84 -17.84 -21.79
CA PRO A 76 -12.19 -18.18 -21.28
C PRO A 76 -13.20 -18.44 -22.40
N GLU A 77 -14.47 -18.57 -22.02
CA GLU A 77 -15.52 -18.88 -22.97
C GLU A 77 -16.02 -17.62 -23.68
N ARG A 78 -15.19 -17.10 -24.57
CA ARG A 78 -15.59 -15.97 -25.40
C ARG A 78 -16.19 -16.51 -26.69
N GLU A 79 -17.45 -16.90 -26.60
CA GLU A 79 -18.07 -17.71 -27.65
C GLU A 79 -18.93 -16.86 -28.59
N ASN A 80 -20.17 -16.63 -28.19
CA ASN A 80 -21.14 -15.98 -29.07
C ASN A 80 -21.23 -14.49 -28.78
N ARG A 81 -20.67 -13.69 -29.68
CA ARG A 81 -20.77 -12.25 -29.58
C ARG A 81 -21.80 -11.71 -30.57
N GLU A 82 -22.24 -12.58 -31.48
CA GLU A 82 -23.13 -12.18 -32.54
C GLU A 82 -24.59 -12.28 -32.10
N LEU A 83 -25.01 -11.32 -31.29
CA LEU A 83 -26.40 -11.27 -30.83
C LEU A 83 -27.27 -10.63 -31.90
N ARG A 84 -27.61 -11.41 -32.91
CA ARG A 84 -28.36 -10.93 -34.06
C ARG A 84 -28.97 -12.10 -34.81
N ARG A 85 -30.05 -12.64 -34.28
CA ARG A 85 -30.70 -13.78 -34.89
C ARG A 85 -31.69 -13.29 -35.96
N SER A 86 -31.14 -12.70 -37.00
CA SER A 86 -31.93 -12.12 -38.07
C SER A 86 -31.11 -12.11 -39.35
N ASN A 87 -31.52 -12.91 -40.31
CA ASN A 87 -30.82 -12.96 -41.59
C ASN A 87 -31.36 -11.88 -42.52
N ASP A 88 -30.96 -10.64 -42.26
CA ASP A 88 -31.35 -9.52 -43.10
C ASP A 88 -30.68 -9.64 -44.47
N ILE A 89 -31.51 -9.70 -45.50
CA ILE A 89 -31.01 -9.92 -46.85
C ILE A 89 -31.05 -8.63 -47.66
N LEU A 90 -30.40 -8.68 -48.81
CA LEU A 90 -30.41 -7.59 -49.76
C LEU A 90 -30.85 -8.11 -51.12
N ARG A 91 -30.91 -7.24 -52.11
CA ARG A 91 -31.27 -7.66 -53.46
C ARG A 91 -30.09 -8.35 -54.14
N LEU A 92 -30.39 -9.39 -54.91
CA LEU A 92 -29.38 -10.06 -55.69
C LEU A 92 -29.02 -9.21 -56.89
N ALA A 93 -27.72 -9.08 -57.15
CA ALA A 93 -27.20 -8.17 -58.18
C ALA A 93 -27.44 -6.71 -57.79
N SER A 94 -26.70 -5.80 -58.43
CA SER A 94 -26.82 -4.37 -58.18
C SER A 94 -26.42 -4.01 -56.75
N ALA A 95 -25.13 -3.77 -56.55
CA ALA A 95 -24.64 -3.32 -55.26
C ALA A 95 -25.10 -1.90 -54.99
N TYR A 96 -25.32 -1.57 -53.73
CA TYR A 96 -25.79 -0.24 -53.37
C TYR A 96 -24.61 0.72 -53.34
N PHE A 97 -23.88 0.72 -52.23
CA PHE A 97 -22.73 1.58 -52.04
C PHE A 97 -22.17 1.37 -50.64
N ALA A 98 -20.85 1.33 -50.54
CA ALA A 98 -20.20 1.24 -49.24
C ALA A 98 -20.27 2.59 -48.55
N LYS A 99 -21.23 2.72 -47.64
CA LYS A 99 -21.53 4.00 -47.01
C LYS A 99 -20.57 4.25 -45.85
N ALA A 100 -19.89 3.19 -45.42
CA ALA A 100 -18.90 3.31 -44.36
C ALA A 100 -17.73 4.19 -44.80
N GLU A 101 -17.51 4.23 -46.11
CA GLU A 101 -16.44 5.03 -46.68
C GLU A 101 -17.00 6.21 -47.47
N PHE A 102 -16.60 7.41 -47.10
CA PHE A 102 -17.04 8.61 -47.81
C PHE A 102 -16.49 8.61 -49.25
N ASP A 103 -15.32 7.99 -49.40
CA ASP A 103 -14.69 7.83 -50.69
C ASP A 103 -13.93 6.51 -50.69
N ARG A 104 -13.80 5.90 -51.86
CA ARG A 104 -13.21 4.57 -51.96
C ARG A 104 -11.75 4.58 -51.55
N LEU A 105 -11.43 3.86 -50.49
CA LEU A 105 -10.06 3.74 -50.02
C LEU A 105 -9.26 2.83 -50.95
N TRP A 106 -8.02 3.18 -51.18
CA TRP A 106 -7.15 2.36 -52.03
C TRP A 106 -6.53 1.25 -51.21
N LYS A 107 -7.01 0.03 -51.42
CA LYS A 107 -6.54 -1.14 -50.70
C LYS A 107 -5.11 -1.47 -51.08
N LYS A 108 -4.77 -1.22 -52.35
CA LYS A 108 -3.42 -1.47 -52.85
C LYS A 108 -3.22 -0.78 -54.20
N MET A 1 -4.98 0.92 -36.53
CA MET A 1 -4.94 0.25 -35.20
C MET A 1 -5.27 1.22 -34.08
N THR A 2 -4.76 2.45 -34.19
CA THR A 2 -5.00 3.50 -33.19
C THR A 2 -4.22 3.24 -31.89
N LYS A 3 -4.31 2.02 -31.39
CA LYS A 3 -3.59 1.63 -30.19
C LYS A 3 -2.11 1.40 -30.50
N ASN A 4 -1.36 2.48 -30.56
CA ASN A 4 0.07 2.40 -30.79
C ASN A 4 0.79 2.36 -29.44
N THR A 5 0.23 3.06 -28.48
CA THR A 5 0.75 3.09 -27.13
C THR A 5 -0.06 2.16 -26.25
N ARG A 6 0.50 1.79 -25.10
CA ARG A 6 -0.18 0.87 -24.19
C ARG A 6 0.27 1.13 -22.76
N PHE A 7 -0.68 1.42 -21.88
CA PHE A 7 -0.36 1.60 -20.47
C PHE A 7 -0.36 0.26 -19.76
N SER A 8 0.77 -0.42 -19.84
CA SER A 8 0.95 -1.69 -19.18
C SER A 8 1.16 -1.48 -17.68
N PRO A 9 0.71 -2.43 -16.84
CA PRO A 9 0.95 -2.38 -15.39
C PRO A 9 2.44 -2.28 -15.06
N GLU A 10 3.27 -2.67 -16.02
CA GLU A 10 4.71 -2.58 -15.90
C GLU A 10 5.13 -1.12 -15.75
N VAL A 11 4.41 -0.23 -16.41
CA VAL A 11 4.70 1.20 -16.34
C VAL A 11 4.45 1.71 -14.91
N ARG A 12 3.36 1.24 -14.31
CA ARG A 12 3.04 1.56 -12.94
C ARG A 12 4.12 1.04 -12.00
N GLN A 13 4.61 -0.16 -12.30
CA GLN A 13 5.65 -0.78 -11.48
C GLN A 13 6.95 -0.01 -11.58
N ARG A 14 7.29 0.43 -12.80
CA ARG A 14 8.47 1.27 -13.01
C ARG A 14 8.35 2.54 -12.17
N ALA A 15 7.17 3.16 -12.23
CA ALA A 15 6.90 4.40 -11.53
C ALA A 15 7.18 4.28 -10.04
N VAL A 16 6.63 3.24 -9.43
CA VAL A 16 6.79 3.02 -8.00
C VAL A 16 8.28 2.92 -7.64
N ARG A 17 9.02 2.18 -8.45
CA ARG A 17 10.45 2.00 -8.20
C ARG A 17 11.19 3.32 -8.36
N MET A 18 10.85 4.08 -9.40
CA MET A 18 11.47 5.38 -9.64
C MET A 18 11.20 6.33 -8.48
N VAL A 19 9.97 6.32 -7.98
CA VAL A 19 9.61 7.14 -6.83
C VAL A 19 10.45 6.78 -5.62
N LEU A 20 10.59 5.49 -5.36
CA LEU A 20 11.37 5.03 -4.22
C LEU A 20 12.84 5.44 -4.35
N GLU A 21 13.41 5.18 -5.52
CA GLU A 21 14.82 5.48 -5.77
C GLU A 21 15.08 6.98 -5.65
N SER A 22 14.19 7.79 -6.23
CA SER A 22 14.33 9.23 -6.18
C SER A 22 13.98 9.77 -4.78
N GLN A 23 13.17 9.01 -4.05
CA GLN A 23 12.81 9.38 -2.67
C GLN A 23 14.05 9.33 -1.79
N GLY A 24 14.98 8.45 -2.14
CA GLY A 24 16.25 8.38 -1.44
C GLY A 24 17.19 9.50 -1.84
N GLU A 25 16.81 10.25 -2.87
CA GLU A 25 17.60 11.39 -3.33
C GLU A 25 17.03 12.70 -2.79
N TYR A 26 15.75 12.93 -3.05
CA TYR A 26 15.09 14.16 -2.65
C TYR A 26 14.83 14.21 -1.16
N ASP A 27 14.55 15.40 -0.65
CA ASP A 27 14.22 15.58 0.75
C ASP A 27 12.72 15.40 0.95
N SER A 28 12.00 15.29 -0.16
CA SER A 28 10.56 15.17 -0.12
C SER A 28 10.07 14.13 -1.13
N GLN A 29 9.20 13.26 -0.67
CA GLN A 29 8.54 12.29 -1.53
C GLN A 29 7.56 13.01 -2.45
N TRP A 30 7.06 14.14 -1.94
CA TRP A 30 6.12 14.97 -2.68
C TRP A 30 6.82 15.54 -3.91
N ALA A 31 7.99 16.14 -3.68
CA ALA A 31 8.80 16.68 -4.76
C ALA A 31 9.27 15.58 -5.70
N THR A 32 9.42 14.38 -5.14
CA THR A 32 9.79 13.22 -5.93
C THR A 32 8.71 12.91 -6.96
N ILE A 33 7.47 12.75 -6.50
CA ILE A 33 6.34 12.47 -7.37
C ILE A 33 6.20 13.54 -8.45
N CYS A 34 6.39 14.79 -8.05
CA CYS A 34 6.31 15.93 -8.95
C CYS A 34 7.35 15.83 -10.06
N SER A 35 8.46 15.16 -9.77
CA SER A 35 9.56 15.05 -10.72
C SER A 35 9.49 13.74 -11.52
N ILE A 36 8.70 12.79 -11.03
CA ILE A 36 8.55 11.50 -11.72
C ILE A 36 7.48 11.62 -12.81
N ALA A 37 6.58 12.58 -12.64
CA ALA A 37 5.53 12.83 -13.62
C ALA A 37 6.10 13.06 -15.03
N PRO A 38 7.07 14.00 -15.21
CA PRO A 38 7.67 14.28 -16.51
C PRO A 38 8.78 13.28 -16.85
N LYS A 39 8.93 12.26 -16.02
CA LYS A 39 9.91 11.21 -16.24
C LYS A 39 9.32 10.09 -17.08
N ILE A 40 8.02 9.90 -16.95
CA ILE A 40 7.32 8.87 -17.71
C ILE A 40 6.41 9.51 -18.75
N GLY A 41 5.74 10.59 -18.37
CA GLY A 41 4.77 11.22 -19.26
C GLY A 41 3.38 11.18 -18.68
N CYS A 42 3.29 11.31 -17.37
CA CYS A 42 2.03 11.28 -16.67
C CYS A 42 1.92 12.48 -15.75
N THR A 43 0.77 12.66 -15.12
CA THR A 43 0.59 13.76 -14.19
C THR A 43 0.93 13.32 -12.77
N PRO A 44 1.27 14.26 -11.88
CA PRO A 44 1.58 13.96 -10.48
C PRO A 44 0.43 13.24 -9.78
N GLU A 45 -0.78 13.45 -10.29
CA GLU A 45 -1.97 12.79 -9.76
C GLU A 45 -1.87 11.28 -9.97
N THR A 46 -1.45 10.89 -11.16
CA THR A 46 -1.37 9.48 -11.54
C THR A 46 -0.40 8.72 -10.64
N LEU A 47 0.75 9.34 -10.37
CA LEU A 47 1.77 8.71 -9.52
C LEU A 47 1.23 8.43 -8.13
N ARG A 48 0.50 9.40 -7.58
CA ARG A 48 -0.06 9.26 -6.23
C ARG A 48 -0.95 8.03 -6.14
N VAL A 49 -1.81 7.86 -7.12
CA VAL A 49 -2.72 6.74 -7.15
C VAL A 49 -1.97 5.43 -7.29
N TRP A 50 -0.96 5.42 -8.17
CA TRP A 50 -0.15 4.23 -8.40
C TRP A 50 0.57 3.79 -7.14
N VAL A 51 1.12 4.74 -6.39
CA VAL A 51 1.80 4.44 -5.14
C VAL A 51 0.83 3.82 -4.13
N ARG A 52 -0.36 4.41 -4.03
CA ARG A 52 -1.36 3.93 -3.09
C ARG A 52 -1.86 2.55 -3.49
N GLN A 53 -1.88 2.28 -4.79
CA GLN A 53 -2.25 0.96 -5.29
C GLN A 53 -1.23 -0.09 -4.89
N HIS A 54 0.04 0.32 -4.85
CA HIS A 54 1.11 -0.58 -4.41
C HIS A 54 1.03 -0.77 -2.90
N GLU A 55 0.47 0.22 -2.22
CA GLU A 55 0.25 0.15 -0.78
C GLU A 55 -0.76 -0.97 -0.49
N ARG A 56 -1.86 -0.98 -1.23
CA ARG A 56 -2.88 -2.01 -1.07
C ARG A 56 -2.38 -3.38 -1.53
N ASP A 57 -1.39 -3.38 -2.42
CA ASP A 57 -0.81 -4.62 -2.91
C ASP A 57 -0.39 -5.54 -1.78
N THR A 58 0.28 -4.97 -0.78
CA THR A 58 0.73 -5.74 0.36
C THR A 58 -0.21 -5.55 1.55
N GLY A 59 -0.77 -4.35 1.69
CA GLY A 59 -1.65 -4.06 2.79
C GLY A 59 -3.05 -4.62 2.60
N GLY A 60 -3.90 -3.84 1.94
CA GLY A 60 -5.29 -4.25 1.74
C GLY A 60 -5.46 -5.19 0.56
N ASP A 61 -4.96 -6.41 0.71
CA ASP A 61 -5.06 -7.43 -0.31
C ASP A 61 -6.51 -7.88 -0.47
N ASP A 62 -7.21 -7.94 0.67
CA ASP A 62 -8.64 -8.30 0.72
C ASP A 62 -8.86 -9.74 0.29
N GLY A 63 -8.39 -10.66 1.10
CA GLY A 63 -8.64 -12.07 0.86
C GLY A 63 -9.78 -12.58 1.71
N GLY A 64 -10.61 -13.46 1.14
CA GLY A 64 -11.77 -13.95 1.85
C GLY A 64 -11.67 -15.42 2.16
N LEU A 65 -10.44 -15.92 2.34
CA LEU A 65 -10.23 -17.30 2.69
C LEU A 65 -10.59 -17.53 4.16
N THR A 66 -10.02 -16.70 5.02
CA THR A 66 -10.40 -16.68 6.42
C THR A 66 -11.50 -15.67 6.62
N THR A 67 -12.74 -16.12 6.58
CA THR A 67 -13.89 -15.25 6.68
C THR A 67 -14.51 -15.37 8.07
N ALA A 68 -13.78 -16.02 8.96
CA ALA A 68 -14.22 -16.23 10.33
C ALA A 68 -14.41 -14.91 11.07
N GLU A 69 -15.55 -14.77 11.70
CA GLU A 69 -15.91 -13.55 12.42
C GLU A 69 -15.43 -13.63 13.87
N ARG A 70 -14.62 -12.67 14.27
CA ARG A 70 -14.15 -12.60 15.64
C ARG A 70 -13.85 -11.15 16.03
N GLN A 71 -14.26 -10.22 15.18
CA GLN A 71 -14.04 -8.81 15.43
C GLN A 71 -15.20 -8.27 16.26
N ARG A 72 -16.42 -8.52 15.78
CA ARG A 72 -17.62 -8.18 16.52
C ARG A 72 -18.02 -9.33 17.42
N LEU A 73 -17.67 -10.55 17.00
CA LEU A 73 -17.98 -11.74 17.76
C LEU A 73 -16.83 -12.04 18.70
N LYS A 74 -16.86 -11.40 19.85
CA LYS A 74 -15.85 -11.61 20.88
C LYS A 74 -16.50 -11.61 22.25
N GLU A 75 -15.92 -12.33 23.19
CA GLU A 75 -16.49 -12.46 24.51
C GLU A 75 -15.48 -12.17 25.61
N PRO A 76 -15.65 -11.03 26.31
CA PRO A 76 -14.86 -10.70 27.50
C PRO A 76 -15.21 -11.66 28.64
N GLU A 77 -16.51 -11.88 28.80
CA GLU A 77 -17.02 -12.89 29.72
C GLU A 77 -17.01 -14.24 29.03
N ARG A 78 -16.05 -15.08 29.39
CA ARG A 78 -15.76 -16.27 28.61
C ARG A 78 -15.46 -17.46 29.50
N GLU A 79 -15.43 -18.64 28.88
CA GLU A 79 -15.09 -19.86 29.57
C GLU A 79 -13.68 -20.29 29.19
N ASN A 80 -13.12 -19.57 28.21
CA ASN A 80 -11.75 -19.77 27.74
C ASN A 80 -11.62 -21.08 26.98
N ARG A 81 -10.38 -21.52 26.80
CA ARG A 81 -10.10 -22.76 26.10
C ARG A 81 -9.97 -23.92 27.07
N GLU A 82 -10.90 -24.86 27.02
CA GLU A 82 -10.79 -26.05 27.84
C GLU A 82 -10.09 -27.14 27.07
N LEU A 83 -8.79 -27.25 27.28
CA LEU A 83 -7.99 -28.31 26.69
C LEU A 83 -7.92 -29.45 27.69
N ARG A 84 -6.84 -30.24 27.65
CA ARG A 84 -6.66 -31.29 28.64
C ARG A 84 -6.10 -30.70 29.93
N ARG A 85 -5.99 -29.37 29.96
CA ARG A 85 -5.54 -28.66 31.14
C ARG A 85 -6.74 -28.40 32.05
N SER A 86 -7.41 -27.27 31.82
CA SER A 86 -8.63 -26.91 32.51
C SER A 86 -8.42 -26.80 34.04
N ASN A 87 -9.53 -26.52 34.73
CA ASN A 87 -9.55 -26.47 36.18
C ASN A 87 -10.97 -26.77 36.64
N ASP A 88 -11.80 -27.13 35.68
CA ASP A 88 -13.24 -27.26 35.89
C ASP A 88 -13.65 -28.74 35.92
N ILE A 89 -12.66 -29.61 35.98
CA ILE A 89 -12.89 -31.05 35.96
C ILE A 89 -13.31 -31.55 37.35
N LEU A 90 -14.62 -31.70 37.54
CA LEU A 90 -15.16 -32.26 38.77
C LEU A 90 -15.79 -33.62 38.47
N ARG A 91 -16.43 -34.21 39.46
CA ARG A 91 -17.12 -35.48 39.26
C ARG A 91 -18.53 -35.24 38.75
N LEU A 92 -18.99 -36.11 37.87
CA LEU A 92 -20.35 -36.05 37.31
C LEU A 92 -20.53 -34.86 36.38
N ALA A 93 -21.58 -34.91 35.57
CA ALA A 93 -21.96 -33.80 34.72
C ALA A 93 -23.27 -33.20 35.22
N SER A 94 -23.86 -32.33 34.40
CA SER A 94 -25.10 -31.63 34.76
C SER A 94 -24.87 -30.69 35.95
N ALA A 95 -24.64 -29.42 35.63
CA ALA A 95 -24.36 -28.42 36.65
C ALA A 95 -25.61 -28.17 37.50
N TYR A 96 -25.39 -27.73 38.73
CA TYR A 96 -26.50 -27.48 39.66
C TYR A 96 -27.18 -26.16 39.38
N PHE A 97 -26.75 -25.49 38.32
CA PHE A 97 -27.36 -24.23 37.93
C PHE A 97 -28.56 -24.50 37.01
N ALA A 98 -29.72 -24.68 37.61
CA ALA A 98 -30.96 -24.93 36.87
C ALA A 98 -31.60 -23.61 36.48
N LYS A 99 -30.79 -22.56 36.43
CA LYS A 99 -31.23 -21.22 36.08
C LYS A 99 -32.15 -20.64 37.15
N ALA A 100 -31.60 -20.46 38.34
CA ALA A 100 -32.28 -19.70 39.37
C ALA A 100 -31.97 -18.23 39.14
N GLU A 101 -32.95 -17.36 39.38
CA GLU A 101 -32.79 -15.95 39.06
C GLU A 101 -31.72 -15.30 39.93
N PHE A 102 -31.87 -15.43 41.25
CA PHE A 102 -31.02 -14.74 42.24
C PHE A 102 -31.19 -13.22 42.12
N ASP A 103 -30.70 -12.67 41.01
CA ASP A 103 -30.73 -11.23 40.74
C ASP A 103 -29.80 -10.47 41.68
N ARG A 104 -30.21 -10.35 42.93
CA ARG A 104 -29.48 -9.59 43.92
C ARG A 104 -29.60 -10.29 45.27
N LEU A 105 -29.00 -9.71 46.30
CA LEU A 105 -29.23 -10.17 47.66
C LEU A 105 -30.46 -9.48 48.21
N TRP A 106 -31.63 -9.96 47.81
CA TRP A 106 -32.88 -9.29 48.15
C TRP A 106 -33.95 -10.29 48.55
N LYS A 107 -34.79 -9.88 49.48
CA LYS A 107 -35.96 -10.64 49.89
C LYS A 107 -36.82 -9.74 50.77
N LYS A 108 -38.12 -9.99 50.82
CA LYS A 108 -39.00 -9.17 51.62
C LYS A 108 -39.42 -9.91 52.88
N MET A 1 -6.77 -7.37 -31.11
CA MET A 1 -6.30 -8.46 -30.22
C MET A 1 -5.54 -7.90 -29.02
N THR A 2 -5.59 -8.64 -27.91
CA THR A 2 -4.98 -8.23 -26.64
C THR A 2 -5.35 -6.79 -26.26
N LYS A 3 -4.33 -5.99 -25.95
CA LYS A 3 -4.52 -4.63 -25.44
C LYS A 3 -5.38 -4.63 -24.19
N ASN A 4 -4.78 -5.03 -23.08
CA ASN A 4 -5.44 -4.95 -21.79
C ASN A 4 -5.25 -3.54 -21.26
N THR A 5 -6.28 -2.71 -21.47
CA THR A 5 -6.19 -1.26 -21.31
C THR A 5 -5.09 -0.70 -22.21
N ARG A 6 -3.87 -0.65 -21.69
CA ARG A 6 -2.69 -0.25 -22.43
C ARG A 6 -1.48 -0.24 -21.50
N PHE A 7 -1.76 -0.16 -20.20
CA PHE A 7 -0.72 -0.14 -19.19
C PHE A 7 -0.27 -1.54 -18.85
N SER A 8 1.02 -1.80 -19.03
CA SER A 8 1.62 -3.04 -18.60
C SER A 8 1.95 -2.95 -17.12
N PRO A 9 1.86 -4.08 -16.38
CA PRO A 9 2.26 -4.14 -14.97
C PRO A 9 3.69 -3.65 -14.77
N GLU A 10 4.49 -3.74 -15.83
CA GLU A 10 5.84 -3.21 -15.83
C GLU A 10 5.83 -1.72 -15.50
N VAL A 11 5.01 -0.98 -16.25
CA VAL A 11 4.94 0.47 -16.11
C VAL A 11 4.45 0.86 -14.71
N ARG A 12 3.47 0.11 -14.21
CA ARG A 12 2.92 0.37 -12.88
C ARG A 12 4.00 0.27 -11.82
N GLN A 13 4.75 -0.83 -11.84
CA GLN A 13 5.84 -1.03 -10.89
C GLN A 13 6.96 -0.03 -11.14
N ARG A 14 7.28 0.17 -12.42
CA ARG A 14 8.36 1.07 -12.82
C ARG A 14 8.11 2.48 -12.31
N ALA A 15 6.87 2.94 -12.40
CA ALA A 15 6.49 4.27 -11.94
C ALA A 15 6.70 4.42 -10.44
N VAL A 16 6.13 3.48 -9.68
CA VAL A 16 6.24 3.52 -8.22
C VAL A 16 7.69 3.35 -7.78
N ARG A 17 8.38 2.41 -8.42
CA ARG A 17 9.80 2.18 -8.18
C ARG A 17 10.59 3.46 -8.39
N MET A 18 10.29 4.14 -9.50
CA MET A 18 10.94 5.40 -9.83
C MET A 18 10.73 6.42 -8.72
N VAL A 19 9.51 6.48 -8.21
CA VAL A 19 9.17 7.42 -7.14
C VAL A 19 9.91 7.08 -5.85
N LEU A 20 9.75 5.85 -5.39
CA LEU A 20 10.29 5.42 -4.10
C LEU A 20 11.82 5.48 -4.08
N GLU A 21 12.44 5.06 -5.17
CA GLU A 21 13.90 5.04 -5.25
C GLU A 21 14.48 6.44 -5.32
N SER A 22 13.83 7.33 -6.07
CA SER A 22 14.26 8.71 -6.15
C SER A 22 13.94 9.44 -4.84
N GLN A 23 12.89 8.97 -4.16
CA GLN A 23 12.54 9.47 -2.84
C GLN A 23 13.66 9.14 -1.86
N GLY A 24 14.37 8.05 -2.12
CA GLY A 24 15.52 7.69 -1.32
C GLY A 24 16.69 8.63 -1.55
N GLU A 25 16.76 9.19 -2.75
CA GLU A 25 17.79 10.17 -3.10
C GLU A 25 17.47 11.50 -2.43
N TYR A 26 16.19 11.79 -2.33
CA TYR A 26 15.70 12.98 -1.63
C TYR A 26 15.25 12.60 -0.22
N ASP A 27 14.38 13.44 0.35
CA ASP A 27 13.73 13.10 1.62
C ASP A 27 12.25 13.42 1.53
N SER A 28 11.81 13.75 0.32
CA SER A 28 10.45 14.20 0.11
C SER A 28 9.81 13.46 -1.07
N GLN A 29 8.70 12.78 -0.81
CA GLN A 29 7.91 12.16 -1.87
C GLN A 29 7.34 13.23 -2.78
N TRP A 30 6.76 14.25 -2.16
CA TRP A 30 6.03 15.31 -2.85
C TRP A 30 6.89 15.98 -3.93
N ALA A 31 8.08 16.41 -3.55
CA ALA A 31 8.98 17.08 -4.48
C ALA A 31 9.35 16.16 -5.62
N THR A 32 9.59 14.89 -5.30
CA THR A 32 9.99 13.90 -6.27
C THR A 32 8.85 13.61 -7.27
N ILE A 33 7.65 13.39 -6.72
CA ILE A 33 6.47 13.05 -7.54
C ILE A 33 6.22 14.12 -8.62
N CYS A 34 6.37 15.38 -8.25
CA CYS A 34 6.12 16.48 -9.16
C CYS A 34 7.07 16.44 -10.37
N SER A 35 8.26 15.89 -10.17
CA SER A 35 9.27 15.86 -11.22
C SER A 35 9.13 14.60 -12.07
N ILE A 36 8.47 13.58 -11.52
CA ILE A 36 8.35 12.30 -12.21
C ILE A 36 7.14 12.29 -13.15
N ALA A 37 6.25 13.27 -12.98
CA ALA A 37 5.09 13.40 -13.85
C ALA A 37 5.48 13.46 -15.33
N PRO A 38 6.34 14.43 -15.73
CA PRO A 38 6.81 14.52 -17.12
C PRO A 38 7.87 13.47 -17.44
N LYS A 39 8.34 12.81 -16.40
CA LYS A 39 9.39 11.81 -16.53
C LYS A 39 8.80 10.49 -17.03
N ILE A 40 7.65 10.12 -16.47
CA ILE A 40 6.92 8.94 -16.91
C ILE A 40 6.07 9.28 -18.14
N GLY A 41 5.37 10.41 -18.06
CA GLY A 41 4.52 10.83 -19.15
C GLY A 41 3.06 10.92 -18.74
N CYS A 42 2.82 11.55 -17.61
CA CYS A 42 1.47 11.73 -17.08
C CYS A 42 1.41 12.97 -16.21
N THR A 43 0.32 13.12 -15.46
CA THR A 43 0.18 14.24 -14.55
C THR A 43 0.62 13.84 -13.13
N PRO A 44 1.04 14.82 -12.32
CA PRO A 44 1.64 14.58 -10.99
C PRO A 44 0.81 13.68 -10.08
N GLU A 45 -0.48 14.00 -9.94
CA GLU A 45 -1.35 13.27 -9.03
C GLU A 45 -1.48 11.79 -9.41
N THR A 46 -1.20 11.47 -10.67
CA THR A 46 -1.27 10.11 -11.14
C THR A 46 -0.21 9.24 -10.47
N LEU A 47 0.97 9.81 -10.23
CA LEU A 47 2.05 9.09 -9.57
C LEU A 47 1.65 8.76 -8.15
N ARG A 48 1.06 9.72 -7.46
CA ARG A 48 0.66 9.55 -6.07
C ARG A 48 -0.40 8.44 -5.96
N VAL A 49 -1.29 8.38 -6.96
CA VAL A 49 -2.28 7.32 -7.03
C VAL A 49 -1.61 5.96 -7.18
N TRP A 50 -0.69 5.86 -8.13
CA TRP A 50 0.02 4.60 -8.38
C TRP A 50 0.84 4.18 -7.16
N VAL A 51 1.47 5.14 -6.50
CA VAL A 51 2.21 4.86 -5.28
C VAL A 51 1.30 4.27 -4.21
N ARG A 52 0.12 4.85 -4.06
CA ARG A 52 -0.87 4.35 -3.13
C ARG A 52 -1.37 2.97 -3.52
N GLN A 53 -1.60 2.77 -4.82
CA GLN A 53 -2.03 1.47 -5.33
C GLN A 53 -1.00 0.41 -4.99
N HIS A 54 0.27 0.72 -5.24
CA HIS A 54 1.35 -0.24 -4.99
C HIS A 54 1.59 -0.41 -3.48
N GLU A 55 1.16 0.56 -2.70
CA GLU A 55 1.30 0.48 -1.25
C GLU A 55 0.31 -0.53 -0.68
N ARG A 56 -0.80 -0.70 -1.38
CA ARG A 56 -1.76 -1.75 -1.05
C ARG A 56 -1.39 -3.05 -1.76
N ASP A 57 -0.69 -2.93 -2.88
CA ASP A 57 -0.14 -4.07 -3.61
C ASP A 57 0.79 -4.87 -2.71
N THR A 58 1.82 -4.19 -2.19
CA THR A 58 2.79 -4.82 -1.31
C THR A 58 2.34 -4.69 0.15
N GLY A 59 1.11 -4.27 0.33
CA GLY A 59 0.55 -4.12 1.66
C GLY A 59 -0.87 -4.64 1.71
N GLY A 60 -1.80 -3.81 2.16
CA GLY A 60 -3.19 -4.19 2.19
C GLY A 60 -3.73 -4.37 3.59
N ASP A 61 -2.87 -4.77 4.52
CA ASP A 61 -3.27 -4.97 5.90
C ASP A 61 -3.62 -3.63 6.54
N ASP A 62 -2.88 -2.60 6.15
CA ASP A 62 -3.17 -1.25 6.57
C ASP A 62 -3.49 -0.39 5.35
N GLY A 63 -4.27 0.66 5.55
CA GLY A 63 -4.67 1.53 4.46
C GLY A 63 -4.13 2.94 4.61
N GLY A 64 -3.17 3.11 5.52
CA GLY A 64 -2.61 4.43 5.76
C GLY A 64 -2.92 4.93 7.15
N LEU A 65 -3.15 4.01 8.07
CA LEU A 65 -3.43 4.35 9.46
C LEU A 65 -2.29 3.88 10.34
N THR A 66 -1.33 3.20 9.73
CA THR A 66 -0.18 2.60 10.42
C THR A 66 -0.65 1.72 11.57
N THR A 67 -0.25 2.04 12.78
CA THR A 67 -0.63 1.28 13.96
C THR A 67 -0.88 2.20 15.13
N ALA A 68 -1.66 1.73 16.09
CA ALA A 68 -1.87 2.47 17.32
C ALA A 68 -0.71 2.19 18.28
N GLU A 69 -0.48 3.10 19.22
CA GLU A 69 0.64 2.98 20.15
C GLU A 69 0.36 1.90 21.21
N ARG A 70 -0.73 1.16 21.02
CA ARG A 70 -1.13 0.12 21.95
C ARG A 70 -0.89 -1.26 21.33
N GLN A 71 0.30 -1.79 21.55
CA GLN A 71 0.72 -3.05 20.96
C GLN A 71 1.91 -3.61 21.75
N ARG A 72 2.04 -4.93 21.78
CA ARG A 72 3.19 -5.55 22.43
C ARG A 72 4.39 -5.53 21.48
N LEU A 73 5.54 -5.11 22.00
CA LEU A 73 6.75 -5.08 21.21
C LEU A 73 7.35 -6.48 21.13
N LYS A 74 8.05 -6.75 20.03
CA LYS A 74 8.64 -8.06 19.80
C LYS A 74 10.12 -8.08 20.15
N GLU A 75 10.92 -7.37 19.38
CA GLU A 75 12.35 -7.25 19.65
C GLU A 75 12.78 -5.79 19.64
N PRO A 76 13.48 -5.36 20.69
CA PRO A 76 13.99 -3.99 20.78
C PRO A 76 15.37 -3.85 20.14
N GLU A 77 15.48 -2.94 19.19
CA GLU A 77 16.74 -2.68 18.51
C GLU A 77 17.55 -1.64 19.26
N ARG A 78 17.44 -1.69 20.59
CA ARG A 78 18.15 -0.77 21.47
C ARG A 78 19.66 -0.85 21.28
N GLU A 79 20.18 -2.06 21.40
CA GLU A 79 21.62 -2.27 21.35
C GLU A 79 22.03 -2.83 19.99
N ASN A 80 23.18 -2.37 19.50
CA ASN A 80 23.73 -2.90 18.26
C ASN A 80 24.69 -4.03 18.58
N ARG A 81 24.50 -5.16 17.93
CA ARG A 81 25.20 -6.38 18.30
C ARG A 81 26.39 -6.64 17.39
N GLU A 82 27.59 -6.41 17.92
CA GLU A 82 28.82 -6.70 17.20
C GLU A 82 29.85 -7.29 18.17
N LEU A 83 30.37 -8.45 17.81
CA LEU A 83 31.33 -9.13 18.67
C LEU A 83 32.58 -9.52 17.89
N ARG A 84 32.61 -9.18 16.61
CA ARG A 84 33.74 -9.56 15.74
C ARG A 84 34.75 -8.44 15.64
N ARG A 85 34.57 -7.42 16.47
CA ARG A 85 35.49 -6.31 16.56
C ARG A 85 35.62 -5.88 18.01
N SER A 86 36.49 -4.92 18.26
CA SER A 86 36.60 -4.35 19.59
C SER A 86 35.43 -3.39 19.82
N ASN A 87 34.81 -3.48 20.99
CA ASN A 87 33.67 -2.63 21.32
C ASN A 87 34.10 -1.18 21.37
N ASP A 88 33.81 -0.46 20.30
CA ASP A 88 34.22 0.94 20.16
C ASP A 88 33.21 1.86 20.83
N ILE A 89 33.46 3.15 20.72
CA ILE A 89 32.56 4.17 21.21
C ILE A 89 32.43 5.28 20.18
N LEU A 90 32.65 4.91 18.92
CA LEU A 90 32.71 5.87 17.82
C LEU A 90 31.45 5.76 16.96
N ARG A 91 30.68 6.84 16.93
CA ARG A 91 29.48 6.89 16.09
C ARG A 91 29.65 7.96 15.03
N LEU A 92 29.95 7.54 13.81
CA LEU A 92 30.15 8.47 12.71
C LEU A 92 28.90 8.50 11.82
N ALA A 93 28.61 7.37 11.20
CA ALA A 93 27.45 7.23 10.31
C ALA A 93 27.55 8.18 9.12
N SER A 94 28.13 7.68 8.02
CA SER A 94 28.30 8.45 6.79
C SER A 94 29.31 9.58 6.98
N ALA A 95 30.56 9.33 6.59
CA ALA A 95 31.63 10.32 6.72
C ALA A 95 31.69 11.21 5.50
N TYR A 96 31.91 12.50 5.73
CA TYR A 96 32.00 13.46 4.64
C TYR A 96 33.44 13.97 4.50
N PHE A 97 33.60 15.00 3.67
CA PHE A 97 34.93 15.55 3.40
C PHE A 97 35.29 16.64 4.41
N ALA A 98 36.55 17.07 4.37
CA ALA A 98 36.99 18.17 5.20
C ALA A 98 36.88 19.47 4.41
N LYS A 99 35.90 20.28 4.76
CA LYS A 99 35.62 21.50 4.02
C LYS A 99 36.63 22.59 4.36
N ALA A 100 37.03 22.67 5.62
CA ALA A 100 37.96 23.70 6.06
C ALA A 100 38.86 23.21 7.19
N GLU A 101 40.01 23.86 7.34
CA GLU A 101 40.95 23.58 8.40
C GLU A 101 41.78 24.84 8.64
N PHE A 102 42.24 25.03 9.89
CA PHE A 102 42.96 26.25 10.26
C PHE A 102 44.29 26.34 9.52
N ASP A 103 45.21 25.45 9.84
CA ASP A 103 46.52 25.47 9.20
C ASP A 103 46.49 24.61 7.93
N ARG A 104 47.41 24.87 7.02
CA ARG A 104 47.39 24.18 5.75
C ARG A 104 48.64 23.31 5.59
N LEU A 105 48.53 22.06 5.98
CA LEU A 105 49.62 21.11 5.80
C LEU A 105 49.37 20.30 4.52
N TRP A 106 48.33 20.68 3.81
CA TRP A 106 47.96 19.99 2.59
C TRP A 106 48.59 20.66 1.38
N LYS A 107 49.87 20.39 1.18
CA LYS A 107 50.55 20.83 -0.02
C LYS A 107 50.51 19.70 -1.04
N LYS A 108 49.43 19.70 -1.80
CA LYS A 108 49.11 18.59 -2.68
C LYS A 108 49.29 18.98 -4.14
N MET A 1 -11.25 0.61 -29.37
CA MET A 1 -11.04 0.41 -27.92
C MET A 1 -9.67 0.93 -27.50
N THR A 2 -9.59 2.22 -27.22
CA THR A 2 -8.32 2.82 -26.83
C THR A 2 -8.44 3.52 -25.49
N LYS A 3 -9.64 3.54 -24.93
CA LYS A 3 -9.87 4.19 -23.65
C LYS A 3 -10.11 3.14 -22.57
N ASN A 4 -9.72 3.49 -21.33
CA ASN A 4 -9.79 2.59 -20.17
C ASN A 4 -8.65 1.56 -20.22
N THR A 5 -7.84 1.65 -21.27
CA THR A 5 -6.67 0.80 -21.41
C THR A 5 -5.56 1.30 -20.50
N ARG A 6 -5.56 2.62 -20.27
CA ARG A 6 -4.68 3.28 -19.32
C ARG A 6 -3.20 3.06 -19.65
N PHE A 7 -2.51 2.28 -18.84
CA PHE A 7 -1.08 2.07 -18.99
C PHE A 7 -0.72 0.61 -18.77
N SER A 8 0.45 0.22 -19.23
CA SER A 8 0.92 -1.14 -19.05
C SER A 8 1.36 -1.36 -17.59
N PRO A 9 0.96 -2.49 -16.99
CA PRO A 9 1.29 -2.81 -15.59
C PRO A 9 2.79 -2.79 -15.33
N GLU A 10 3.56 -3.29 -16.30
CA GLU A 10 5.01 -3.30 -16.18
C GLU A 10 5.57 -1.89 -16.07
N VAL A 11 5.08 -1.00 -16.93
CA VAL A 11 5.50 0.39 -16.92
C VAL A 11 5.07 1.07 -15.63
N ARG A 12 3.88 0.71 -15.16
CA ARG A 12 3.33 1.25 -13.92
C ARG A 12 4.27 0.95 -12.76
N GLN A 13 4.65 -0.32 -12.62
CA GLN A 13 5.53 -0.75 -11.55
C GLN A 13 6.88 -0.03 -11.64
N ARG A 14 7.39 0.08 -12.87
CA ARG A 14 8.66 0.76 -13.11
C ARG A 14 8.60 2.21 -12.67
N ALA A 15 7.50 2.88 -12.97
CA ALA A 15 7.33 4.28 -12.61
C ALA A 15 7.37 4.48 -11.10
N VAL A 16 6.61 3.69 -10.37
CA VAL A 16 6.57 3.78 -8.92
C VAL A 16 7.93 3.40 -8.33
N ARG A 17 8.58 2.42 -8.96
CA ARG A 17 9.90 1.97 -8.56
C ARG A 17 10.91 3.12 -8.71
N MET A 18 10.75 3.90 -9.77
CA MET A 18 11.57 5.08 -9.99
C MET A 18 11.34 6.08 -8.87
N VAL A 19 10.07 6.26 -8.51
CA VAL A 19 9.70 7.17 -7.43
C VAL A 19 10.36 6.75 -6.12
N LEU A 20 10.29 5.46 -5.81
CA LEU A 20 10.87 4.95 -4.57
C LEU A 20 12.39 5.11 -4.57
N GLU A 21 13.02 4.76 -5.70
CA GLU A 21 14.46 4.90 -5.83
C GLU A 21 14.89 6.34 -5.62
N SER A 22 14.18 7.26 -6.27
CA SER A 22 14.45 8.68 -6.15
C SER A 22 14.16 9.15 -4.72
N GLN A 23 13.06 8.66 -4.15
CA GLN A 23 12.64 9.03 -2.80
C GLN A 23 13.66 8.53 -1.76
N GLY A 24 14.55 7.65 -2.19
CA GLY A 24 15.64 7.22 -1.34
C GLY A 24 16.56 8.37 -0.98
N GLU A 25 16.64 9.36 -1.87
CA GLU A 25 17.44 10.55 -1.60
C GLU A 25 16.52 11.75 -1.43
N TYR A 26 15.46 11.81 -2.21
CA TYR A 26 14.46 12.87 -2.12
C TYR A 26 13.51 12.57 -0.97
N ASP A 27 13.63 13.32 0.11
CA ASP A 27 12.89 13.05 1.34
C ASP A 27 11.44 13.48 1.21
N SER A 28 11.18 14.43 0.35
CA SER A 28 9.84 14.95 0.15
C SER A 28 9.17 14.27 -1.05
N GLN A 29 8.20 13.41 -0.77
CA GLN A 29 7.52 12.64 -1.81
C GLN A 29 6.91 13.56 -2.87
N TRP A 30 6.38 14.69 -2.42
CA TRP A 30 5.76 15.65 -3.32
C TRP A 30 6.77 16.17 -4.34
N ALA A 31 8.01 16.38 -3.89
CA ALA A 31 9.08 16.82 -4.77
C ALA A 31 9.43 15.73 -5.76
N THR A 32 9.43 14.49 -5.28
CA THR A 32 9.70 13.34 -6.12
C THR A 32 8.62 13.19 -7.21
N ILE A 33 7.36 13.25 -6.80
CA ILE A 33 6.24 13.11 -7.74
C ILE A 33 6.32 14.15 -8.86
N CYS A 34 6.53 15.41 -8.48
CA CYS A 34 6.58 16.51 -9.44
C CYS A 34 7.79 16.38 -10.37
N SER A 35 8.73 15.52 -10.02
CA SER A 35 9.90 15.31 -10.86
C SER A 35 9.72 14.06 -11.74
N ILE A 36 9.18 13.00 -11.14
CA ILE A 36 9.06 11.72 -11.82
C ILE A 36 7.88 11.69 -12.79
N ALA A 37 6.75 12.26 -12.39
CA ALA A 37 5.54 12.23 -13.19
C ALA A 37 5.77 12.75 -14.63
N PRO A 38 6.36 13.95 -14.80
CA PRO A 38 6.61 14.49 -16.14
C PRO A 38 7.74 13.76 -16.86
N LYS A 39 8.61 13.14 -16.09
CA LYS A 39 9.75 12.41 -16.63
C LYS A 39 9.28 11.12 -17.27
N ILE A 40 8.37 10.43 -16.59
CA ILE A 40 7.80 9.19 -17.10
C ILE A 40 6.79 9.49 -18.20
N GLY A 41 5.94 10.48 -17.97
CA GLY A 41 4.93 10.82 -18.94
C GLY A 41 3.53 10.60 -18.40
N CYS A 42 3.27 11.15 -17.22
CA CYS A 42 1.98 11.00 -16.56
C CYS A 42 1.71 12.20 -15.66
N THR A 43 0.50 12.29 -15.13
CA THR A 43 0.14 13.38 -14.24
C THR A 43 0.41 13.00 -12.78
N PRO A 44 0.70 14.01 -11.93
CA PRO A 44 0.95 13.80 -10.50
C PRO A 44 -0.18 13.04 -9.82
N GLU A 45 -1.40 13.34 -10.23
CA GLU A 45 -2.59 12.64 -9.75
C GLU A 45 -2.42 11.13 -9.92
N THR A 46 -2.22 10.72 -11.17
CA THR A 46 -2.13 9.31 -11.52
C THR A 46 -0.95 8.63 -10.83
N LEU A 47 0.19 9.32 -10.79
CA LEU A 47 1.39 8.77 -10.17
C LEU A 47 1.19 8.56 -8.68
N ARG A 48 0.56 9.53 -8.02
CA ARG A 48 0.34 9.44 -6.58
C ARG A 48 -0.65 8.33 -6.25
N VAL A 49 -1.59 8.09 -7.15
CA VAL A 49 -2.52 6.97 -6.99
C VAL A 49 -1.75 5.65 -6.97
N TRP A 50 -0.80 5.52 -7.88
CA TRP A 50 0.02 4.32 -7.97
C TRP A 50 0.89 4.17 -6.72
N VAL A 51 1.34 5.29 -6.17
CA VAL A 51 2.10 5.27 -4.93
C VAL A 51 1.26 4.65 -3.81
N ARG A 52 0.07 5.21 -3.60
CA ARG A 52 -0.85 4.69 -2.59
C ARG A 52 -1.19 3.23 -2.87
N GLN A 53 -1.36 2.91 -4.13
CA GLN A 53 -1.66 1.55 -4.55
C GLN A 53 -0.52 0.60 -4.18
N HIS A 54 0.72 1.01 -4.47
CA HIS A 54 1.88 0.21 -4.13
C HIS A 54 1.99 0.04 -2.62
N GLU A 55 1.65 1.08 -1.88
CA GLU A 55 1.70 1.03 -0.42
C GLU A 55 0.65 0.06 0.11
N ARG A 56 -0.55 0.11 -0.44
CA ARG A 56 -1.62 -0.79 -0.06
C ARG A 56 -1.32 -2.21 -0.55
N ASP A 57 -0.57 -2.29 -1.64
CA ASP A 57 -0.14 -3.57 -2.19
C ASP A 57 0.83 -4.28 -1.26
N THR A 58 1.87 -3.56 -0.85
CA THR A 58 2.92 -4.15 -0.03
C THR A 58 2.53 -4.22 1.44
N GLY A 59 1.99 -3.12 1.96
CA GLY A 59 1.65 -3.06 3.37
C GLY A 59 0.22 -3.51 3.62
N GLY A 60 0.02 -4.33 4.64
CA GLY A 60 -1.30 -4.81 4.95
C GLY A 60 -1.56 -4.86 6.45
N ASP A 61 -2.56 -5.64 6.84
CA ASP A 61 -2.91 -5.79 8.25
C ASP A 61 -2.66 -7.22 8.71
N ASP A 62 -1.87 -7.36 9.76
CA ASP A 62 -1.60 -8.65 10.35
C ASP A 62 -1.64 -8.56 11.87
N GLY A 63 -2.56 -9.28 12.49
CA GLY A 63 -2.74 -9.19 13.92
C GLY A 63 -3.53 -7.96 14.31
N GLY A 64 -4.52 -7.62 13.50
CA GLY A 64 -5.36 -6.48 13.79
C GLY A 64 -6.27 -6.75 14.97
N LEU A 65 -5.99 -6.11 16.09
CA LEU A 65 -6.77 -6.30 17.30
C LEU A 65 -7.72 -5.13 17.52
N THR A 66 -8.83 -5.38 18.19
CA THR A 66 -9.82 -4.36 18.46
C THR A 66 -9.29 -3.30 19.43
N THR A 67 -8.32 -3.71 20.25
CA THR A 67 -7.76 -2.86 21.31
C THR A 67 -8.86 -2.18 22.12
N ALA A 68 -9.54 -2.98 22.93
CA ALA A 68 -10.67 -2.49 23.72
C ALA A 68 -10.20 -1.75 24.96
N GLU A 69 -8.97 -2.04 25.39
CA GLU A 69 -8.41 -1.36 26.53
C GLU A 69 -7.69 -0.10 26.08
N ARG A 70 -6.67 -0.28 25.23
CA ARG A 70 -5.92 0.82 24.60
C ARG A 70 -4.69 0.25 23.90
N GLN A 71 -3.81 -0.38 24.67
CA GLN A 71 -2.63 -1.07 24.15
C GLN A 71 -2.39 -2.30 24.99
N ARG A 72 -1.34 -3.06 24.67
CA ARG A 72 -1.03 -4.25 25.42
C ARG A 72 -0.32 -3.92 26.73
N LEU A 73 -0.99 -4.22 27.83
CA LEU A 73 -0.45 -3.95 29.16
C LEU A 73 -0.89 -5.03 30.14
N LYS A 74 -0.49 -4.88 31.40
CA LYS A 74 -0.82 -5.85 32.45
C LYS A 74 -0.25 -7.23 32.15
N GLU A 75 0.89 -7.27 31.47
CA GLU A 75 1.55 -8.53 31.18
C GLU A 75 2.99 -8.49 31.68
N PRO A 76 3.18 -8.70 32.99
CA PRO A 76 4.49 -8.69 33.64
C PRO A 76 5.15 -10.07 33.58
N GLU A 77 6.23 -10.22 34.33
CA GLU A 77 6.93 -11.49 34.39
C GLU A 77 6.42 -12.32 35.56
N ARG A 78 6.61 -11.80 36.77
CA ARG A 78 6.15 -12.48 37.97
C ARG A 78 5.10 -11.66 38.69
N GLU A 79 3.87 -11.80 38.24
CA GLU A 79 2.72 -11.14 38.86
C GLU A 79 1.49 -11.99 38.59
N ASN A 80 0.51 -11.92 39.46
CA ASN A 80 -0.73 -12.66 39.25
C ASN A 80 -1.59 -11.94 38.22
N ARG A 81 -1.36 -12.26 36.94
CA ARG A 81 -2.09 -11.65 35.85
C ARG A 81 -3.44 -12.32 35.69
N GLU A 82 -4.47 -11.69 36.25
CA GLU A 82 -5.82 -12.17 36.10
C GLU A 82 -6.55 -11.33 35.07
N LEU A 83 -6.80 -11.94 33.92
CA LEU A 83 -7.47 -11.25 32.84
C LEU A 83 -8.99 -11.29 33.03
N ARG A 84 -9.70 -10.35 32.42
CA ARG A 84 -11.16 -10.30 32.50
C ARG A 84 -11.77 -11.62 32.06
N ARG A 85 -11.36 -12.09 30.88
CA ARG A 85 -11.89 -13.32 30.30
C ARG A 85 -13.36 -13.16 29.97
N SER A 86 -13.64 -12.69 28.77
CA SER A 86 -15.02 -12.48 28.33
C SER A 86 -15.59 -13.77 27.74
N ASN A 87 -15.82 -14.75 28.61
CA ASN A 87 -16.34 -16.02 28.17
C ASN A 87 -17.81 -16.18 28.57
N ASP A 88 -18.67 -15.46 27.88
CA ASP A 88 -20.11 -15.57 28.09
C ASP A 88 -20.62 -16.83 27.43
N ILE A 89 -20.47 -17.94 28.12
CA ILE A 89 -20.84 -19.25 27.59
C ILE A 89 -22.30 -19.58 27.88
N LEU A 90 -22.99 -18.67 28.54
CA LEU A 90 -24.37 -18.90 28.93
C LEU A 90 -25.31 -18.73 27.74
N ARG A 91 -26.26 -19.63 27.63
CA ARG A 91 -27.29 -19.55 26.60
C ARG A 91 -28.53 -18.90 27.21
N LEU A 92 -29.68 -19.06 26.56
CA LEU A 92 -30.94 -18.53 27.08
C LEU A 92 -31.22 -19.09 28.47
N ALA A 93 -31.19 -18.23 29.47
CA ALA A 93 -31.42 -18.64 30.85
C ALA A 93 -32.91 -18.80 31.14
N SER A 94 -33.40 -20.01 30.94
CA SER A 94 -34.80 -20.32 31.19
C SER A 94 -34.93 -21.19 32.44
N ALA A 95 -36.06 -21.89 32.57
CA ALA A 95 -36.33 -22.81 33.68
C ALA A 95 -36.60 -22.06 34.99
N TYR A 96 -35.68 -21.20 35.39
CA TYR A 96 -35.79 -20.48 36.66
C TYR A 96 -36.95 -19.50 36.61
N PHE A 97 -37.38 -19.14 35.41
CA PHE A 97 -38.53 -18.26 35.22
C PHE A 97 -39.62 -19.00 34.44
N ALA A 98 -39.68 -20.31 34.62
CA ALA A 98 -40.66 -21.14 33.94
C ALA A 98 -41.37 -22.07 34.92
N LYS A 99 -41.17 -21.83 36.21
CA LYS A 99 -41.72 -22.69 37.25
C LYS A 99 -42.93 -22.06 37.90
N ALA A 100 -43.50 -21.06 37.23
CA ALA A 100 -44.66 -20.30 37.73
C ALA A 100 -44.26 -19.44 38.93
N GLU A 101 -43.98 -18.18 38.65
CA GLU A 101 -43.52 -17.25 39.67
C GLU A 101 -44.63 -16.93 40.65
N PHE A 102 -44.26 -16.69 41.90
CA PHE A 102 -45.20 -16.25 42.91
C PHE A 102 -45.14 -14.73 43.03
N ASP A 103 -46.11 -14.13 43.71
CA ASP A 103 -46.15 -12.68 43.84
C ASP A 103 -45.07 -12.22 44.82
N ARG A 104 -44.37 -11.17 44.45
CA ARG A 104 -43.32 -10.62 45.29
C ARG A 104 -43.33 -9.10 45.23
N LEU A 105 -42.97 -8.47 46.33
CA LEU A 105 -42.87 -7.02 46.38
C LEU A 105 -41.42 -6.61 46.64
N TRP A 106 -41.12 -5.33 46.50
CA TRP A 106 -39.78 -4.83 46.76
C TRP A 106 -39.62 -4.49 48.23
N LYS A 107 -38.58 -5.03 48.85
CA LYS A 107 -38.33 -4.83 50.27
C LYS A 107 -37.50 -3.57 50.51
N LYS A 108 -37.53 -2.66 49.53
CA LYS A 108 -36.77 -1.42 49.61
C LYS A 108 -37.62 -0.30 50.20
N MET A 1 -14.49 3.45 -27.35
CA MET A 1 -13.31 2.70 -27.85
C MET A 1 -12.08 3.08 -27.05
N THR A 2 -10.99 2.35 -27.23
CA THR A 2 -9.76 2.63 -26.51
C THR A 2 -9.00 3.79 -27.16
N LYS A 3 -9.48 5.00 -26.91
CA LYS A 3 -8.84 6.20 -27.45
C LYS A 3 -8.19 7.00 -26.33
N ASN A 4 -8.16 6.44 -25.14
CA ASN A 4 -7.55 7.09 -24.00
C ASN A 4 -6.19 6.49 -23.73
N THR A 5 -5.28 7.27 -23.17
CA THR A 5 -3.93 6.83 -22.90
C THR A 5 -3.88 5.83 -21.75
N ARG A 6 -3.01 4.83 -21.87
CA ARG A 6 -2.84 3.83 -20.82
C ARG A 6 -1.40 3.36 -20.77
N PHE A 7 -0.93 3.03 -19.58
CA PHE A 7 0.44 2.60 -19.38
C PHE A 7 0.51 1.09 -19.17
N SER A 8 1.52 0.48 -19.77
CA SER A 8 1.74 -0.95 -19.66
C SER A 8 2.10 -1.33 -18.22
N PRO A 9 1.76 -2.56 -17.79
CA PRO A 9 1.99 -3.04 -16.42
C PRO A 9 3.43 -2.80 -15.93
N GLU A 10 4.40 -3.22 -16.72
CA GLU A 10 5.81 -3.11 -16.34
C GLU A 10 6.24 -1.65 -16.27
N VAL A 11 5.63 -0.81 -17.09
CA VAL A 11 5.90 0.62 -17.06
C VAL A 11 5.34 1.24 -15.78
N ARG A 12 4.15 0.77 -15.40
CA ARG A 12 3.52 1.19 -14.17
C ARG A 12 4.38 0.82 -12.97
N GLN A 13 4.97 -0.37 -13.01
CA GLN A 13 5.85 -0.84 -11.96
C GLN A 13 7.09 0.05 -11.85
N ARG A 14 7.74 0.30 -12.99
CA ARG A 14 8.94 1.13 -13.03
C ARG A 14 8.63 2.53 -12.51
N ALA A 15 7.46 3.05 -12.87
CA ALA A 15 7.02 4.36 -12.43
C ALA A 15 7.03 4.46 -10.91
N VAL A 16 6.38 3.49 -10.27
CA VAL A 16 6.30 3.47 -8.81
C VAL A 16 7.67 3.25 -8.19
N ARG A 17 8.45 2.34 -8.78
CA ARG A 17 9.77 2.01 -8.26
C ARG A 17 10.66 3.24 -8.25
N MET A 18 10.67 4.00 -9.35
CA MET A 18 11.48 5.20 -9.45
C MET A 18 11.11 6.20 -8.36
N VAL A 19 9.81 6.39 -8.14
CA VAL A 19 9.32 7.32 -7.13
C VAL A 19 9.82 6.92 -5.74
N LEU A 20 9.73 5.62 -5.44
CA LEU A 20 10.16 5.10 -4.15
C LEU A 20 11.68 5.18 -4.00
N GLU A 21 12.39 4.86 -5.07
CA GLU A 21 13.85 4.90 -5.06
C GLU A 21 14.33 6.33 -4.80
N SER A 22 13.81 7.27 -5.57
CA SER A 22 14.18 8.67 -5.41
C SER A 22 13.67 9.21 -4.08
N GLN A 23 12.58 8.62 -3.57
CA GLN A 23 12.03 9.00 -2.28
C GLN A 23 13.05 8.75 -1.18
N GLY A 24 13.84 7.69 -1.36
CA GLY A 24 14.89 7.38 -0.40
C GLY A 24 16.08 8.31 -0.51
N GLU A 25 16.25 8.92 -1.69
CA GLU A 25 17.37 9.82 -1.92
C GLU A 25 16.98 11.27 -1.63
N TYR A 26 15.68 11.52 -1.61
CA TYR A 26 15.15 12.83 -1.27
C TYR A 26 14.45 12.76 0.09
N ASP A 27 13.62 13.76 0.39
CA ASP A 27 12.87 13.78 1.64
C ASP A 27 11.38 13.59 1.37
N SER A 28 10.92 14.15 0.27
CA SER A 28 9.50 14.13 -0.07
C SER A 28 9.26 13.38 -1.38
N GLN A 29 8.18 12.60 -1.43
CA GLN A 29 7.79 11.93 -2.65
C GLN A 29 7.22 12.94 -3.64
N TRP A 30 6.64 14.01 -3.11
CA TRP A 30 6.05 15.04 -3.94
C TRP A 30 7.13 15.83 -4.68
N ALA A 31 8.33 15.80 -4.10
CA ALA A 31 9.48 16.45 -4.71
C ALA A 31 10.04 15.62 -5.86
N THR A 32 9.81 14.32 -5.81
CA THR A 32 10.27 13.44 -6.87
C THR A 32 9.20 13.24 -7.94
N ILE A 33 7.95 13.10 -7.50
CA ILE A 33 6.81 12.93 -8.41
C ILE A 33 6.79 14.02 -9.48
N CYS A 34 6.96 15.28 -9.08
CA CYS A 34 6.90 16.39 -10.02
C CYS A 34 8.08 16.37 -10.99
N SER A 35 9.10 15.59 -10.69
CA SER A 35 10.26 15.47 -11.55
C SER A 35 10.17 14.21 -12.42
N ILE A 36 9.34 13.27 -12.00
CA ILE A 36 9.22 11.99 -12.68
C ILE A 36 7.97 11.92 -13.55
N ALA A 37 6.84 12.39 -13.03
CA ALA A 37 5.56 12.31 -13.73
C ALA A 37 5.61 12.94 -15.14
N PRO A 38 6.12 14.18 -15.30
CA PRO A 38 6.22 14.82 -16.61
C PRO A 38 7.17 14.09 -17.54
N LYS A 39 8.13 13.37 -16.96
CA LYS A 39 9.12 12.64 -17.74
C LYS A 39 8.51 11.37 -18.30
N ILE A 40 7.53 10.83 -17.58
CA ILE A 40 6.80 9.66 -18.06
C ILE A 40 5.68 10.11 -18.99
N GLY A 41 5.00 11.17 -18.61
CA GLY A 41 3.87 11.67 -19.37
C GLY A 41 2.56 11.49 -18.64
N CYS A 42 2.66 11.24 -17.34
CA CYS A 42 1.48 11.02 -16.52
C CYS A 42 1.26 12.20 -15.58
N THR A 43 0.10 12.22 -14.95
CA THR A 43 -0.22 13.27 -14.00
C THR A 43 0.35 12.94 -12.62
N PRO A 44 0.81 13.98 -11.90
CA PRO A 44 1.39 13.82 -10.56
C PRO A 44 0.44 13.12 -9.60
N GLU A 45 -0.85 13.45 -9.72
CA GLU A 45 -1.87 12.88 -8.85
C GLU A 45 -1.97 11.37 -9.02
N THR A 46 -2.15 10.94 -10.27
CA THR A 46 -2.31 9.52 -10.56
C THR A 46 -1.02 8.74 -10.24
N LEU A 47 0.12 9.39 -10.43
CA LEU A 47 1.40 8.78 -10.11
C LEU A 47 1.47 8.48 -8.61
N ARG A 48 1.00 9.41 -7.81
CA ARG A 48 0.96 9.21 -6.36
C ARG A 48 -0.01 8.09 -6.00
N VAL A 49 -1.11 8.01 -6.74
CA VAL A 49 -2.11 6.97 -6.52
C VAL A 49 -1.48 5.58 -6.71
N TRP A 50 -0.63 5.45 -7.72
CA TRP A 50 0.06 4.20 -7.97
C TRP A 50 0.94 3.83 -6.78
N VAL A 51 1.66 4.81 -6.25
CA VAL A 51 2.48 4.61 -5.06
C VAL A 51 1.60 4.19 -3.88
N ARG A 52 0.51 4.91 -3.71
CA ARG A 52 -0.43 4.65 -2.63
C ARG A 52 -1.02 3.25 -2.70
N GLN A 53 -1.39 2.82 -3.91
CA GLN A 53 -1.95 1.49 -4.10
C GLN A 53 -0.91 0.41 -3.82
N HIS A 54 0.36 0.77 -3.97
CA HIS A 54 1.45 -0.14 -3.62
C HIS A 54 1.67 -0.15 -2.11
N GLU A 55 1.41 0.98 -1.46
CA GLU A 55 1.50 1.06 -0.01
C GLU A 55 0.39 0.23 0.62
N ARG A 56 -0.81 0.32 0.05
CA ARG A 56 -1.92 -0.52 0.48
C ARG A 56 -1.65 -1.98 0.14
N ASP A 57 -1.04 -2.20 -1.01
CA ASP A 57 -0.64 -3.54 -1.44
C ASP A 57 0.30 -4.18 -0.42
N THR A 58 1.34 -3.44 -0.06
CA THR A 58 2.31 -3.93 0.89
C THR A 58 1.72 -3.98 2.30
N GLY A 59 0.82 -3.05 2.61
CA GLY A 59 0.15 -3.05 3.89
C GLY A 59 0.76 -2.07 4.85
N GLY A 60 1.81 -2.50 5.55
CA GLY A 60 2.50 -1.64 6.48
C GLY A 60 1.98 -1.80 7.89
N ASP A 61 2.75 -2.50 8.72
CA ASP A 61 2.41 -2.66 10.13
C ASP A 61 2.60 -1.35 10.88
N ASP A 62 3.86 -1.04 11.18
CA ASP A 62 4.23 0.21 11.85
C ASP A 62 3.55 0.35 13.21
N GLY A 63 3.12 -0.76 13.78
CA GLY A 63 2.48 -0.74 15.07
C GLY A 63 0.99 -0.98 15.00
N GLY A 64 0.22 -0.25 15.79
CA GLY A 64 -1.20 -0.42 15.84
C GLY A 64 -1.78 -0.06 17.20
N LEU A 65 -2.89 0.66 17.20
CA LEU A 65 -3.54 1.07 18.43
C LEU A 65 -4.65 0.08 18.79
N THR A 66 -5.00 0.04 20.07
CA THR A 66 -6.02 -0.87 20.54
C THR A 66 -7.42 -0.24 20.43
N THR A 67 -7.45 1.03 20.04
CA THR A 67 -8.70 1.76 19.92
C THR A 67 -9.48 1.34 18.67
N ALA A 68 -10.33 0.35 18.83
CA ALA A 68 -11.24 -0.05 17.76
C ALA A 68 -12.32 1.01 17.59
N GLU A 69 -12.78 1.18 16.36
CA GLU A 69 -13.77 2.20 16.03
C GLU A 69 -15.02 2.01 16.88
N ARG A 70 -15.52 0.77 16.92
CA ARG A 70 -16.68 0.41 17.73
C ARG A 70 -17.95 1.07 17.20
N GLN A 71 -17.84 1.76 16.07
CA GLN A 71 -18.96 2.46 15.48
C GLN A 71 -19.88 1.48 14.77
N ARG A 72 -20.97 1.14 15.42
CA ARG A 72 -21.93 0.19 14.87
C ARG A 72 -22.96 0.94 14.04
N LEU A 73 -22.95 0.68 12.74
CA LEU A 73 -23.72 1.47 11.78
C LEU A 73 -25.19 1.01 11.72
N LYS A 74 -25.75 0.75 12.88
CA LYS A 74 -27.17 0.43 13.02
C LYS A 74 -27.70 1.00 14.33
N GLU A 75 -28.21 2.22 14.27
CA GLU A 75 -28.74 2.90 15.45
C GLU A 75 -27.67 3.03 16.53
N PRO A 76 -26.72 3.96 16.34
CA PRO A 76 -25.60 4.14 17.26
C PRO A 76 -26.05 4.57 18.65
N GLU A 77 -25.43 3.99 19.67
CA GLU A 77 -25.74 4.31 21.06
C GLU A 77 -25.18 5.67 21.44
N ARG A 78 -25.94 6.70 21.17
CA ARG A 78 -25.57 8.07 21.52
C ARG A 78 -26.40 8.53 22.71
N GLU A 79 -27.32 7.68 23.13
CA GLU A 79 -28.31 8.04 24.12
C GLU A 79 -27.68 8.30 25.48
N ASN A 80 -27.75 9.55 25.92
CA ASN A 80 -27.19 9.95 27.21
C ASN A 80 -28.19 10.78 27.99
N ARG A 81 -29.48 10.57 27.70
CA ARG A 81 -30.54 11.28 28.41
C ARG A 81 -30.50 11.02 29.91
N GLU A 82 -30.55 9.76 30.30
CA GLU A 82 -30.55 9.41 31.71
C GLU A 82 -29.12 9.45 32.26
N LEU A 83 -28.16 9.20 31.39
CA LEU A 83 -26.76 9.20 31.79
C LEU A 83 -26.22 10.63 31.74
N ARG A 84 -26.59 11.42 32.74
CA ARG A 84 -26.08 12.78 32.87
C ARG A 84 -25.48 12.98 34.24
N ARG A 85 -24.48 13.85 34.31
CA ARG A 85 -23.83 14.16 35.56
C ARG A 85 -24.63 15.20 36.34
N SER A 86 -25.82 14.81 36.78
CA SER A 86 -26.66 15.67 37.59
C SER A 86 -26.57 15.22 39.05
N ASN A 87 -26.14 16.11 39.91
CA ASN A 87 -25.95 15.78 41.32
C ASN A 87 -27.25 15.97 42.07
N ASP A 88 -28.11 16.82 41.55
CA ASP A 88 -29.43 17.03 42.14
C ASP A 88 -30.35 15.88 41.77
N ILE A 89 -30.30 14.83 42.57
CA ILE A 89 -31.12 13.64 42.38
C ILE A 89 -30.82 12.62 43.46
N LEU A 90 -31.85 11.95 43.95
CA LEU A 90 -31.67 10.88 44.92
C LEU A 90 -32.27 9.60 44.38
N ARG A 91 -31.43 8.74 43.82
CA ARG A 91 -31.89 7.48 43.25
C ARG A 91 -32.07 6.44 44.35
N LEU A 92 -33.06 5.58 44.19
CA LEU A 92 -33.31 4.53 45.18
C LEU A 92 -32.29 3.41 45.03
N ALA A 93 -31.16 3.55 45.71
CA ALA A 93 -30.12 2.54 45.69
C ALA A 93 -30.04 1.87 47.05
N SER A 94 -30.17 0.55 47.07
CA SER A 94 -30.14 -0.20 48.31
C SER A 94 -29.69 -1.63 48.04
N ALA A 95 -28.40 -1.87 48.18
CA ALA A 95 -27.83 -3.19 47.96
C ALA A 95 -27.89 -4.03 49.23
N TYR A 96 -28.68 -5.09 49.19
CA TYR A 96 -28.80 -5.99 50.32
C TYR A 96 -27.89 -7.19 50.16
N PHE A 97 -26.81 -7.22 50.93
CA PHE A 97 -25.92 -8.37 50.94
C PHE A 97 -26.46 -9.42 51.89
N ALA A 98 -27.08 -10.45 51.32
CA ALA A 98 -27.76 -11.46 52.11
C ALA A 98 -26.77 -12.40 52.78
N LYS A 99 -25.64 -12.63 52.13
CA LYS A 99 -24.63 -13.54 52.65
C LYS A 99 -23.30 -12.82 52.81
N ALA A 100 -22.45 -13.36 53.68
CA ALA A 100 -21.12 -12.83 53.88
C ALA A 100 -20.11 -13.65 53.07
N GLU A 101 -20.15 -14.96 53.26
CA GLU A 101 -19.29 -15.89 52.54
C GLU A 101 -19.70 -17.32 52.87
N PHE A 102 -19.02 -18.29 52.26
CA PHE A 102 -19.34 -19.69 52.48
C PHE A 102 -18.23 -20.38 53.25
N ASP A 103 -18.56 -21.44 53.96
CA ASP A 103 -17.60 -22.19 54.75
C ASP A 103 -17.35 -23.55 54.09
N ARG A 104 -16.74 -24.48 54.81
CA ARG A 104 -16.51 -25.80 54.28
C ARG A 104 -17.35 -26.83 55.01
N LEU A 105 -18.18 -27.54 54.27
CA LEU A 105 -19.00 -28.58 54.85
C LEU A 105 -18.43 -29.95 54.48
N TRP A 106 -17.90 -30.64 55.48
CA TRP A 106 -17.33 -31.96 55.28
C TRP A 106 -18.45 -32.99 55.21
N LYS A 107 -19.44 -32.82 56.06
CA LYS A 107 -20.58 -33.71 56.09
C LYS A 107 -21.87 -32.90 56.11
N LYS A 108 -22.69 -33.06 55.08
CA LYS A 108 -24.01 -32.46 55.05
C LYS A 108 -25.03 -33.50 55.45
N MET A 1 -7.18 -1.94 -28.61
CA MET A 1 -6.16 -1.25 -27.79
C MET A 1 -4.77 -1.37 -28.43
N THR A 2 -4.74 -1.55 -29.74
CA THR A 2 -3.49 -1.63 -30.48
C THR A 2 -2.72 -0.32 -30.38
N LYS A 3 -3.45 0.78 -30.43
CA LYS A 3 -2.87 2.12 -30.39
C LYS A 3 -3.42 2.93 -29.24
N ASN A 4 -4.63 2.60 -28.83
CA ASN A 4 -5.32 3.36 -27.79
C ASN A 4 -5.19 2.69 -26.42
N THR A 5 -4.73 3.49 -25.45
CA THR A 5 -4.57 3.07 -24.06
C THR A 5 -3.76 1.78 -23.91
N ARG A 6 -2.44 1.92 -23.92
CA ARG A 6 -1.55 0.80 -23.67
C ARG A 6 -0.85 0.98 -22.31
N PHE A 7 -1.32 0.22 -21.32
CA PHE A 7 -0.75 0.31 -19.98
C PHE A 7 -0.18 -1.03 -19.55
N SER A 8 1.12 -1.17 -19.65
CA SER A 8 1.80 -2.39 -19.24
C SER A 8 2.17 -2.30 -17.76
N PRO A 9 1.96 -3.40 -17.01
CA PRO A 9 2.28 -3.46 -15.58
C PRO A 9 3.74 -3.07 -15.29
N GLU A 10 4.63 -3.45 -16.21
CA GLU A 10 6.05 -3.13 -16.09
C GLU A 10 6.28 -1.62 -16.03
N VAL A 11 5.42 -0.87 -16.71
CA VAL A 11 5.51 0.59 -16.75
C VAL A 11 5.18 1.17 -15.38
N ARG A 12 4.08 0.71 -14.79
CA ARG A 12 3.68 1.17 -13.46
C ARG A 12 4.70 0.75 -12.42
N GLN A 13 5.20 -0.48 -12.59
CA GLN A 13 6.25 -1.01 -11.72
C GLN A 13 7.45 -0.07 -11.69
N ARG A 14 8.00 0.20 -12.87
CA ARG A 14 9.19 1.05 -12.98
C ARG A 14 8.90 2.47 -12.50
N ALA A 15 7.67 2.93 -12.73
CA ALA A 15 7.26 4.25 -12.26
C ALA A 15 7.38 4.36 -10.75
N VAL A 16 6.64 3.51 -10.04
CA VAL A 16 6.65 3.52 -8.58
C VAL A 16 8.03 3.16 -8.05
N ARG A 17 8.68 2.19 -8.69
CA ARG A 17 10.03 1.77 -8.33
C ARG A 17 10.98 2.96 -8.34
N MET A 18 10.97 3.68 -9.45
CA MET A 18 11.81 4.85 -9.64
C MET A 18 11.50 5.92 -8.59
N VAL A 19 10.21 6.05 -8.25
CA VAL A 19 9.81 6.99 -7.21
C VAL A 19 10.46 6.63 -5.87
N LEU A 20 10.35 5.35 -5.50
CA LEU A 20 10.87 4.87 -4.22
C LEU A 20 12.38 5.06 -4.13
N GLU A 21 13.08 4.64 -5.18
CA GLU A 21 14.53 4.65 -5.18
C GLU A 21 15.10 6.06 -5.31
N SER A 22 14.25 7.00 -5.70
CA SER A 22 14.63 8.40 -5.71
C SER A 22 14.24 9.06 -4.38
N GLN A 23 13.20 8.52 -3.76
CA GLN A 23 12.72 9.02 -2.47
C GLN A 23 13.76 8.76 -1.38
N GLY A 24 14.57 7.72 -1.58
CA GLY A 24 15.63 7.41 -0.64
C GLY A 24 16.70 8.47 -0.61
N GLU A 25 16.69 9.36 -1.59
CA GLU A 25 17.64 10.46 -1.66
C GLU A 25 16.94 11.79 -1.42
N TYR A 26 15.84 12.00 -2.13
CA TYR A 26 15.14 13.28 -2.10
C TYR A 26 14.55 13.60 -0.74
N ASP A 27 14.37 14.88 -0.49
CA ASP A 27 13.85 15.37 0.77
C ASP A 27 12.34 15.16 0.88
N SER A 28 11.65 15.29 -0.25
CA SER A 28 10.20 15.22 -0.27
C SER A 28 9.71 14.15 -1.25
N GLN A 29 8.63 13.47 -0.87
CA GLN A 29 8.01 12.48 -1.73
C GLN A 29 7.24 13.20 -2.84
N TRP A 30 6.87 14.44 -2.58
CA TRP A 30 6.22 15.27 -3.59
C TRP A 30 7.26 15.69 -4.63
N ALA A 31 8.47 15.94 -4.15
CA ALA A 31 9.56 16.38 -5.01
C ALA A 31 9.90 15.30 -6.04
N THR A 32 9.86 14.04 -5.62
CA THR A 32 10.14 12.94 -6.54
C THR A 32 9.03 12.80 -7.58
N ILE A 33 7.79 12.76 -7.11
CA ILE A 33 6.63 12.65 -8.00
C ILE A 33 6.62 13.78 -9.02
N CYS A 34 6.84 15.00 -8.56
CA CYS A 34 6.80 16.18 -9.42
C CYS A 34 7.91 16.16 -10.46
N SER A 35 8.99 15.42 -10.18
CA SER A 35 10.12 15.33 -11.10
C SER A 35 9.98 14.14 -12.04
N ILE A 36 9.19 13.15 -11.63
CA ILE A 36 9.01 11.93 -12.41
C ILE A 36 7.79 12.04 -13.32
N ALA A 37 6.83 12.85 -12.91
CA ALA A 37 5.62 13.10 -13.70
C ALA A 37 5.94 13.48 -15.15
N PRO A 38 6.80 14.50 -15.40
CA PRO A 38 7.13 14.92 -16.77
C PRO A 38 8.07 13.95 -17.49
N LYS A 39 8.47 12.89 -16.81
CA LYS A 39 9.31 11.86 -17.42
C LYS A 39 8.44 10.83 -18.13
N ILE A 40 7.23 10.66 -17.63
CA ILE A 40 6.30 9.71 -18.22
C ILE A 40 5.20 10.44 -18.98
N GLY A 41 4.72 11.53 -18.40
CA GLY A 41 3.62 12.28 -18.99
C GLY A 41 2.34 12.13 -18.19
N CYS A 42 2.50 11.73 -16.93
CA CYS A 42 1.37 11.48 -16.06
C CYS A 42 1.22 12.59 -15.04
N THR A 43 -0.02 12.87 -14.66
CA THR A 43 -0.31 13.88 -13.66
C THR A 43 0.16 13.40 -12.28
N PRO A 44 0.77 14.30 -11.47
CA PRO A 44 1.24 13.97 -10.12
C PRO A 44 0.20 13.24 -9.27
N GLU A 45 -1.06 13.68 -9.37
CA GLU A 45 -2.14 13.07 -8.61
C GLU A 45 -2.42 11.65 -9.10
N THR A 46 -2.23 11.43 -10.39
CA THR A 46 -2.40 10.10 -10.97
C THR A 46 -1.29 9.18 -10.49
N LEU A 47 -0.07 9.71 -10.45
CA LEU A 47 1.09 8.99 -9.92
C LEU A 47 0.81 8.62 -8.46
N ARG A 48 0.25 9.57 -7.73
CA ARG A 48 -0.13 9.41 -6.33
C ARG A 48 -1.06 8.21 -6.15
N VAL A 49 -1.97 8.03 -7.11
CA VAL A 49 -2.93 6.92 -7.07
C VAL A 49 -2.20 5.57 -7.18
N TRP A 50 -1.27 5.49 -8.12
CA TRP A 50 -0.51 4.26 -8.33
C TRP A 50 0.32 3.91 -7.10
N VAL A 51 0.81 4.95 -6.41
CA VAL A 51 1.54 4.74 -5.17
C VAL A 51 0.63 4.10 -4.13
N ARG A 52 -0.60 4.62 -4.00
CA ARG A 52 -1.55 4.10 -3.04
C ARG A 52 -1.87 2.63 -3.33
N GLN A 53 -2.06 2.30 -4.61
CA GLN A 53 -2.34 0.94 -5.00
C GLN A 53 -1.19 0.02 -4.60
N HIS A 54 0.02 0.54 -4.73
CA HIS A 54 1.23 -0.21 -4.38
C HIS A 54 1.30 -0.46 -2.87
N GLU A 55 1.08 0.61 -2.09
CA GLU A 55 1.17 0.53 -0.64
C GLU A 55 0.03 -0.32 -0.08
N ARG A 56 -1.17 -0.10 -0.62
CA ARG A 56 -2.37 -0.82 -0.18
C ARG A 56 -2.30 -2.28 -0.60
N ASP A 57 -1.45 -2.56 -1.59
CA ASP A 57 -1.22 -3.93 -2.05
C ASP A 57 -0.57 -4.76 -0.96
N THR A 58 0.33 -4.14 -0.21
CA THR A 58 1.08 -4.84 0.81
C THR A 58 0.47 -4.60 2.20
N GLY A 59 -0.04 -3.39 2.43
CA GLY A 59 -0.63 -3.07 3.71
C GLY A 59 -1.97 -2.36 3.55
N GLY A 60 -2.95 -3.07 3.01
CA GLY A 60 -4.27 -2.50 2.81
C GLY A 60 -5.28 -3.04 3.78
N ASP A 61 -5.00 -4.22 4.32
CA ASP A 61 -5.85 -4.79 5.35
C ASP A 61 -5.33 -4.40 6.72
N ASP A 62 -4.03 -4.64 6.92
CA ASP A 62 -3.37 -4.29 8.18
C ASP A 62 -2.04 -3.62 7.87
N GLY A 63 -1.69 -2.61 8.66
CA GLY A 63 -0.45 -1.90 8.46
C GLY A 63 -0.60 -0.42 8.77
N GLY A 64 -1.27 0.29 7.89
CA GLY A 64 -1.52 1.70 8.12
C GLY A 64 -2.92 1.93 8.65
N LEU A 65 -3.43 3.14 8.50
CA LEU A 65 -4.78 3.45 8.93
C LEU A 65 -5.77 3.08 7.82
N THR A 66 -5.85 1.79 7.54
CA THR A 66 -6.72 1.29 6.50
C THR A 66 -8.03 0.80 7.09
N THR A 67 -8.13 0.88 8.41
CA THR A 67 -9.32 0.44 9.12
C THR A 67 -10.37 1.55 9.12
N ALA A 68 -11.61 1.19 8.88
CA ALA A 68 -12.70 2.15 8.87
C ALA A 68 -13.21 2.38 10.30
N GLU A 69 -13.92 1.37 10.83
CA GLU A 69 -14.40 1.37 12.20
C GLU A 69 -15.19 2.65 12.55
N ARG A 70 -16.48 2.64 12.25
CA ARG A 70 -17.38 3.74 12.62
C ARG A 70 -16.92 5.08 12.05
N GLN A 71 -17.38 5.41 10.85
CA GLN A 71 -17.03 6.68 10.24
C GLN A 71 -17.99 7.04 9.11
N ARG A 72 -18.38 8.31 9.06
CA ARG A 72 -19.20 8.83 7.98
C ARG A 72 -18.32 9.07 6.76
N LEU A 73 -18.86 8.78 5.58
CA LEU A 73 -18.10 8.96 4.35
C LEU A 73 -18.68 10.11 3.54
N LYS A 74 -17.82 10.75 2.75
CA LYS A 74 -18.24 11.83 1.86
C LYS A 74 -18.91 11.27 0.61
N GLU A 75 -19.07 9.95 0.58
CA GLU A 75 -19.59 9.23 -0.58
C GLU A 75 -18.67 9.46 -1.78
N PRO A 76 -17.61 8.64 -1.87
CA PRO A 76 -16.48 8.86 -2.79
C PRO A 76 -16.87 8.89 -4.26
N GLU A 77 -17.81 8.04 -4.66
CA GLU A 77 -18.18 7.95 -6.06
C GLU A 77 -19.31 8.91 -6.38
N ARG A 78 -18.94 10.11 -6.78
CA ARG A 78 -19.91 11.09 -7.22
C ARG A 78 -19.94 11.14 -8.74
N GLU A 79 -21.07 11.56 -9.28
CA GLU A 79 -21.21 11.64 -10.73
C GLU A 79 -20.65 12.97 -11.21
N ASN A 80 -19.96 12.96 -12.33
CA ASN A 80 -19.34 14.16 -12.86
C ASN A 80 -20.40 15.16 -13.30
N ARG A 81 -20.20 16.41 -12.92
CA ARG A 81 -21.18 17.45 -13.17
C ARG A 81 -20.86 18.19 -14.46
N GLU A 82 -21.71 18.01 -15.47
CA GLU A 82 -21.50 18.65 -16.76
C GLU A 82 -22.29 19.95 -16.86
N LEU A 83 -22.77 20.42 -15.71
CA LEU A 83 -23.45 21.70 -15.66
C LEU A 83 -22.41 22.81 -15.76
N ARG A 84 -22.15 23.23 -16.99
CA ARG A 84 -21.09 24.18 -17.27
C ARG A 84 -21.64 25.61 -17.33
N ARG A 85 -20.87 26.55 -16.83
CA ARG A 85 -21.24 27.96 -16.83
C ARG A 85 -20.00 28.81 -16.68
N SER A 86 -19.33 28.68 -15.55
CA SER A 86 -18.07 29.34 -15.32
C SER A 86 -17.07 28.34 -14.76
N ASN A 87 -16.45 27.59 -15.66
CA ASN A 87 -15.51 26.55 -15.27
C ASN A 87 -14.08 27.02 -15.54
N ASP A 88 -13.96 28.31 -15.83
CA ASP A 88 -12.68 28.90 -16.20
C ASP A 88 -11.84 29.23 -14.96
N ILE A 89 -11.94 28.38 -13.94
CA ILE A 89 -11.23 28.56 -12.68
C ILE A 89 -11.80 29.75 -11.92
N LEU A 90 -12.57 29.46 -10.87
CA LEU A 90 -13.14 30.52 -10.05
C LEU A 90 -12.04 31.27 -9.30
N ARG A 91 -11.74 32.46 -9.76
CA ARG A 91 -10.67 33.25 -9.19
C ARG A 91 -11.22 34.62 -8.80
N LEU A 92 -10.42 35.39 -8.05
CA LEU A 92 -10.81 36.73 -7.64
C LEU A 92 -11.23 37.58 -8.86
N ALA A 93 -12.40 38.21 -8.74
CA ALA A 93 -12.96 39.08 -9.78
C ALA A 93 -13.56 38.28 -10.93
N SER A 94 -13.39 36.96 -10.89
CA SER A 94 -13.96 36.10 -11.92
C SER A 94 -15.08 35.24 -11.33
N ALA A 95 -14.98 34.98 -10.03
CA ALA A 95 -15.97 34.16 -9.35
C ALA A 95 -17.23 34.98 -9.08
N TYR A 96 -18.28 34.68 -9.84
CA TYR A 96 -19.59 35.34 -9.71
C TYR A 96 -19.57 36.76 -10.26
N PHE A 97 -20.28 36.94 -11.37
CA PHE A 97 -20.44 38.26 -11.96
C PHE A 97 -21.66 38.95 -11.35
N ALA A 98 -21.77 40.25 -11.54
CA ALA A 98 -22.87 41.01 -10.99
C ALA A 98 -23.74 41.58 -12.10
N LYS A 99 -25.05 41.66 -11.86
CA LYS A 99 -25.95 42.21 -12.86
C LYS A 99 -25.96 43.73 -12.80
N ALA A 100 -25.10 44.34 -13.59
CA ALA A 100 -25.11 45.79 -13.74
C ALA A 100 -26.21 46.18 -14.71
N GLU A 101 -26.48 45.28 -15.66
CA GLU A 101 -27.53 45.44 -16.66
C GLU A 101 -27.24 46.65 -17.55
N PHE A 102 -25.98 47.05 -17.58
CA PHE A 102 -25.54 48.13 -18.44
C PHE A 102 -25.45 47.62 -19.87
N ASP A 103 -25.00 46.38 -19.99
CA ASP A 103 -24.95 45.71 -21.28
C ASP A 103 -26.05 44.66 -21.33
N ARG A 104 -26.93 44.78 -22.31
CA ARG A 104 -28.08 43.89 -22.40
C ARG A 104 -28.00 43.03 -23.65
N LEU A 105 -27.89 41.72 -23.45
CA LEU A 105 -27.90 40.78 -24.55
C LEU A 105 -29.33 40.54 -25.00
N TRP A 106 -30.04 39.70 -24.25
CA TRP A 106 -31.44 39.42 -24.52
C TRP A 106 -32.20 39.26 -23.21
N LYS A 107 -33.48 38.92 -23.31
CA LYS A 107 -34.32 38.80 -22.11
C LYS A 107 -34.45 37.33 -21.71
N LYS A 108 -33.87 36.45 -22.50
CA LYS A 108 -33.90 35.03 -22.21
C LYS A 108 -32.55 34.40 -22.57
N MET A 1 -10.89 -10.74 -23.35
CA MET A 1 -11.69 -10.22 -24.48
C MET A 1 -11.60 -8.70 -24.52
N THR A 2 -12.21 -8.11 -25.54
CA THR A 2 -12.33 -6.67 -25.62
C THR A 2 -13.33 -6.19 -24.58
N LYS A 3 -12.87 -6.01 -23.36
CA LYS A 3 -13.72 -5.67 -22.24
C LYS A 3 -12.93 -4.90 -21.18
N ASN A 4 -11.88 -5.52 -20.67
CA ASN A 4 -11.01 -4.88 -19.71
C ASN A 4 -9.74 -4.39 -20.41
N THR A 5 -9.72 -3.11 -20.75
CA THR A 5 -8.56 -2.51 -21.37
C THR A 5 -7.95 -1.46 -20.44
N ARG A 6 -6.75 -1.72 -19.95
CA ARG A 6 -6.13 -0.85 -18.98
C ARG A 6 -4.74 -0.44 -19.45
N PHE A 7 -4.00 0.22 -18.57
CA PHE A 7 -2.61 0.57 -18.86
C PHE A 7 -1.72 -0.61 -18.49
N SER A 8 -0.74 -0.89 -19.34
CA SER A 8 0.15 -2.02 -19.14
C SER A 8 0.85 -1.93 -17.78
N PRO A 9 0.83 -3.04 -17.01
CA PRO A 9 1.49 -3.12 -15.71
C PRO A 9 2.96 -2.72 -15.75
N GLU A 10 3.55 -2.84 -16.95
CA GLU A 10 4.93 -2.45 -17.17
C GLU A 10 5.16 -1.00 -16.77
N VAL A 11 4.19 -0.14 -17.11
CA VAL A 11 4.27 1.28 -16.81
C VAL A 11 4.20 1.50 -15.30
N ARG A 12 3.29 0.79 -14.64
CA ARG A 12 3.13 0.92 -13.19
C ARG A 12 4.37 0.43 -12.46
N GLN A 13 5.01 -0.62 -12.99
CA GLN A 13 6.25 -1.12 -12.41
C GLN A 13 7.36 -0.08 -12.55
N ARG A 14 7.48 0.47 -13.76
CA ARG A 14 8.48 1.50 -14.03
C ARG A 14 8.30 2.70 -13.11
N ALA A 15 7.09 3.24 -13.09
CA ALA A 15 6.79 4.46 -12.36
C ALA A 15 7.09 4.33 -10.87
N VAL A 16 6.43 3.38 -10.23
CA VAL A 16 6.55 3.20 -8.78
C VAL A 16 8.01 2.94 -8.37
N ARG A 17 8.71 2.13 -9.16
CA ARG A 17 10.09 1.80 -8.85
C ARG A 17 10.97 3.05 -8.88
N MET A 18 10.78 3.88 -9.90
CA MET A 18 11.58 5.10 -10.05
C MET A 18 11.22 6.11 -8.96
N VAL A 19 9.97 6.10 -8.53
CA VAL A 19 9.53 6.95 -7.43
C VAL A 19 10.23 6.56 -6.14
N LEU A 20 10.15 5.28 -5.79
CA LEU A 20 10.80 4.76 -4.58
C LEU A 20 12.30 5.01 -4.63
N GLU A 21 12.88 4.79 -5.81
CA GLU A 21 14.31 5.03 -6.02
C GLU A 21 14.68 6.46 -5.67
N SER A 22 13.90 7.42 -6.16
CA SER A 22 14.18 8.83 -5.93
C SER A 22 13.75 9.24 -4.51
N GLN A 23 12.79 8.50 -3.96
CA GLN A 23 12.35 8.72 -2.58
C GLN A 23 13.46 8.35 -1.61
N GLY A 24 14.40 7.54 -2.09
CA GLY A 24 15.59 7.22 -1.31
C GLY A 24 16.58 8.38 -1.30
N GLU A 25 16.23 9.44 -2.01
CA GLU A 25 17.05 10.64 -2.07
C GLU A 25 16.28 11.83 -1.50
N TYR A 26 15.08 12.05 -2.04
CA TYR A 26 14.24 13.16 -1.60
C TYR A 26 13.56 12.83 -0.27
N ASP A 27 13.41 13.83 0.57
CA ASP A 27 12.70 13.66 1.85
C ASP A 27 11.23 13.94 1.65
N SER A 28 10.92 14.56 0.52
CA SER A 28 9.55 14.90 0.19
C SER A 28 8.98 13.94 -0.84
N GLN A 29 7.82 13.40 -0.55
CA GLN A 29 7.12 12.53 -1.47
C GLN A 29 6.67 13.34 -2.68
N TRP A 30 6.20 14.55 -2.42
CA TRP A 30 5.66 15.41 -3.46
C TRP A 30 6.77 15.88 -4.40
N ALA A 31 7.93 16.21 -3.83
CA ALA A 31 9.08 16.61 -4.64
C ALA A 31 9.48 15.50 -5.59
N THR A 32 9.25 14.26 -5.17
CA THR A 32 9.55 13.09 -5.97
C THR A 32 8.49 12.91 -7.07
N ILE A 33 7.22 13.07 -6.71
CA ILE A 33 6.13 12.91 -7.66
C ILE A 33 6.24 13.94 -8.79
N CYS A 34 6.45 15.20 -8.42
CA CYS A 34 6.48 16.28 -9.39
C CYS A 34 7.70 16.23 -10.31
N SER A 35 8.70 15.41 -9.96
CA SER A 35 9.88 15.29 -10.78
C SER A 35 9.82 14.06 -11.68
N ILE A 36 9.30 12.97 -11.14
CA ILE A 36 9.26 11.70 -11.85
C ILE A 36 8.12 11.64 -12.86
N ALA A 37 6.97 12.21 -12.49
CA ALA A 37 5.78 12.17 -13.34
C ALA A 37 6.06 12.71 -14.76
N PRO A 38 6.58 13.96 -14.90
CA PRO A 38 6.85 14.54 -16.22
C PRO A 38 8.10 13.96 -16.86
N LYS A 39 8.86 13.19 -16.09
CA LYS A 39 10.06 12.52 -16.60
C LYS A 39 9.68 11.25 -17.34
N ILE A 40 8.71 10.53 -16.80
CA ILE A 40 8.21 9.32 -17.42
C ILE A 40 7.16 9.66 -18.47
N GLY A 41 6.28 10.60 -18.13
CA GLY A 41 5.23 10.99 -19.04
C GLY A 41 3.86 10.63 -18.53
N CYS A 42 3.61 10.95 -17.26
CA CYS A 42 2.32 10.69 -16.64
C CYS A 42 1.93 11.87 -15.76
N THR A 43 0.66 11.97 -15.45
CA THR A 43 0.17 13.06 -14.60
C THR A 43 0.49 12.78 -13.13
N PRO A 44 0.86 13.84 -12.38
CA PRO A 44 1.24 13.72 -10.97
C PRO A 44 0.19 13.03 -10.12
N GLU A 45 -1.08 13.29 -10.41
CA GLU A 45 -2.16 12.73 -9.63
C GLU A 45 -2.32 11.23 -9.89
N THR A 46 -2.02 10.80 -11.12
CA THR A 46 -2.05 9.37 -11.43
C THR A 46 -0.87 8.67 -10.77
N LEU A 47 0.29 9.33 -10.78
CA LEU A 47 1.47 8.79 -10.13
C LEU A 47 1.23 8.65 -8.62
N ARG A 48 0.57 9.65 -8.05
CA ARG A 48 0.20 9.61 -6.63
C ARG A 48 -0.60 8.37 -6.31
N VAL A 49 -1.57 8.05 -7.17
CA VAL A 49 -2.42 6.88 -6.98
C VAL A 49 -1.58 5.61 -6.92
N TRP A 50 -0.64 5.47 -7.85
CA TRP A 50 0.21 4.29 -7.91
C TRP A 50 1.06 4.16 -6.65
N VAL A 51 1.56 5.28 -6.15
CA VAL A 51 2.36 5.28 -4.93
C VAL A 51 1.53 4.82 -3.73
N ARG A 52 0.33 5.40 -3.59
CA ARG A 52 -0.59 5.03 -2.52
C ARG A 52 -0.97 3.55 -2.66
N GLN A 53 -1.16 3.11 -3.90
CA GLN A 53 -1.53 1.73 -4.17
C GLN A 53 -0.42 0.77 -3.74
N HIS A 54 0.81 1.04 -4.19
CA HIS A 54 1.94 0.16 -3.86
C HIS A 54 2.17 0.11 -2.36
N GLU A 55 1.95 1.22 -1.69
CA GLU A 55 2.10 1.32 -0.25
C GLU A 55 1.06 0.43 0.45
N ARG A 56 -0.08 0.28 -0.21
CA ARG A 56 -1.15 -0.57 0.29
C ARG A 56 -0.90 -2.03 -0.09
N ASP A 57 -0.35 -2.23 -1.29
CA ASP A 57 0.04 -3.57 -1.76
C ASP A 57 1.05 -4.19 -0.82
N THR A 58 2.22 -3.57 -0.75
CA THR A 58 3.30 -4.09 0.07
C THR A 58 3.32 -3.39 1.43
N GLY A 59 2.42 -3.82 2.31
CA GLY A 59 2.37 -3.26 3.64
C GLY A 59 2.91 -4.21 4.68
N GLY A 60 2.39 -4.11 5.89
CA GLY A 60 2.84 -4.97 6.97
C GLY A 60 2.19 -6.35 6.94
N ASP A 61 2.22 -6.97 5.78
CA ASP A 61 1.66 -8.31 5.59
C ASP A 61 2.77 -9.34 5.58
N ASP A 62 2.44 -10.54 5.12
CA ASP A 62 3.45 -11.58 4.94
C ASP A 62 3.84 -11.67 3.47
N GLY A 63 3.59 -10.59 2.75
CA GLY A 63 3.84 -10.58 1.32
C GLY A 63 5.30 -10.39 0.98
N GLY A 64 5.93 -11.45 0.48
CA GLY A 64 7.28 -11.35 -0.02
C GLY A 64 8.31 -11.72 1.02
N LEU A 65 8.25 -11.06 2.17
CA LEU A 65 9.22 -11.26 3.23
C LEU A 65 9.20 -12.72 3.72
N THR A 66 8.02 -13.29 3.79
CA THR A 66 7.86 -14.66 4.26
C THR A 66 8.07 -15.65 3.11
N THR A 67 9.18 -15.46 2.39
CA THR A 67 9.62 -16.32 1.27
C THR A 67 8.65 -16.31 0.09
N ALA A 68 7.48 -15.70 0.26
CA ALA A 68 6.47 -15.63 -0.79
C ALA A 68 5.40 -14.62 -0.41
N GLU A 69 4.69 -14.10 -1.39
CA GLU A 69 3.58 -13.20 -1.13
C GLU A 69 2.27 -13.97 -1.27
N ARG A 70 2.05 -14.47 -2.47
CA ARG A 70 0.90 -15.32 -2.77
C ARG A 70 1.37 -16.48 -3.62
N GLN A 71 0.62 -17.57 -3.63
CA GLN A 71 0.97 -18.72 -4.43
C GLN A 71 1.13 -18.32 -5.90
N ARG A 72 2.30 -18.62 -6.46
CA ARG A 72 2.63 -18.23 -7.82
C ARG A 72 2.00 -19.18 -8.83
N LEU A 73 0.68 -19.29 -8.77
CA LEU A 73 -0.05 -20.18 -9.65
C LEU A 73 -0.17 -19.57 -11.05
N LYS A 74 0.90 -19.68 -11.83
CA LYS A 74 0.91 -19.21 -13.20
C LYS A 74 1.28 -20.34 -14.13
N GLU A 75 1.21 -21.57 -13.63
CA GLU A 75 1.54 -22.75 -14.41
C GLU A 75 0.33 -23.17 -15.24
N PRO A 76 0.35 -22.86 -16.54
CA PRO A 76 -0.82 -22.98 -17.41
C PRO A 76 -0.88 -24.29 -18.17
N GLU A 77 -0.29 -25.33 -17.61
CA GLU A 77 -0.29 -26.63 -18.25
C GLU A 77 -1.15 -27.61 -17.45
N ARG A 78 -2.32 -27.92 -17.99
CA ARG A 78 -3.29 -28.73 -17.29
C ARG A 78 -4.00 -29.68 -18.26
N GLU A 79 -4.27 -29.19 -19.47
CA GLU A 79 -5.02 -29.95 -20.45
C GLU A 79 -4.82 -29.38 -21.86
N ASN A 80 -4.20 -30.16 -22.74
CA ASN A 80 -4.05 -29.74 -24.13
C ASN A 80 -4.89 -30.65 -25.04
N ARG A 81 -4.39 -31.85 -25.29
CA ARG A 81 -5.07 -32.82 -26.13
C ARG A 81 -4.84 -34.23 -25.62
N GLU A 82 -5.91 -34.98 -25.41
CA GLU A 82 -5.79 -36.37 -25.04
C GLU A 82 -6.81 -37.20 -25.83
N LEU A 83 -6.97 -38.47 -25.45
CA LEU A 83 -7.78 -39.42 -26.20
C LEU A 83 -7.13 -39.66 -27.56
N ARG A 84 -5.82 -39.44 -27.60
CA ARG A 84 -5.00 -39.56 -28.80
C ARG A 84 -5.33 -38.47 -29.81
N ARG A 85 -4.29 -37.84 -30.31
CA ARG A 85 -4.42 -36.74 -31.25
C ARG A 85 -4.59 -37.26 -32.67
N SER A 86 -5.32 -36.52 -33.49
CA SER A 86 -5.49 -36.89 -34.88
C SER A 86 -4.32 -36.35 -35.71
N ASN A 87 -4.39 -36.51 -37.02
CA ASN A 87 -3.32 -36.07 -37.90
C ASN A 87 -3.88 -35.50 -39.20
N ASP A 88 -3.23 -34.46 -39.69
CA ASP A 88 -3.62 -33.85 -40.96
C ASP A 88 -2.39 -33.69 -41.84
N ILE A 89 -2.54 -34.02 -43.11
CA ILE A 89 -1.42 -34.04 -44.04
C ILE A 89 -1.71 -33.18 -45.25
N LEU A 90 -0.92 -32.13 -45.41
CA LEU A 90 -1.02 -31.27 -46.59
C LEU A 90 -0.07 -31.79 -47.66
N ARG A 91 -0.62 -32.33 -48.73
CA ARG A 91 0.18 -32.92 -49.79
C ARG A 91 0.51 -31.89 -50.85
N LEU A 92 1.79 -31.66 -51.06
CA LEU A 92 2.26 -30.72 -52.07
C LEU A 92 2.30 -31.42 -53.43
N ALA A 93 2.60 -32.70 -53.41
CA ALA A 93 2.68 -33.49 -54.63
C ALA A 93 1.28 -33.78 -55.19
N SER A 94 0.75 -32.83 -55.94
CA SER A 94 -0.51 -33.02 -56.63
C SER A 94 -0.30 -32.88 -58.14
N ALA A 95 -0.16 -34.01 -58.82
CA ALA A 95 0.18 -34.03 -60.24
C ALA A 95 -0.92 -33.42 -61.09
N TYR A 96 -0.56 -32.37 -61.83
CA TYR A 96 -1.47 -31.72 -62.79
C TYR A 96 -2.67 -31.10 -62.06
N PHE A 97 -2.53 -30.87 -60.76
CA PHE A 97 -3.64 -30.35 -59.98
C PHE A 97 -3.49 -28.84 -59.77
N ALA A 98 -3.90 -28.09 -60.78
CA ALA A 98 -3.95 -26.64 -60.70
C ALA A 98 -5.00 -26.11 -61.68
N LYS A 99 -6.27 -26.33 -61.33
CA LYS A 99 -7.40 -25.98 -62.19
C LYS A 99 -7.45 -26.88 -63.43
N ALA A 100 -6.56 -27.87 -63.44
CA ALA A 100 -6.42 -28.83 -64.54
C ALA A 100 -5.90 -28.17 -65.82
N GLU A 101 -6.70 -27.27 -66.38
CA GLU A 101 -6.40 -26.60 -67.64
C GLU A 101 -6.61 -27.56 -68.82
N PHE A 102 -7.65 -27.28 -69.60
CA PHE A 102 -8.02 -28.06 -70.78
C PHE A 102 -8.73 -29.35 -70.40
N ASP A 103 -9.53 -29.86 -71.34
CA ASP A 103 -10.32 -31.10 -71.17
C ASP A 103 -11.55 -30.86 -70.30
N ARG A 104 -12.54 -31.72 -70.43
CA ARG A 104 -13.80 -31.57 -69.73
C ARG A 104 -14.40 -32.92 -69.41
N LEU A 105 -15.46 -32.92 -68.60
CA LEU A 105 -16.11 -34.15 -68.15
C LEU A 105 -17.46 -34.31 -68.83
N TRP A 106 -17.56 -33.82 -70.05
CA TRP A 106 -18.82 -33.83 -70.79
C TRP A 106 -18.90 -35.07 -71.68
N LYS A 107 -17.90 -35.94 -71.57
CA LYS A 107 -17.80 -37.18 -72.36
C LYS A 107 -17.51 -36.86 -73.82
N LYS A 108 -16.30 -37.22 -74.25
CA LYS A 108 -15.83 -36.97 -75.62
C LYS A 108 -15.73 -35.47 -75.89
N MET A 1 1.13 -4.66 -37.63
CA MET A 1 1.45 -4.16 -36.27
C MET A 1 0.39 -3.18 -35.78
N THR A 2 -0.32 -3.58 -34.73
CA THR A 2 -1.28 -2.70 -34.08
C THR A 2 -1.69 -3.31 -32.73
N LYS A 3 -1.69 -2.49 -31.70
CA LYS A 3 -2.03 -2.95 -30.36
C LYS A 3 -2.64 -1.82 -29.54
N ASN A 4 -3.91 -1.95 -29.22
CA ASN A 4 -4.59 -0.99 -28.37
C ASN A 4 -4.23 -1.23 -26.91
N THR A 5 -3.61 -0.25 -26.29
CA THR A 5 -3.17 -0.38 -24.90
C THR A 5 -3.92 0.57 -23.99
N ARG A 6 -3.98 0.23 -22.71
CA ARG A 6 -4.63 1.07 -21.71
C ARG A 6 -3.58 1.56 -20.71
N PHE A 7 -3.21 0.68 -19.79
CA PHE A 7 -2.17 0.95 -18.82
C PHE A 7 -1.39 -0.32 -18.52
N SER A 8 -0.27 -0.50 -19.19
CA SER A 8 0.55 -1.69 -19.01
C SER A 8 1.13 -1.72 -17.60
N PRO A 9 1.12 -2.90 -16.95
CA PRO A 9 1.63 -3.08 -15.59
C PRO A 9 3.08 -2.64 -15.44
N GLU A 10 3.80 -2.68 -16.55
CA GLU A 10 5.20 -2.26 -16.59
C GLU A 10 5.33 -0.82 -16.10
N VAL A 11 4.43 0.04 -16.57
CA VAL A 11 4.47 1.46 -16.23
C VAL A 11 4.28 1.68 -14.74
N ARG A 12 3.34 0.95 -14.14
CA ARG A 12 3.04 1.08 -12.72
C ARG A 12 4.29 0.81 -11.88
N GLN A 13 4.88 -0.37 -12.08
CA GLN A 13 6.03 -0.79 -11.29
C GLN A 13 7.24 0.10 -11.58
N ARG A 14 7.37 0.50 -12.84
CA ARG A 14 8.46 1.37 -13.25
C ARG A 14 8.40 2.69 -12.48
N ALA A 15 7.20 3.28 -12.43
CA ALA A 15 6.99 4.54 -11.75
C ALA A 15 7.17 4.39 -10.24
N VAL A 16 6.52 3.39 -9.67
CA VAL A 16 6.59 3.15 -8.22
C VAL A 16 8.03 2.95 -7.77
N ARG A 17 8.77 2.10 -8.48
CA ARG A 17 10.15 1.82 -8.12
C ARG A 17 11.01 3.07 -8.26
N MET A 18 10.69 3.90 -9.25
CA MET A 18 11.39 5.15 -9.47
C MET A 18 11.12 6.10 -8.30
N VAL A 19 9.87 6.10 -7.84
CA VAL A 19 9.49 6.89 -6.67
C VAL A 19 10.25 6.41 -5.44
N LEU A 20 10.28 5.09 -5.24
CA LEU A 20 10.94 4.50 -4.08
C LEU A 20 12.44 4.87 -4.04
N GLU A 21 13.11 4.68 -5.17
CA GLU A 21 14.53 5.00 -5.26
C GLU A 21 14.79 6.47 -4.95
N SER A 22 13.90 7.34 -5.42
CA SER A 22 14.05 8.77 -5.22
C SER A 22 13.57 9.18 -3.82
N GLN A 23 12.74 8.35 -3.21
CA GLN A 23 12.30 8.60 -1.84
C GLN A 23 13.43 8.28 -0.87
N GLY A 24 14.37 7.47 -1.33
CA GLY A 24 15.57 7.22 -0.56
C GLY A 24 16.60 8.32 -0.78
N GLU A 25 16.36 9.12 -1.80
CA GLU A 25 17.21 10.27 -2.11
C GLU A 25 16.72 11.51 -1.36
N TYR A 26 15.47 11.86 -1.62
CA TYR A 26 14.87 13.04 -1.00
C TYR A 26 14.00 12.63 0.17
N ASP A 27 13.32 13.59 0.77
CA ASP A 27 12.34 13.30 1.81
C ASP A 27 10.96 13.76 1.36
N SER A 28 10.92 14.31 0.16
CA SER A 28 9.68 14.87 -0.37
C SER A 28 9.17 14.06 -1.54
N GLN A 29 8.01 13.44 -1.37
CA GLN A 29 7.35 12.74 -2.48
C GLN A 29 6.89 13.75 -3.52
N TRP A 30 6.59 14.97 -3.07
CA TRP A 30 6.15 16.03 -3.96
C TRP A 30 7.22 16.34 -4.99
N ALA A 31 8.43 16.57 -4.53
CA ALA A 31 9.56 16.83 -5.42
C ALA A 31 9.87 15.62 -6.29
N THR A 32 9.73 14.44 -5.71
CA THR A 32 9.95 13.19 -6.43
C THR A 32 8.95 13.06 -7.59
N ILE A 33 7.67 13.11 -7.26
CA ILE A 33 6.61 12.94 -8.25
C ILE A 33 6.66 14.04 -9.31
N CYS A 34 6.98 15.26 -8.89
CA CYS A 34 7.08 16.40 -9.80
C CYS A 34 8.18 16.19 -10.83
N SER A 35 9.14 15.33 -10.51
CA SER A 35 10.24 15.06 -11.42
C SER A 35 9.92 13.87 -12.33
N ILE A 36 9.01 13.02 -11.88
CA ILE A 36 8.68 11.82 -12.62
C ILE A 36 7.53 12.06 -13.61
N ALA A 37 6.61 12.94 -13.22
CA ALA A 37 5.44 13.26 -14.05
C ALA A 37 5.84 13.69 -15.47
N PRO A 38 6.76 14.67 -15.64
CA PRO A 38 7.19 15.12 -16.97
C PRO A 38 8.15 14.14 -17.64
N LYS A 39 8.61 13.16 -16.87
CA LYS A 39 9.52 12.14 -17.40
C LYS A 39 8.74 11.07 -18.15
N ILE A 40 7.58 10.71 -17.61
CA ILE A 40 6.71 9.75 -18.24
C ILE A 40 5.75 10.46 -19.20
N GLY A 41 5.16 11.55 -18.72
CA GLY A 41 4.20 12.28 -19.52
C GLY A 41 2.78 12.04 -19.03
N CYS A 42 2.59 12.19 -17.73
CA CYS A 42 1.30 11.98 -17.10
C CYS A 42 1.08 12.97 -15.96
N THR A 43 -0.15 13.06 -15.49
CA THR A 43 -0.47 13.96 -14.40
C THR A 43 0.14 13.48 -13.08
N PRO A 44 0.67 14.42 -12.28
CA PRO A 44 1.36 14.11 -11.02
C PRO A 44 0.55 13.22 -10.07
N GLU A 45 -0.74 13.50 -9.92
CA GLU A 45 -1.58 12.76 -8.98
C GLU A 45 -1.65 11.28 -9.37
N THR A 46 -1.49 11.00 -10.66
CA THR A 46 -1.54 9.64 -11.17
C THR A 46 -0.42 8.78 -10.59
N LEU A 47 0.75 9.39 -10.41
CA LEU A 47 1.90 8.68 -9.84
C LEU A 47 1.57 8.19 -8.44
N ARG A 48 1.00 9.07 -7.63
CA ARG A 48 0.66 8.74 -6.26
C ARG A 48 -0.33 7.59 -6.21
N VAL A 49 -1.22 7.53 -7.20
CA VAL A 49 -2.21 6.46 -7.29
C VAL A 49 -1.52 5.10 -7.40
N TRP A 50 -0.61 4.98 -8.35
CA TRP A 50 0.11 3.73 -8.56
C TRP A 50 0.95 3.38 -7.34
N VAL A 51 1.57 4.39 -6.74
CA VAL A 51 2.38 4.18 -5.55
C VAL A 51 1.49 3.73 -4.39
N ARG A 52 0.32 4.36 -4.26
CA ARG A 52 -0.61 4.04 -3.19
C ARG A 52 -1.09 2.59 -3.32
N GLN A 53 -1.22 2.12 -4.57
CA GLN A 53 -1.57 0.72 -4.82
C GLN A 53 -0.50 -0.19 -4.22
N HIS A 54 0.76 0.15 -4.48
CA HIS A 54 1.88 -0.65 -3.99
C HIS A 54 1.97 -0.60 -2.47
N GLU A 55 1.81 0.58 -1.90
CA GLU A 55 1.95 0.77 -0.46
C GLU A 55 0.77 0.17 0.29
N ARG A 56 -0.35 0.01 -0.39
CA ARG A 56 -1.51 -0.64 0.20
C ARG A 56 -1.33 -2.15 0.12
N ASP A 57 -0.93 -2.62 -1.06
CA ASP A 57 -0.67 -4.04 -1.31
C ASP A 57 0.47 -4.54 -0.42
N THR A 58 1.54 -3.78 -0.39
CA THR A 58 2.68 -4.11 0.45
C THR A 58 2.87 -3.03 1.51
N GLY A 59 2.20 -3.20 2.63
CA GLY A 59 2.29 -2.22 3.70
C GLY A 59 1.02 -2.16 4.54
N GLY A 60 0.36 -3.31 4.68
CA GLY A 60 -0.82 -3.37 5.52
C GLY A 60 -2.08 -3.77 4.77
N ASP A 61 -2.86 -2.76 4.36
CA ASP A 61 -4.14 -2.96 3.65
C ASP A 61 -5.24 -3.42 4.61
N ASP A 62 -4.85 -4.10 5.68
CA ASP A 62 -5.80 -4.60 6.67
C ASP A 62 -6.54 -3.46 7.34
N GLY A 63 -7.79 -3.28 6.94
CA GLY A 63 -8.60 -2.20 7.48
C GLY A 63 -10.05 -2.39 7.14
N GLY A 64 -10.65 -1.35 6.57
CA GLY A 64 -12.04 -1.42 6.20
C GLY A 64 -12.49 -0.15 5.52
N LEU A 65 -13.80 0.03 5.40
CA LEU A 65 -14.36 1.21 4.78
C LEU A 65 -14.27 2.39 5.74
N THR A 66 -14.30 2.09 7.03
CA THR A 66 -14.22 3.12 8.06
C THR A 66 -12.77 3.55 8.28
N THR A 67 -12.36 4.58 7.57
CA THR A 67 -11.03 5.13 7.72
C THR A 67 -10.95 6.03 8.94
N ALA A 68 -10.05 5.71 9.86
CA ALA A 68 -9.92 6.45 11.11
C ALA A 68 -8.98 7.65 10.92
N GLU A 69 -8.52 7.85 9.69
CA GLU A 69 -7.57 8.91 9.37
C GLU A 69 -8.19 10.30 9.58
N ARG A 70 -9.50 10.35 9.80
CA ARG A 70 -10.18 11.62 10.03
C ARG A 70 -10.59 11.79 11.49
N GLN A 71 -11.07 10.71 12.10
CA GLN A 71 -11.54 10.78 13.48
C GLN A 71 -10.36 10.71 14.45
N ARG A 72 -9.28 10.08 14.01
CA ARG A 72 -8.05 10.04 14.78
C ARG A 72 -7.04 11.01 14.19
N LEU A 73 -6.86 12.14 14.87
CA LEU A 73 -5.91 13.15 14.41
C LEU A 73 -4.49 12.61 14.50
N LYS A 74 -4.12 12.13 15.68
CA LYS A 74 -2.80 11.58 15.94
C LYS A 74 -1.72 12.63 15.66
N GLU A 75 -1.36 13.37 16.71
CA GLU A 75 -0.50 14.55 16.57
C GLU A 75 -1.22 15.62 15.76
N PRO A 76 -2.01 16.46 16.46
CA PRO A 76 -2.87 17.46 15.84
C PRO A 76 -2.10 18.50 15.03
N GLU A 77 -2.28 18.44 13.71
CA GLU A 77 -1.67 19.40 12.81
C GLU A 77 -2.62 20.54 12.52
N ARG A 78 -3.92 20.29 12.71
CA ARG A 78 -4.95 21.24 12.31
C ARG A 78 -6.04 21.32 13.37
N GLU A 79 -6.60 22.50 13.56
CA GLU A 79 -7.74 22.69 14.43
C GLU A 79 -9.00 22.71 13.60
N ASN A 80 -10.16 22.89 14.25
CA ASN A 80 -11.41 23.03 13.52
C ASN A 80 -11.55 24.44 13.00
N ARG A 81 -10.78 24.73 11.96
CA ARG A 81 -10.75 26.07 11.38
C ARG A 81 -11.68 26.18 10.17
N GLU A 82 -12.22 25.04 9.75
CA GLU A 82 -13.12 25.00 8.59
C GLU A 82 -14.54 25.40 8.98
N LEU A 83 -14.66 26.12 10.08
CA LEU A 83 -15.94 26.63 10.55
C LEU A 83 -15.99 28.14 10.31
N ARG A 84 -15.19 28.57 9.33
CA ARG A 84 -14.95 29.98 9.08
C ARG A 84 -15.98 30.60 8.13
N ARG A 85 -16.91 31.35 8.70
CA ARG A 85 -17.79 32.20 7.93
C ARG A 85 -17.63 33.64 8.39
N SER A 86 -18.13 34.58 7.60
CA SER A 86 -18.01 35.99 7.93
C SER A 86 -18.91 36.33 9.13
N ASN A 87 -19.91 35.50 9.37
CA ASN A 87 -20.83 35.72 10.47
C ASN A 87 -20.46 34.87 11.68
N ASP A 88 -19.38 34.10 11.56
CA ASP A 88 -18.89 33.30 12.69
C ASP A 88 -17.68 34.00 13.32
N ILE A 89 -17.76 34.22 14.62
CA ILE A 89 -16.71 34.92 15.35
C ILE A 89 -15.96 33.97 16.26
N LEU A 90 -14.97 34.50 16.97
CA LEU A 90 -14.11 33.72 17.86
C LEU A 90 -13.32 32.68 17.08
N ARG A 91 -12.26 33.13 16.45
CA ARG A 91 -11.37 32.23 15.74
C ARG A 91 -10.37 31.63 16.70
N LEU A 92 -10.43 30.31 16.84
CA LEU A 92 -9.63 29.57 17.82
C LEU A 92 -10.16 29.80 19.23
N ALA A 93 -9.87 30.96 19.81
CA ALA A 93 -10.34 31.31 21.15
C ALA A 93 -10.06 32.76 21.46
N SER A 94 -8.78 33.08 21.67
CA SER A 94 -8.37 34.42 22.07
C SER A 94 -6.87 34.60 21.91
N ALA A 95 -6.12 33.55 22.27
CA ALA A 95 -4.67 33.52 22.16
C ALA A 95 -3.99 34.45 23.16
N TYR A 96 -4.79 35.05 24.04
CA TYR A 96 -4.29 35.98 25.04
C TYR A 96 -5.42 36.38 25.98
N PHE A 97 -5.13 36.41 27.28
CA PHE A 97 -6.14 36.75 28.29
C PHE A 97 -6.50 38.23 28.25
N ALA A 98 -5.57 39.08 28.66
CA ALA A 98 -5.80 40.51 28.69
C ALA A 98 -4.53 41.25 28.35
N LYS A 99 -4.63 42.24 27.47
CA LYS A 99 -3.47 43.00 27.06
C LYS A 99 -3.20 44.11 28.07
N ALA A 100 -2.48 43.78 29.11
CA ALA A 100 -2.11 44.72 30.15
C ALA A 100 -1.00 44.13 31.00
N GLU A 101 -0.25 44.99 31.66
CA GLU A 101 0.80 44.54 32.56
C GLU A 101 0.26 44.48 33.98
N PHE A 102 -0.48 43.41 34.27
CA PHE A 102 -1.08 43.23 35.58
C PHE A 102 -0.16 42.42 36.49
N ASP A 103 0.61 41.52 35.89
CA ASP A 103 1.56 40.72 36.63
C ASP A 103 2.78 41.57 37.00
N ARG A 104 2.71 42.19 38.16
CA ARG A 104 3.78 43.03 38.67
C ARG A 104 3.87 42.92 40.18
N LEU A 105 3.11 41.98 40.73
CA LEU A 105 3.03 41.79 42.16
C LEU A 105 3.61 40.44 42.57
N TRP A 106 4.87 40.43 42.95
CA TRP A 106 5.54 39.21 43.35
C TRP A 106 5.19 38.88 44.80
N LYS A 107 4.77 37.65 45.03
CA LYS A 107 4.47 37.19 46.38
C LYS A 107 4.55 35.66 46.46
N LYS A 108 5.65 35.19 47.04
CA LYS A 108 5.85 33.76 47.25
C LYS A 108 6.57 33.54 48.58
N MET A 1 3.56 1.13 -34.10
CA MET A 1 4.56 0.05 -33.97
C MET A 1 5.30 0.17 -32.64
N THR A 2 5.04 -0.76 -31.73
CA THR A 2 5.75 -0.86 -30.46
C THR A 2 5.29 0.21 -29.46
N LYS A 3 5.17 1.45 -29.92
CA LYS A 3 4.71 2.54 -29.08
C LYS A 3 3.19 2.54 -29.05
N ASN A 4 2.62 1.68 -28.21
CA ASN A 4 1.18 1.54 -28.08
C ASN A 4 0.58 2.81 -27.46
N THR A 5 -0.67 3.09 -27.80
CA THR A 5 -1.31 4.36 -27.46
C THR A 5 -1.89 4.34 -26.04
N ARG A 6 -1.16 3.73 -25.11
CA ARG A 6 -1.57 3.65 -23.72
C ARG A 6 -0.34 3.36 -22.86
N PHE A 7 -0.42 3.65 -21.57
CA PHE A 7 0.68 3.31 -20.68
C PHE A 7 0.75 1.79 -20.50
N SER A 8 1.95 1.26 -20.59
CA SER A 8 2.16 -0.18 -20.48
C SER A 8 1.96 -0.63 -19.03
N PRO A 9 1.45 -1.86 -18.82
CA PRO A 9 1.25 -2.41 -17.48
C PRO A 9 2.55 -2.45 -16.67
N GLU A 10 3.69 -2.51 -17.35
CA GLU A 10 4.97 -2.61 -16.68
C GLU A 10 5.44 -1.23 -16.21
N VAL A 11 4.78 -0.19 -16.73
CA VAL A 11 5.10 1.18 -16.33
C VAL A 11 4.78 1.40 -14.85
N ARG A 12 3.63 0.89 -14.42
CA ARG A 12 3.18 1.05 -13.04
C ARG A 12 4.24 0.53 -12.05
N GLN A 13 4.72 -0.68 -12.30
CA GLN A 13 5.71 -1.31 -11.42
C GLN A 13 7.00 -0.50 -11.39
N ARG A 14 7.42 -0.05 -12.57
CA ARG A 14 8.64 0.71 -12.72
C ARG A 14 8.52 2.09 -12.08
N ALA A 15 7.37 2.72 -12.30
CA ALA A 15 7.10 4.05 -11.77
C ALA A 15 7.17 4.06 -10.24
N VAL A 16 6.55 3.07 -9.61
CA VAL A 16 6.57 2.97 -8.16
C VAL A 16 8.00 2.79 -7.66
N ARG A 17 8.79 2.00 -8.38
CA ARG A 17 10.19 1.80 -8.02
C ARG A 17 10.96 3.10 -8.20
N MET A 18 10.63 3.86 -9.24
CA MET A 18 11.22 5.16 -9.48
C MET A 18 10.96 6.09 -8.30
N VAL A 19 9.72 6.06 -7.81
CA VAL A 19 9.34 6.88 -6.67
C VAL A 19 10.23 6.59 -5.48
N LEU A 20 10.46 5.31 -5.21
CA LEU A 20 11.31 4.89 -4.09
C LEU A 20 12.77 5.24 -4.36
N GLU A 21 13.20 5.01 -5.60
CA GLU A 21 14.57 5.27 -6.00
C GLU A 21 14.94 6.73 -5.75
N SER A 22 14.09 7.63 -6.22
CA SER A 22 14.34 9.05 -6.09
C SER A 22 13.91 9.54 -4.70
N GLN A 23 13.15 8.70 -3.98
CA GLN A 23 12.79 8.97 -2.60
C GLN A 23 14.04 8.91 -1.71
N GLY A 24 15.02 8.16 -2.20
CA GLY A 24 16.31 8.12 -1.52
C GLY A 24 17.13 9.38 -1.76
N GLU A 25 16.63 10.27 -2.61
CA GLU A 25 17.33 11.51 -2.92
C GLU A 25 16.54 12.71 -2.42
N TYR A 26 15.30 12.84 -2.86
CA TYR A 26 14.44 13.94 -2.42
C TYR A 26 14.04 13.73 -0.96
N ASP A 27 14.06 14.80 -0.18
CA ASP A 27 13.66 14.74 1.21
C ASP A 27 12.14 14.66 1.31
N SER A 28 11.46 15.39 0.44
CA SER A 28 10.01 15.38 0.40
C SER A 28 9.52 14.57 -0.80
N GLN A 29 8.64 13.62 -0.52
CA GLN A 29 8.15 12.69 -1.54
C GLN A 29 7.32 13.43 -2.60
N TRP A 30 6.84 14.61 -2.25
CA TRP A 30 6.08 15.44 -3.19
C TRP A 30 6.94 15.79 -4.39
N ALA A 31 8.17 16.23 -4.12
CA ALA A 31 9.10 16.61 -5.16
C ALA A 31 9.49 15.40 -6.00
N THR A 32 9.58 14.25 -5.33
CA THR A 32 9.88 12.99 -5.99
C THR A 32 8.87 12.72 -7.10
N ILE A 33 7.60 12.66 -6.74
CA ILE A 33 6.53 12.39 -7.68
C ILE A 33 6.46 13.48 -8.75
N CYS A 34 6.72 14.71 -8.35
CA CYS A 34 6.64 15.87 -9.23
C CYS A 34 7.63 15.74 -10.40
N SER A 35 8.84 15.27 -10.11
CA SER A 35 9.89 15.18 -11.13
C SER A 35 9.72 13.95 -12.02
N ILE A 36 9.12 12.90 -11.47
CA ILE A 36 8.98 11.63 -12.21
C ILE A 36 7.81 11.71 -13.20
N ALA A 37 6.82 12.53 -12.89
CA ALA A 37 5.63 12.66 -13.73
C ALA A 37 5.97 12.99 -15.20
N PRO A 38 6.75 14.06 -15.48
CA PRO A 38 7.10 14.44 -16.85
C PRO A 38 8.19 13.55 -17.44
N LYS A 39 8.77 12.70 -16.61
CA LYS A 39 9.80 11.77 -17.05
C LYS A 39 9.17 10.64 -17.85
N ILE A 40 8.01 10.18 -17.40
CA ILE A 40 7.29 9.12 -18.08
C ILE A 40 6.22 9.70 -18.99
N GLY A 41 5.52 10.73 -18.50
CA GLY A 41 4.47 11.35 -19.27
C GLY A 41 3.11 11.13 -18.66
N CYS A 42 3.02 11.40 -17.37
CA CYS A 42 1.76 11.27 -16.64
C CYS A 42 1.65 12.40 -15.64
N THR A 43 0.52 12.50 -14.97
CA THR A 43 0.32 13.54 -13.98
C THR A 43 0.69 13.02 -12.59
N PRO A 44 1.18 13.90 -11.71
CA PRO A 44 1.60 13.52 -10.36
C PRO A 44 0.50 12.82 -9.57
N GLU A 45 -0.74 13.25 -9.79
CA GLU A 45 -1.88 12.67 -9.11
C GLU A 45 -2.03 11.18 -9.43
N THR A 46 -1.87 10.84 -10.70
CA THR A 46 -1.99 9.45 -11.13
C THR A 46 -0.89 8.59 -10.51
N LEU A 47 0.33 9.11 -10.51
CA LEU A 47 1.47 8.41 -9.93
C LEU A 47 1.29 8.25 -8.42
N ARG A 48 0.74 9.30 -7.80
CA ARG A 48 0.47 9.30 -6.37
C ARG A 48 -0.48 8.15 -6.01
N VAL A 49 -1.50 7.96 -6.85
CA VAL A 49 -2.47 6.89 -6.64
C VAL A 49 -1.80 5.52 -6.75
N TRP A 50 -0.93 5.36 -7.74
CA TRP A 50 -0.23 4.09 -7.95
C TRP A 50 0.60 3.72 -6.72
N VAL A 51 1.26 4.70 -6.13
CA VAL A 51 2.06 4.48 -4.93
C VAL A 51 1.18 4.00 -3.79
N ARG A 52 0.07 4.71 -3.55
CA ARG A 52 -0.86 4.35 -2.49
C ARG A 52 -1.48 2.97 -2.72
N GLN A 53 -1.78 2.66 -3.97
CA GLN A 53 -2.33 1.35 -4.31
C GLN A 53 -1.30 0.25 -4.08
N HIS A 54 -0.02 0.59 -4.23
CA HIS A 54 1.04 -0.35 -3.95
C HIS A 54 1.14 -0.58 -2.44
N GLU A 55 0.83 0.46 -1.67
CA GLU A 55 0.77 0.34 -0.21
C GLU A 55 -0.39 -0.56 0.18
N ARG A 56 -1.52 -0.38 -0.50
CA ARG A 56 -2.70 -1.21 -0.30
C ARG A 56 -2.38 -2.66 -0.65
N ASP A 57 -1.64 -2.82 -1.74
CA ASP A 57 -1.21 -4.14 -2.22
C ASP A 57 -0.45 -4.89 -1.13
N THR A 58 0.47 -4.20 -0.47
CA THR A 58 1.26 -4.81 0.58
C THR A 58 0.46 -4.95 1.87
N GLY A 59 -0.34 -3.93 2.19
CA GLY A 59 -1.16 -3.97 3.38
C GLY A 59 -2.03 -2.74 3.52
N GLY A 60 -3.14 -2.71 2.80
CA GLY A 60 -4.06 -1.58 2.87
C GLY A 60 -4.99 -1.69 4.05
N ASP A 61 -5.34 -2.93 4.39
CA ASP A 61 -6.16 -3.20 5.56
C ASP A 61 -5.47 -4.27 6.40
N ASP A 62 -5.52 -5.51 5.91
CA ASP A 62 -4.83 -6.64 6.50
C ASP A 62 -5.18 -6.83 7.98
N GLY A 63 -6.19 -7.64 8.23
CA GLY A 63 -6.57 -7.95 9.59
C GLY A 63 -8.08 -8.04 9.75
N GLY A 64 -8.55 -7.77 10.95
CA GLY A 64 -9.97 -7.76 11.21
C GLY A 64 -10.53 -9.15 11.43
N LEU A 65 -11.09 -9.73 10.38
CA LEU A 65 -11.74 -11.03 10.50
C LEU A 65 -10.94 -12.12 9.78
N THR A 66 -9.88 -11.73 9.07
CA THR A 66 -9.08 -12.70 8.34
C THR A 66 -8.05 -13.35 9.27
N THR A 67 -7.68 -12.63 10.32
CA THR A 67 -6.72 -13.12 11.29
C THR A 67 -7.43 -13.92 12.39
N ALA A 68 -7.48 -15.23 12.21
CA ALA A 68 -8.21 -16.09 13.14
C ALA A 68 -7.28 -16.69 14.20
N GLU A 69 -7.00 -15.90 15.23
CA GLU A 69 -6.22 -16.37 16.38
C GLU A 69 -6.13 -15.26 17.43
N ARG A 70 -6.43 -15.61 18.68
CA ARG A 70 -6.24 -14.69 19.79
C ARG A 70 -5.39 -15.34 20.87
N GLN A 71 -5.88 -16.45 21.41
CA GLN A 71 -5.15 -17.18 22.44
C GLN A 71 -5.19 -18.67 22.14
N ARG A 72 -4.03 -19.28 21.99
CA ARG A 72 -3.92 -20.70 21.66
C ARG A 72 -4.06 -21.56 22.91
N LEU A 73 -5.29 -21.69 23.40
CA LEU A 73 -5.60 -22.55 24.54
C LEU A 73 -7.10 -22.73 24.63
N LYS A 74 -7.80 -21.64 24.91
CA LYS A 74 -9.26 -21.65 24.91
C LYS A 74 -9.75 -21.19 23.55
N GLU A 75 -9.04 -21.64 22.52
CA GLU A 75 -9.29 -21.24 21.14
C GLU A 75 -10.67 -21.69 20.63
N PRO A 76 -11.05 -22.99 20.79
CA PRO A 76 -12.35 -23.49 20.31
C PRO A 76 -13.55 -22.82 20.98
N GLU A 77 -13.27 -22.05 22.05
CA GLU A 77 -14.29 -21.31 22.78
C GLU A 77 -15.27 -22.25 23.48
N ARG A 78 -15.24 -22.26 24.80
CA ARG A 78 -16.16 -23.09 25.56
C ARG A 78 -17.22 -22.24 26.23
N GLU A 79 -17.27 -20.97 25.85
CA GLU A 79 -18.32 -20.08 26.30
C GLU A 79 -19.61 -20.39 25.56
N ASN A 80 -20.42 -21.25 26.15
CA ASN A 80 -21.67 -21.69 25.51
C ASN A 80 -22.80 -20.69 25.79
N ARG A 81 -22.42 -19.55 26.35
CA ARG A 81 -23.37 -18.50 26.64
C ARG A 81 -22.90 -17.21 25.98
N GLU A 82 -23.85 -16.40 25.52
CA GLU A 82 -23.51 -15.14 24.86
C GLU A 82 -23.02 -14.10 25.87
N LEU A 83 -22.57 -12.97 25.35
CA LEU A 83 -22.08 -11.89 26.19
C LEU A 83 -23.24 -11.16 26.85
N ARG A 84 -22.93 -10.24 27.75
CA ARG A 84 -23.97 -9.55 28.51
C ARG A 84 -23.48 -8.17 28.94
N ARG A 85 -24.39 -7.37 29.48
CA ARG A 85 -24.03 -6.12 30.13
C ARG A 85 -24.42 -6.21 31.58
N SER A 86 -23.54 -6.76 32.40
CA SER A 86 -23.83 -7.03 33.80
C SER A 86 -24.35 -5.79 34.53
N ASN A 87 -25.64 -5.81 34.86
CA ASN A 87 -26.26 -4.73 35.60
C ASN A 87 -27.28 -5.32 36.56
N ASP A 88 -27.39 -4.74 37.74
CA ASP A 88 -28.26 -5.28 38.76
C ASP A 88 -29.49 -4.41 38.94
N ILE A 89 -30.57 -4.78 38.25
CA ILE A 89 -31.84 -4.11 38.40
C ILE A 89 -32.88 -5.10 38.95
N LEU A 90 -33.22 -4.94 40.22
CA LEU A 90 -34.20 -5.81 40.86
C LEU A 90 -35.52 -5.05 41.04
N ARG A 91 -35.83 -4.71 42.29
CA ARG A 91 -37.07 -4.00 42.57
C ARG A 91 -36.78 -2.74 43.37
N LEU A 92 -37.06 -1.61 42.74
CA LEU A 92 -36.85 -0.30 43.36
C LEU A 92 -37.74 0.72 42.65
N ALA A 93 -37.40 2.00 42.77
CA ALA A 93 -38.12 3.10 42.11
C ALA A 93 -39.52 3.26 42.71
N SER A 94 -39.60 4.04 43.77
CA SER A 94 -40.86 4.31 44.43
C SER A 94 -41.62 5.41 43.70
N ALA A 95 -41.05 6.62 43.67
CA ALA A 95 -41.67 7.77 43.03
C ALA A 95 -40.64 8.86 42.81
N TYR A 96 -40.99 9.87 42.03
CA TYR A 96 -40.06 10.97 41.76
C TYR A 96 -40.79 12.17 41.15
N PHE A 97 -40.29 13.35 41.46
CA PHE A 97 -40.75 14.56 40.81
C PHE A 97 -39.58 15.18 40.04
N ALA A 98 -39.82 15.60 38.80
CA ALA A 98 -38.75 16.06 37.93
C ALA A 98 -38.30 17.48 38.27
N LYS A 99 -37.57 17.61 39.38
CA LYS A 99 -36.93 18.87 39.77
C LYS A 99 -37.91 20.03 39.87
N ALA A 100 -39.17 19.71 40.12
CA ALA A 100 -40.19 20.73 40.31
C ALA A 100 -40.66 20.72 41.76
N GLU A 101 -41.20 19.58 42.18
CA GLU A 101 -41.60 19.40 43.57
C GLU A 101 -40.47 18.74 44.34
N PHE A 102 -39.99 19.41 45.37
CA PHE A 102 -38.86 18.92 46.15
C PHE A 102 -39.33 17.97 47.26
N ASP A 103 -38.70 16.82 47.36
CA ASP A 103 -39.05 15.85 48.40
C ASP A 103 -38.10 15.93 49.59
N ARG A 104 -38.57 16.51 50.67
CA ARG A 104 -37.83 16.46 51.93
C ARG A 104 -38.71 15.83 53.00
N LEU A 105 -38.26 14.70 53.52
CA LEU A 105 -39.04 13.95 54.49
C LEU A 105 -38.47 14.08 55.90
N TRP A 106 -37.16 14.14 55.99
CA TRP A 106 -36.50 14.13 57.30
C TRP A 106 -35.51 15.28 57.45
N LYS A 107 -35.77 16.40 56.79
CA LYS A 107 -34.89 17.55 56.89
C LYS A 107 -35.65 18.75 57.42
N LYS A 108 -35.10 19.38 58.46
CA LYS A 108 -35.73 20.57 59.04
C LYS A 108 -35.64 21.73 58.07
N MET A 1 4.85 3.64 -33.90
CA MET A 1 3.93 4.78 -33.65
C MET A 1 3.25 4.62 -32.30
N THR A 2 2.09 3.94 -32.31
CA THR A 2 1.31 3.69 -31.10
C THR A 2 1.16 4.95 -30.25
N LYS A 3 0.27 5.84 -30.65
CA LYS A 3 0.05 7.06 -29.89
C LYS A 3 -1.16 6.91 -28.99
N ASN A 4 -1.67 5.69 -28.92
CA ASN A 4 -2.68 5.34 -27.94
C ASN A 4 -2.00 5.15 -26.60
N THR A 5 -1.87 6.23 -25.85
CA THR A 5 -1.06 6.24 -24.65
C THR A 5 -1.86 5.82 -23.42
N ARG A 6 -1.62 4.60 -22.97
CA ARG A 6 -2.14 4.11 -21.72
C ARG A 6 -0.99 3.60 -20.86
N PHE A 7 -1.06 3.86 -19.56
CA PHE A 7 -0.02 3.41 -18.65
C PHE A 7 -0.02 1.89 -18.52
N SER A 8 0.91 1.27 -19.25
CA SER A 8 1.09 -0.17 -19.21
C SER A 8 1.61 -0.60 -17.83
N PRO A 9 1.43 -1.88 -17.46
CA PRO A 9 1.89 -2.42 -16.17
C PRO A 9 3.33 -2.05 -15.86
N GLU A 10 4.24 -2.30 -16.80
CA GLU A 10 5.65 -1.98 -16.60
C GLU A 10 5.85 -0.51 -16.28
N VAL A 11 5.06 0.34 -16.92
CA VAL A 11 5.12 1.78 -16.71
C VAL A 11 4.76 2.13 -15.27
N ARG A 12 3.70 1.50 -14.78
CA ARG A 12 3.23 1.73 -13.42
C ARG A 12 4.29 1.29 -12.40
N GLN A 13 4.83 0.09 -12.62
CA GLN A 13 5.86 -0.46 -11.76
C GLN A 13 7.11 0.42 -11.81
N ARG A 14 7.45 0.86 -13.02
CA ARG A 14 8.60 1.73 -13.24
C ARG A 14 8.50 2.99 -12.40
N ALA A 15 7.34 3.65 -12.50
CA ALA A 15 7.10 4.90 -11.79
C ALA A 15 7.30 4.72 -10.29
N VAL A 16 6.60 3.76 -9.72
CA VAL A 16 6.67 3.50 -8.28
C VAL A 16 8.10 3.22 -7.84
N ARG A 17 8.80 2.40 -8.61
CA ARG A 17 10.19 2.06 -8.29
C ARG A 17 11.08 3.28 -8.35
N MET A 18 10.94 4.07 -9.41
CA MET A 18 11.75 5.28 -9.59
C MET A 18 11.51 6.27 -8.46
N VAL A 19 10.26 6.32 -7.98
CA VAL A 19 9.92 7.17 -6.85
C VAL A 19 10.66 6.70 -5.60
N LEU A 20 10.72 5.40 -5.40
CA LEU A 20 11.41 4.82 -4.24
C LEU A 20 12.91 5.05 -4.35
N GLU A 21 13.46 4.87 -5.55
CA GLU A 21 14.87 5.11 -5.79
C GLU A 21 15.22 6.55 -5.45
N SER A 22 14.38 7.48 -5.88
CA SER A 22 14.59 8.89 -5.62
C SER A 22 14.16 9.25 -4.19
N GLN A 23 13.39 8.38 -3.55
CA GLN A 23 12.98 8.55 -2.16
C GLN A 23 14.21 8.41 -1.26
N GLY A 24 15.16 7.61 -1.71
CA GLY A 24 16.42 7.48 -1.01
C GLY A 24 17.34 8.68 -1.24
N GLU A 25 16.86 9.66 -1.97
CA GLU A 25 17.64 10.86 -2.29
C GLU A 25 16.93 12.11 -1.79
N TYR A 26 15.63 12.18 -2.06
CA TYR A 26 14.81 13.29 -1.59
C TYR A 26 14.31 13.03 -0.18
N ASP A 27 14.02 14.09 0.54
CA ASP A 27 13.44 13.95 1.87
C ASP A 27 11.92 13.97 1.76
N SER A 28 11.44 14.54 0.67
CA SER A 28 10.01 14.67 0.44
C SER A 28 9.62 14.09 -0.92
N GLN A 29 8.79 13.06 -0.87
CA GLN A 29 8.27 12.40 -2.07
C GLN A 29 7.48 13.38 -2.95
N TRP A 30 7.06 14.47 -2.34
CA TRP A 30 6.35 15.55 -3.02
C TRP A 30 7.12 16.00 -4.26
N ALA A 31 8.43 16.19 -4.09
CA ALA A 31 9.28 16.66 -5.18
C ALA A 31 9.55 15.54 -6.18
N THR A 32 9.56 14.32 -5.67
CA THR A 32 9.83 13.14 -6.48
C THR A 32 8.75 12.97 -7.56
N ILE A 33 7.49 13.06 -7.15
CA ILE A 33 6.36 12.93 -8.06
C ILE A 33 6.45 13.94 -9.20
N CYS A 34 6.72 15.19 -8.84
CA CYS A 34 6.72 16.30 -9.78
C CYS A 34 7.89 16.22 -10.77
N SER A 35 8.88 15.40 -10.46
CA SER A 35 10.07 15.29 -11.30
C SER A 35 9.99 14.10 -12.25
N ILE A 36 9.41 13.00 -11.78
CA ILE A 36 9.36 11.77 -12.57
C ILE A 36 8.16 11.76 -13.52
N ALA A 37 7.08 12.46 -13.13
CA ALA A 37 5.87 12.51 -13.93
C ALA A 37 6.12 12.94 -15.38
N PRO A 38 6.81 14.09 -15.63
CA PRO A 38 7.07 14.56 -17.00
C PRO A 38 8.07 13.69 -17.76
N LYS A 39 8.77 12.82 -17.04
CA LYS A 39 9.74 11.92 -17.67
C LYS A 39 9.02 10.82 -18.45
N ILE A 40 8.07 10.18 -17.80
CA ILE A 40 7.33 9.09 -18.42
C ILE A 40 6.15 9.64 -19.21
N GLY A 41 5.68 10.81 -18.82
CA GLY A 41 4.54 11.42 -19.48
C GLY A 41 3.24 10.94 -18.89
N CYS A 42 3.20 10.86 -17.57
CA CYS A 42 2.01 10.39 -16.88
C CYS A 42 1.51 11.43 -15.90
N THR A 43 0.22 11.41 -15.64
CA THR A 43 -0.40 12.34 -14.72
C THR A 43 0.06 12.11 -13.29
N PRO A 44 0.59 13.16 -12.63
CA PRO A 44 1.09 13.07 -11.25
C PRO A 44 0.01 12.62 -10.28
N GLU A 45 -1.23 12.96 -10.58
CA GLU A 45 -2.37 12.58 -9.76
C GLU A 45 -2.53 11.07 -9.74
N THR A 46 -2.35 10.45 -10.90
CA THR A 46 -2.45 9.00 -11.02
C THR A 46 -1.31 8.33 -10.28
N LEU A 47 -0.14 8.99 -10.26
CA LEU A 47 1.01 8.49 -9.54
C LEU A 47 0.72 8.42 -8.05
N ARG A 48 -0.01 9.41 -7.54
CA ARG A 48 -0.43 9.41 -6.15
C ARG A 48 -1.27 8.16 -5.84
N VAL A 49 -2.10 7.79 -6.81
CA VAL A 49 -2.96 6.62 -6.68
C VAL A 49 -2.13 5.34 -6.63
N TRP A 50 -1.12 5.26 -7.49
CA TRP A 50 -0.23 4.10 -7.52
C TRP A 50 0.49 3.93 -6.17
N VAL A 51 0.84 5.05 -5.55
CA VAL A 51 1.44 5.02 -4.23
C VAL A 51 0.49 4.35 -3.23
N ARG A 52 -0.76 4.79 -3.22
CA ARG A 52 -1.77 4.21 -2.34
C ARG A 52 -1.97 2.74 -2.64
N GLN A 53 -2.22 2.43 -3.90
CA GLN A 53 -2.57 1.10 -4.34
C GLN A 53 -1.45 0.10 -4.04
N HIS A 54 -0.22 0.48 -4.36
CA HIS A 54 0.92 -0.43 -4.21
C HIS A 54 1.19 -0.74 -2.74
N GLU A 55 1.25 0.29 -1.91
CA GLU A 55 1.62 0.12 -0.51
C GLU A 55 0.48 -0.52 0.28
N ARG A 56 -0.74 -0.42 -0.24
CA ARG A 56 -1.89 -1.03 0.41
C ARG A 56 -2.03 -2.48 -0.06
N ASP A 57 -1.64 -2.73 -1.30
CA ASP A 57 -1.73 -4.06 -1.89
C ASP A 57 -0.73 -5.00 -1.22
N THR A 58 0.52 -4.58 -1.15
CA THR A 58 1.55 -5.37 -0.52
C THR A 58 1.49 -5.21 1.01
N GLY A 59 0.54 -5.90 1.62
CA GLY A 59 0.32 -5.79 3.04
C GLY A 59 -1.15 -5.61 3.35
N GLY A 60 -1.50 -4.46 3.91
CA GLY A 60 -2.89 -4.16 4.18
C GLY A 60 -3.18 -3.97 5.65
N ASP A 61 -4.45 -3.75 5.97
CA ASP A 61 -4.89 -3.57 7.34
C ASP A 61 -5.58 -4.83 7.83
N ASP A 62 -5.51 -5.10 9.14
CA ASP A 62 -6.07 -6.33 9.70
C ASP A 62 -7.60 -6.29 9.62
N GLY A 63 -8.20 -5.33 10.32
CA GLY A 63 -9.64 -5.17 10.27
C GLY A 63 -10.34 -5.74 11.49
N GLY A 64 -9.56 -6.25 12.43
CA GLY A 64 -10.14 -6.80 13.63
C GLY A 64 -9.43 -6.35 14.89
N LEU A 65 -10.11 -6.42 16.02
CA LEU A 65 -9.51 -6.08 17.31
C LEU A 65 -8.61 -7.22 17.75
N THR A 66 -9.20 -8.39 17.92
CA THR A 66 -8.46 -9.59 18.25
C THR A 66 -8.85 -10.69 17.25
N THR A 67 -9.28 -10.23 16.08
CA THR A 67 -9.83 -11.09 15.05
C THR A 67 -11.12 -11.74 15.53
N ALA A 68 -11.01 -12.94 16.10
CA ALA A 68 -12.14 -13.71 16.63
C ALA A 68 -11.70 -15.14 16.91
N GLU A 69 -11.47 -15.87 15.83
CA GLU A 69 -11.01 -17.24 15.90
C GLU A 69 -10.27 -17.58 14.60
N ARG A 70 -9.13 -18.23 14.73
CA ARG A 70 -8.33 -18.62 13.57
C ARG A 70 -9.14 -19.52 12.64
N GLN A 71 -9.67 -20.61 13.17
CA GLN A 71 -10.53 -21.47 12.38
C GLN A 71 -11.99 -21.27 12.78
N ARG A 72 -12.66 -20.42 12.03
CA ARG A 72 -14.06 -20.14 12.24
C ARG A 72 -14.91 -21.16 11.49
N LEU A 73 -15.44 -22.14 12.21
CA LEU A 73 -16.07 -23.31 11.60
C LEU A 73 -17.58 -23.16 11.51
N LYS A 74 -18.09 -21.95 11.56
CA LYS A 74 -19.53 -21.72 11.49
C LYS A 74 -19.88 -20.53 10.63
N GLU A 75 -21.05 -20.61 9.99
CA GLU A 75 -21.64 -19.52 9.20
C GLU A 75 -20.84 -19.19 7.94
N PRO A 76 -21.42 -19.44 6.76
CA PRO A 76 -20.81 -19.06 5.49
C PRO A 76 -20.68 -17.54 5.37
N GLU A 77 -19.44 -17.07 5.38
CA GLU A 77 -19.17 -15.63 5.38
C GLU A 77 -18.44 -15.24 4.10
N ARG A 78 -18.61 -14.00 3.71
CA ARG A 78 -17.96 -13.46 2.53
C ARG A 78 -16.84 -12.49 2.94
N GLU A 79 -17.26 -11.33 3.43
CA GLU A 79 -16.37 -10.26 3.87
C GLU A 79 -17.22 -9.21 4.60
N ASN A 80 -18.30 -9.68 5.21
CA ASN A 80 -19.29 -8.79 5.81
C ASN A 80 -18.79 -8.23 7.13
N ARG A 81 -18.10 -7.11 7.05
CA ARG A 81 -17.60 -6.43 8.24
C ARG A 81 -18.48 -5.21 8.53
N GLU A 82 -19.62 -5.17 7.85
CA GLU A 82 -20.56 -4.08 8.00
C GLU A 82 -21.27 -4.17 9.35
N LEU A 83 -21.59 -3.02 9.93
CA LEU A 83 -22.21 -2.98 11.25
C LEU A 83 -23.71 -2.69 11.14
N ARG A 84 -24.29 -2.24 12.24
CA ARG A 84 -25.72 -1.98 12.29
C ARG A 84 -25.97 -0.48 12.13
N ARG A 85 -27.24 -0.09 12.18
CA ARG A 85 -27.62 1.32 12.00
C ARG A 85 -27.38 2.12 13.29
N SER A 86 -26.63 1.55 14.22
CA SER A 86 -26.35 2.22 15.48
C SER A 86 -24.97 2.89 15.45
N ASN A 87 -23.94 2.10 15.14
CA ASN A 87 -22.54 2.58 15.14
C ASN A 87 -22.17 3.08 16.53
N ASP A 88 -21.17 3.96 16.60
CA ASP A 88 -20.81 4.57 17.87
C ASP A 88 -21.04 6.08 17.79
N ILE A 89 -21.71 6.63 18.80
CA ILE A 89 -22.03 8.05 18.82
C ILE A 89 -21.73 8.66 20.19
N LEU A 90 -21.22 7.85 21.09
CA LEU A 90 -20.99 8.28 22.46
C LEU A 90 -19.54 8.05 22.86
N ARG A 91 -18.91 9.08 23.42
CA ARG A 91 -17.56 8.97 23.93
C ARG A 91 -17.54 8.13 25.19
N LEU A 92 -16.86 7.00 25.13
CA LEU A 92 -16.83 6.07 26.25
C LEU A 92 -15.49 6.13 26.97
N ALA A 93 -15.27 5.16 27.86
CA ALA A 93 -14.04 5.04 28.63
C ALA A 93 -13.86 6.18 29.63
N SER A 94 -13.32 7.30 29.18
CA SER A 94 -13.04 8.42 30.05
C SER A 94 -13.44 9.75 29.42
N ALA A 95 -14.61 10.23 29.80
CA ALA A 95 -15.06 11.54 29.40
C ALA A 95 -15.64 12.26 30.61
N TYR A 96 -16.80 11.78 31.04
CA TYR A 96 -17.43 12.25 32.27
C TYR A 96 -18.12 11.09 32.94
N PHE A 97 -18.11 11.08 34.27
CA PHE A 97 -18.74 10.01 35.02
C PHE A 97 -20.12 10.45 35.48
N ALA A 98 -21.14 9.77 34.97
CA ALA A 98 -22.53 10.15 35.21
C ALA A 98 -22.91 9.98 36.67
N LYS A 99 -22.24 9.05 37.36
CA LYS A 99 -22.50 8.77 38.78
C LYS A 99 -23.81 8.00 38.97
N ALA A 100 -24.86 8.48 38.30
CA ALA A 100 -26.19 7.87 38.33
C ALA A 100 -26.84 8.02 39.70
N GLU A 101 -26.39 9.04 40.43
CA GLU A 101 -27.00 9.39 41.71
C GLU A 101 -28.34 10.08 41.45
N PHE A 102 -29.41 9.53 42.00
CA PHE A 102 -30.76 9.92 41.61
C PHE A 102 -31.28 11.11 42.39
N ASP A 103 -31.42 12.23 41.69
CA ASP A 103 -32.15 13.42 42.17
C ASP A 103 -31.42 14.10 43.33
N ARG A 104 -32.13 15.01 44.01
CA ARG A 104 -31.57 15.87 45.06
C ARG A 104 -30.60 16.87 44.47
N LEU A 105 -31.14 17.83 43.72
CA LEU A 105 -30.33 18.84 43.06
C LEU A 105 -30.02 19.98 44.01
N TRP A 106 -31.06 20.67 44.47
CA TRP A 106 -30.89 21.77 45.41
C TRP A 106 -30.97 21.26 46.84
N LYS A 107 -29.82 21.22 47.49
CA LYS A 107 -29.72 20.69 48.85
C LYS A 107 -30.55 21.52 49.82
N LYS A 108 -30.31 22.83 49.82
CA LYS A 108 -31.04 23.76 50.66
C LYS A 108 -30.77 25.19 50.21
N MET A 1 -16.48 0.19 -26.72
CA MET A 1 -15.17 0.66 -27.20
C MET A 1 -14.09 0.38 -26.16
N THR A 2 -12.96 1.06 -26.29
CA THR A 2 -11.81 0.81 -25.43
C THR A 2 -12.10 1.09 -23.95
N LYS A 3 -12.21 0.02 -23.17
CA LYS A 3 -12.22 0.11 -21.72
C LYS A 3 -11.28 -0.95 -21.15
N ASN A 4 -10.68 -1.71 -22.05
CA ASN A 4 -9.71 -2.73 -21.69
C ASN A 4 -8.31 -2.14 -21.67
N THR A 5 -8.22 -0.85 -21.99
CA THR A 5 -6.96 -0.15 -21.99
C THR A 5 -6.43 0.05 -20.57
N ARG A 6 -5.68 -0.93 -20.10
CA ARG A 6 -5.13 -0.90 -18.77
C ARG A 6 -3.64 -0.56 -18.82
N PHE A 7 -3.17 0.18 -17.82
CA PHE A 7 -1.76 0.52 -17.72
C PHE A 7 -0.94 -0.75 -17.48
N SER A 8 0.01 -1.00 -18.36
CA SER A 8 0.87 -2.17 -18.25
C SER A 8 1.57 -2.22 -16.89
N PRO A 9 1.62 -3.40 -16.26
CA PRO A 9 2.23 -3.59 -14.94
C PRO A 9 3.65 -3.07 -14.88
N GLU A 10 4.35 -3.18 -16.01
CA GLU A 10 5.73 -2.69 -16.11
C GLU A 10 5.79 -1.19 -15.84
N VAL A 11 4.85 -0.44 -16.40
CA VAL A 11 4.82 1.01 -16.25
C VAL A 11 4.46 1.37 -14.80
N ARG A 12 3.47 0.68 -14.26
CA ARG A 12 3.03 0.90 -12.89
C ARG A 12 4.16 0.56 -11.91
N GLN A 13 4.85 -0.53 -12.19
CA GLN A 13 5.98 -0.97 -11.39
C GLN A 13 7.14 0.03 -11.47
N ARG A 14 7.47 0.43 -12.70
CA ARG A 14 8.55 1.38 -12.93
C ARG A 14 8.26 2.72 -12.25
N ALA A 15 6.98 3.11 -12.27
CA ALA A 15 6.55 4.35 -11.63
C ALA A 15 6.93 4.36 -10.15
N VAL A 16 6.41 3.40 -9.40
CA VAL A 16 6.69 3.28 -7.98
C VAL A 16 8.20 3.12 -7.75
N ARG A 17 8.82 2.32 -8.61
CA ARG A 17 10.26 2.08 -8.55
C ARG A 17 11.05 3.38 -8.60
N MET A 18 10.78 4.19 -9.62
CA MET A 18 11.54 5.43 -9.84
C MET A 18 11.28 6.43 -8.73
N VAL A 19 10.08 6.41 -8.16
CA VAL A 19 9.73 7.30 -7.07
C VAL A 19 10.55 6.97 -5.81
N LEU A 20 10.73 5.68 -5.55
CA LEU A 20 11.48 5.23 -4.39
C LEU A 20 12.95 5.58 -4.51
N GLU A 21 13.54 5.27 -5.66
CA GLU A 21 14.97 5.47 -5.86
C GLU A 21 15.34 6.96 -5.84
N SER A 22 14.41 7.82 -6.24
CA SER A 22 14.64 9.26 -6.19
C SER A 22 14.40 9.78 -4.77
N GLN A 23 13.46 9.14 -4.08
CA GLN A 23 13.19 9.45 -2.67
C GLN A 23 14.41 9.11 -1.83
N GLY A 24 15.28 8.27 -2.37
CA GLY A 24 16.53 7.94 -1.70
C GLY A 24 17.47 9.13 -1.62
N GLU A 25 17.19 10.19 -2.37
CA GLU A 25 18.01 11.39 -2.33
C GLU A 25 17.18 12.59 -1.89
N TYR A 26 16.00 12.74 -2.46
CA TYR A 26 15.11 13.82 -2.09
C TYR A 26 14.39 13.50 -0.78
N ASP A 27 14.32 14.48 0.10
CA ASP A 27 13.70 14.29 1.40
C ASP A 27 12.19 14.15 1.26
N SER A 28 11.61 15.00 0.44
CA SER A 28 10.18 14.97 0.20
C SER A 28 9.86 14.04 -0.96
N GLN A 29 9.03 13.05 -0.69
CA GLN A 29 8.59 12.12 -1.74
C GLN A 29 7.57 12.81 -2.63
N TRP A 30 6.94 13.86 -2.11
CA TRP A 30 6.03 14.66 -2.89
C TRP A 30 6.80 15.40 -3.98
N ALA A 31 8.06 15.69 -3.69
CA ALA A 31 8.93 16.38 -4.63
C ALA A 31 9.35 15.46 -5.77
N THR A 32 9.49 14.17 -5.47
CA THR A 32 9.89 13.21 -6.48
C THR A 32 8.70 12.87 -7.38
N ILE A 33 7.51 12.90 -6.80
CA ILE A 33 6.28 12.66 -7.54
C ILE A 33 6.15 13.62 -8.73
N CYS A 34 6.34 14.91 -8.47
CA CYS A 34 6.23 15.91 -9.52
C CYS A 34 7.50 15.97 -10.37
N SER A 35 8.53 15.25 -9.94
CA SER A 35 9.81 15.23 -10.64
C SER A 35 9.85 14.07 -11.64
N ILE A 36 9.27 12.94 -11.25
CA ILE A 36 9.25 11.74 -12.09
C ILE A 36 8.06 11.76 -13.04
N ALA A 37 7.02 12.51 -12.66
CA ALA A 37 5.82 12.65 -13.48
C ALA A 37 6.12 12.98 -14.96
N PRO A 38 6.99 13.98 -15.26
CA PRO A 38 7.33 14.34 -16.65
C PRO A 38 8.10 13.23 -17.37
N LYS A 39 8.73 12.35 -16.61
CA LYS A 39 9.50 11.25 -17.17
C LYS A 39 8.57 10.16 -17.69
N ILE A 40 7.44 9.99 -17.02
CA ILE A 40 6.44 9.03 -17.43
C ILE A 40 5.46 9.68 -18.40
N GLY A 41 5.16 10.95 -18.15
CA GLY A 41 4.20 11.66 -18.96
C GLY A 41 2.84 11.67 -18.31
N CYS A 42 2.83 11.78 -17.00
CA CYS A 42 1.60 11.73 -16.23
C CYS A 42 1.50 12.91 -15.28
N THR A 43 0.35 13.03 -14.63
CA THR A 43 0.12 14.05 -13.63
C THR A 43 0.60 13.53 -12.27
N PRO A 44 1.16 14.40 -11.41
CA PRO A 44 1.56 14.02 -10.04
C PRO A 44 0.50 13.18 -9.32
N GLU A 45 -0.76 13.57 -9.45
CA GLU A 45 -1.87 12.81 -8.87
C GLU A 45 -1.89 11.38 -9.42
N THR A 46 -1.77 11.27 -10.74
CA THR A 46 -1.77 9.97 -11.40
C THR A 46 -0.67 9.07 -10.87
N LEU A 47 0.50 9.67 -10.61
CA LEU A 47 1.63 8.94 -10.08
C LEU A 47 1.34 8.49 -8.65
N ARG A 48 0.67 9.35 -7.89
CA ARG A 48 0.29 9.01 -6.53
C ARG A 48 -0.74 7.88 -6.53
N VAL A 49 -1.58 7.86 -7.56
CA VAL A 49 -2.56 6.79 -7.71
C VAL A 49 -1.85 5.43 -7.82
N TRP A 50 -0.81 5.37 -8.64
CA TRP A 50 -0.05 4.13 -8.79
C TRP A 50 0.61 3.74 -7.48
N VAL A 51 1.12 4.73 -6.76
CA VAL A 51 1.70 4.49 -5.44
C VAL A 51 0.64 3.99 -4.47
N ARG A 52 -0.56 4.57 -4.56
CA ARG A 52 -1.68 4.17 -3.72
C ARG A 52 -2.10 2.73 -4.02
N GLN A 53 -2.01 2.35 -5.30
CA GLN A 53 -2.31 0.98 -5.71
C GLN A 53 -1.34 0.02 -5.04
N HIS A 54 -0.07 0.39 -5.05
CA HIS A 54 0.97 -0.42 -4.41
C HIS A 54 0.83 -0.36 -2.89
N GLU A 55 0.32 0.75 -2.38
CA GLU A 55 0.07 0.92 -0.96
C GLU A 55 -0.90 -0.15 -0.46
N ARG A 56 -1.98 -0.35 -1.20
CA ARG A 56 -2.94 -1.39 -0.85
C ARG A 56 -2.40 -2.76 -1.22
N ASP A 57 -1.67 -2.83 -2.33
CA ASP A 57 -1.04 -4.06 -2.79
C ASP A 57 -0.19 -4.71 -1.70
N THR A 58 0.60 -3.89 -1.02
CA THR A 58 1.52 -4.39 0.00
C THR A 58 0.97 -4.13 1.41
N GLY A 59 -0.01 -3.25 1.51
CA GLY A 59 -0.54 -2.86 2.81
C GLY A 59 -1.75 -3.67 3.24
N GLY A 60 -2.28 -4.47 2.33
CA GLY A 60 -3.41 -5.31 2.67
C GLY A 60 -4.54 -5.18 1.67
N ASP A 61 -5.05 -6.32 1.22
CA ASP A 61 -6.13 -6.33 0.24
C ASP A 61 -7.43 -5.81 0.83
N ASP A 62 -8.26 -5.24 -0.02
CA ASP A 62 -9.56 -4.72 0.38
C ASP A 62 -10.64 -5.41 -0.46
N GLY A 63 -11.83 -4.83 -0.51
CA GLY A 63 -12.91 -5.42 -1.28
C GLY A 63 -13.41 -6.72 -0.68
N GLY A 64 -13.29 -6.84 0.64
CA GLY A 64 -13.72 -8.04 1.32
C GLY A 64 -14.71 -7.73 2.43
N LEU A 65 -15.96 -7.51 2.03
CA LEU A 65 -17.05 -7.13 2.95
C LEU A 65 -16.86 -5.69 3.40
N THR A 66 -15.85 -5.03 2.84
CA THR A 66 -15.54 -3.66 3.16
C THR A 66 -16.22 -2.73 2.17
N THR A 67 -17.01 -1.81 2.70
CA THR A 67 -17.76 -0.88 1.86
C THR A 67 -17.62 0.54 2.42
N ALA A 68 -18.52 0.88 3.34
CA ALA A 68 -18.51 2.16 4.01
C ALA A 68 -19.00 1.98 5.43
N GLU A 69 -19.09 0.73 5.86
CA GLU A 69 -19.61 0.39 7.17
C GLU A 69 -19.04 -0.93 7.65
N ARG A 70 -17.93 -0.86 8.36
CA ARG A 70 -17.31 -2.04 8.96
C ARG A 70 -17.08 -1.80 10.45
N GLN A 71 -16.50 -0.66 10.77
CA GLN A 71 -16.28 -0.27 12.15
C GLN A 71 -17.57 0.30 12.74
N ARG A 72 -18.44 -0.60 13.16
CA ARG A 72 -19.73 -0.21 13.70
C ARG A 72 -19.99 -0.96 14.99
N LEU A 73 -18.93 -1.53 15.54
CA LEU A 73 -19.02 -2.34 16.75
C LEU A 73 -19.12 -1.44 17.97
N LYS A 74 -20.30 -1.39 18.55
CA LYS A 74 -20.51 -0.62 19.77
C LYS A 74 -20.54 -1.55 20.98
N GLU A 75 -20.07 -1.04 22.10
CA GLU A 75 -20.01 -1.80 23.36
C GLU A 75 -19.07 -2.99 23.21
N PRO A 76 -17.77 -2.78 23.45
CA PRO A 76 -16.75 -3.80 23.27
C PRO A 76 -16.62 -4.74 24.47
N GLU A 77 -16.90 -6.01 24.25
CA GLU A 77 -16.71 -7.03 25.27
C GLU A 77 -15.46 -7.84 24.91
N ARG A 78 -14.49 -7.83 25.81
CA ARG A 78 -13.16 -8.36 25.51
C ARG A 78 -13.14 -9.89 25.43
N GLU A 79 -13.85 -10.53 26.34
CA GLU A 79 -13.87 -11.99 26.38
C GLU A 79 -14.55 -12.55 25.13
N ASN A 80 -13.74 -13.17 24.28
CA ASN A 80 -14.22 -13.69 23.01
C ASN A 80 -15.04 -14.96 23.23
N ARG A 81 -16.34 -14.82 23.32
CA ARG A 81 -17.23 -15.97 23.48
C ARG A 81 -17.70 -16.44 22.11
N GLU A 82 -17.01 -17.43 21.56
CA GLU A 82 -17.29 -17.93 20.22
C GLU A 82 -18.42 -18.96 20.26
N LEU A 83 -19.67 -18.46 20.13
CA LEU A 83 -20.86 -19.31 20.20
C LEU A 83 -20.79 -20.24 21.41
N ARG A 84 -20.49 -21.51 21.15
CA ARG A 84 -20.23 -22.46 22.22
C ARG A 84 -18.73 -22.75 22.28
N ARG A 85 -18.21 -23.24 21.16
CA ARG A 85 -16.78 -23.50 21.00
C ARG A 85 -16.55 -24.02 19.58
N SER A 86 -15.31 -23.98 19.12
CA SER A 86 -14.95 -24.52 17.81
C SER A 86 -14.87 -26.05 17.85
N ASN A 87 -15.35 -26.62 18.95
CA ASN A 87 -15.33 -28.08 19.17
C ASN A 87 -13.91 -28.60 19.27
N ASP A 88 -13.34 -28.99 18.13
CA ASP A 88 -12.01 -29.56 18.08
C ASP A 88 -11.15 -28.75 17.11
N ILE A 89 -10.01 -29.28 16.73
CA ILE A 89 -9.10 -28.57 15.84
C ILE A 89 -8.56 -29.50 14.76
N LEU A 90 -7.72 -28.95 13.90
CA LEU A 90 -7.01 -29.74 12.91
C LEU A 90 -5.98 -30.61 13.61
N ARG A 91 -6.20 -31.91 13.59
CA ARG A 91 -5.37 -32.84 14.34
C ARG A 91 -4.17 -33.28 13.53
N LEU A 92 -3.02 -32.71 13.88
CA LEU A 92 -1.75 -33.09 13.26
C LEU A 92 -1.27 -34.40 13.89
N ALA A 93 -1.69 -35.51 13.27
CA ALA A 93 -1.49 -36.85 13.81
C ALA A 93 -2.39 -37.09 15.02
N SER A 94 -2.72 -38.34 15.29
CA SER A 94 -3.64 -38.67 16.36
C SER A 94 -2.96 -38.62 17.73
N ALA A 95 -3.01 -37.44 18.34
CA ALA A 95 -2.51 -37.21 19.71
C ALA A 95 -0.98 -37.25 19.80
N TYR A 96 -0.38 -38.36 19.33
CA TYR A 96 1.07 -38.55 19.40
C TYR A 96 1.51 -38.47 20.87
N PHE A 97 2.67 -37.91 21.12
CA PHE A 97 3.15 -37.73 22.49
C PHE A 97 2.91 -36.29 22.93
N ALA A 98 2.10 -35.58 22.15
CA ALA A 98 1.67 -34.24 22.50
C ALA A 98 0.64 -34.31 23.61
N LYS A 99 -0.10 -35.41 23.65
CA LYS A 99 -1.07 -35.65 24.71
C LYS A 99 -0.35 -35.88 26.03
N ALA A 100 -1.01 -35.53 27.12
CA ALA A 100 -0.41 -35.66 28.44
C ALA A 100 -0.51 -37.09 28.95
N GLU A 101 -1.67 -37.71 28.73
CA GLU A 101 -1.89 -39.07 29.18
C GLU A 101 -2.94 -39.75 28.30
N PHE A 102 -3.19 -41.02 28.57
CA PHE A 102 -4.23 -41.74 27.87
C PHE A 102 -5.47 -41.80 28.76
N ASP A 103 -6.63 -41.48 28.18
CA ASP A 103 -7.88 -41.41 28.93
C ASP A 103 -8.25 -42.75 29.55
N ARG A 104 -8.00 -42.88 30.86
CA ARG A 104 -8.32 -44.08 31.65
C ARG A 104 -7.40 -45.25 31.32
N LEU A 105 -7.07 -45.40 30.04
CA LEU A 105 -6.24 -46.49 29.54
C LEU A 105 -7.06 -47.78 29.50
N TRP A 106 -7.23 -48.43 30.66
CA TRP A 106 -7.98 -49.69 30.76
C TRP A 106 -7.50 -50.65 29.68
N LYS A 107 -6.26 -51.11 29.81
CA LYS A 107 -5.63 -51.89 28.77
C LYS A 107 -5.50 -53.36 29.17
N LYS A 108 -5.36 -53.59 30.46
CA LYS A 108 -5.23 -54.96 30.96
C LYS A 108 -6.51 -55.38 31.69
N MET A 1 -16.53 -1.87 -28.54
CA MET A 1 -15.11 -1.79 -28.94
C MET A 1 -14.22 -2.08 -27.75
N THR A 2 -12.92 -2.16 -27.99
CA THR A 2 -11.96 -2.45 -26.93
C THR A 2 -11.67 -1.19 -26.10
N LYS A 3 -11.57 -1.38 -24.79
CA LYS A 3 -11.32 -0.28 -23.88
C LYS A 3 -9.84 -0.20 -23.54
N ASN A 4 -9.01 -0.74 -24.43
CA ASN A 4 -7.57 -0.83 -24.18
C ASN A 4 -6.87 0.50 -24.41
N THR A 5 -7.22 1.49 -23.62
CA THR A 5 -6.52 2.77 -23.61
C THR A 5 -5.63 2.85 -22.38
N ARG A 6 -5.12 1.69 -21.99
CA ARG A 6 -4.31 1.56 -20.78
C ARG A 6 -2.83 1.65 -21.12
N PHE A 7 -2.00 1.52 -20.10
CA PHE A 7 -0.56 1.46 -20.29
C PHE A 7 -0.07 0.05 -20.00
N SER A 8 1.09 -0.30 -20.52
CA SER A 8 1.68 -1.60 -20.27
C SER A 8 1.87 -1.82 -18.76
N PRO A 9 1.67 -3.06 -18.28
CA PRO A 9 1.83 -3.39 -16.86
C PRO A 9 3.21 -3.02 -16.33
N GLU A 10 4.19 -3.05 -17.23
CA GLU A 10 5.56 -2.72 -16.88
C GLU A 10 5.70 -1.25 -16.51
N VAL A 11 4.85 -0.42 -17.09
CA VAL A 11 4.92 1.03 -16.88
C VAL A 11 4.70 1.37 -15.41
N ARG A 12 3.61 0.86 -14.83
CA ARG A 12 3.30 1.15 -13.44
C ARG A 12 4.33 0.54 -12.50
N GLN A 13 4.86 -0.61 -12.89
CA GLN A 13 5.86 -1.31 -12.10
C GLN A 13 7.14 -0.48 -12.03
N ARG A 14 7.65 -0.09 -13.19
CA ARG A 14 8.89 0.67 -13.29
C ARG A 14 8.70 2.08 -12.73
N ALA A 15 7.47 2.59 -12.82
CA ALA A 15 7.15 3.91 -12.29
C ALA A 15 7.39 3.96 -10.79
N VAL A 16 6.75 3.05 -10.07
CA VAL A 16 6.89 2.99 -8.62
C VAL A 16 8.34 2.71 -8.23
N ARG A 17 9.00 1.87 -9.02
CA ARG A 17 10.43 1.61 -8.84
C ARG A 17 11.22 2.91 -8.88
N MET A 18 11.02 3.68 -9.93
CA MET A 18 11.71 4.95 -10.11
C MET A 18 11.37 5.91 -8.98
N VAL A 19 10.11 5.85 -8.53
CA VAL A 19 9.66 6.65 -7.40
C VAL A 19 10.44 6.30 -6.14
N LEU A 20 10.56 5.00 -5.86
CA LEU A 20 11.28 4.54 -4.68
C LEU A 20 12.76 4.96 -4.72
N GLU A 21 13.37 4.81 -5.89
CA GLU A 21 14.77 5.18 -6.06
C GLU A 21 14.97 6.66 -5.81
N SER A 22 14.06 7.48 -6.32
CA SER A 22 14.15 8.92 -6.13
C SER A 22 13.66 9.32 -4.74
N GLN A 23 12.88 8.46 -4.11
CA GLN A 23 12.34 8.73 -2.77
C GLN A 23 13.46 8.69 -1.74
N GLY A 24 14.46 7.86 -2.00
CA GLY A 24 15.62 7.82 -1.13
C GLY A 24 16.48 9.07 -1.24
N GLU A 25 16.26 9.84 -2.31
CA GLU A 25 17.02 11.05 -2.55
C GLU A 25 16.20 12.28 -2.14
N TYR A 26 14.95 12.32 -2.56
CA TYR A 26 14.07 13.43 -2.22
C TYR A 26 13.40 13.19 -0.87
N ASP A 27 13.65 14.09 0.07
CA ASP A 27 13.06 14.01 1.40
C ASP A 27 11.55 13.91 1.33
N SER A 28 10.93 14.86 0.65
CA SER A 28 9.49 14.88 0.49
C SER A 28 9.07 14.07 -0.73
N GLN A 29 8.16 13.13 -0.53
CA GLN A 29 7.67 12.26 -1.60
C GLN A 29 7.07 13.07 -2.75
N TRP A 30 6.49 14.21 -2.40
CA TRP A 30 5.87 15.09 -3.39
C TRP A 30 6.89 15.60 -4.39
N ALA A 31 8.09 15.91 -3.89
CA ALA A 31 9.18 16.37 -4.75
C ALA A 31 9.57 15.27 -5.73
N THR A 32 9.50 14.03 -5.25
CA THR A 32 9.73 12.87 -6.09
C THR A 32 8.69 12.79 -7.20
N ILE A 33 7.43 12.96 -6.82
CA ILE A 33 6.32 12.91 -7.77
C ILE A 33 6.45 14.00 -8.83
N CYS A 34 6.69 15.24 -8.39
CA CYS A 34 6.81 16.38 -9.29
C CYS A 34 8.03 16.26 -10.21
N SER A 35 8.96 15.38 -9.84
CA SER A 35 10.15 15.15 -10.63
C SER A 35 9.89 14.07 -11.69
N ILE A 36 9.21 13.00 -11.29
CA ILE A 36 9.06 11.83 -12.14
C ILE A 36 7.83 11.92 -13.03
N ALA A 37 6.81 12.66 -12.60
CA ALA A 37 5.57 12.78 -13.35
C ALA A 37 5.82 13.26 -14.79
N PRO A 38 6.48 14.43 -15.00
CA PRO A 38 6.77 14.92 -16.34
C PRO A 38 7.91 14.14 -17.00
N LYS A 39 8.63 13.38 -16.18
CA LYS A 39 9.74 12.57 -16.65
C LYS A 39 9.21 11.38 -17.44
N ILE A 40 8.24 10.67 -16.86
CA ILE A 40 7.62 9.53 -17.53
C ILE A 40 6.51 10.01 -18.48
N GLY A 41 5.78 11.02 -18.06
CA GLY A 41 4.71 11.56 -18.88
C GLY A 41 3.34 11.21 -18.35
N CYS A 42 3.20 11.25 -17.03
CA CYS A 42 1.94 10.94 -16.38
C CYS A 42 1.56 12.08 -15.45
N THR A 43 0.28 12.19 -15.12
CA THR A 43 -0.17 13.20 -14.20
C THR A 43 0.20 12.82 -12.76
N PRO A 44 0.78 13.77 -12.01
CA PRO A 44 1.21 13.55 -10.63
C PRO A 44 0.11 12.95 -9.75
N GLU A 45 -1.13 13.34 -10.02
CA GLU A 45 -2.26 12.86 -9.25
C GLU A 45 -2.45 11.35 -9.44
N THR A 46 -2.25 10.87 -10.67
CA THR A 46 -2.37 9.46 -10.97
C THR A 46 -1.14 8.70 -10.47
N LEU A 47 0.01 9.35 -10.55
CA LEU A 47 1.26 8.77 -10.04
C LEU A 47 1.16 8.56 -8.54
N ARG A 48 0.56 9.52 -7.85
CA ARG A 48 0.31 9.41 -6.42
C ARG A 48 -0.50 8.15 -6.11
N VAL A 49 -1.48 7.87 -6.97
CA VAL A 49 -2.35 6.71 -6.79
C VAL A 49 -1.56 5.41 -6.84
N TRP A 50 -0.75 5.24 -7.89
CA TRP A 50 0.01 4.01 -8.08
C TRP A 50 0.94 3.75 -6.89
N VAL A 51 1.52 4.82 -6.36
CA VAL A 51 2.36 4.71 -5.18
C VAL A 51 1.54 4.24 -3.97
N ARG A 52 0.41 4.91 -3.75
CA ARG A 52 -0.47 4.58 -2.64
C ARG A 52 -1.02 3.16 -2.76
N GLN A 53 -1.18 2.68 -4.00
CA GLN A 53 -1.66 1.32 -4.23
C GLN A 53 -0.61 0.31 -3.80
N HIS A 54 0.67 0.63 -4.02
CA HIS A 54 1.75 -0.26 -3.62
C HIS A 54 2.10 -0.06 -2.15
N GLU A 55 1.53 0.98 -1.56
CA GLU A 55 1.74 1.27 -0.15
C GLU A 55 0.63 0.65 0.71
N ARG A 56 -0.61 0.91 0.31
CA ARG A 56 -1.78 0.52 1.10
C ARG A 56 -2.30 -0.88 0.72
N ASP A 57 -2.33 -1.19 -0.57
CA ASP A 57 -2.90 -2.46 -1.01
C ASP A 57 -1.95 -3.62 -0.76
N THR A 58 -0.66 -3.36 -0.92
CA THR A 58 0.35 -4.40 -0.71
C THR A 58 0.52 -4.71 0.77
N GLY A 59 0.54 -3.68 1.60
CA GLY A 59 0.74 -3.88 3.03
C GLY A 59 0.33 -2.67 3.83
N GLY A 60 -0.95 -2.30 3.72
CA GLY A 60 -1.46 -1.15 4.44
C GLY A 60 -2.60 -1.50 5.35
N ASP A 61 -2.44 -1.21 6.63
CA ASP A 61 -3.46 -1.49 7.63
C ASP A 61 -4.62 -0.53 7.49
N ASP A 62 -4.30 0.71 7.12
CA ASP A 62 -5.32 1.75 6.98
C ASP A 62 -5.69 1.94 5.51
N GLY A 63 -6.95 2.29 5.27
CA GLY A 63 -7.41 2.50 3.91
C GLY A 63 -7.93 3.92 3.70
N GLY A 64 -7.34 4.87 4.42
CA GLY A 64 -7.74 6.25 4.30
C GLY A 64 -8.70 6.68 5.38
N LEU A 65 -8.66 7.95 5.75
CA LEU A 65 -9.53 8.46 6.80
C LEU A 65 -10.90 8.79 6.23
N THR A 66 -11.75 7.79 6.17
CA THR A 66 -13.09 7.95 5.64
C THR A 66 -14.07 8.33 6.76
N THR A 67 -15.23 8.83 6.39
CA THR A 67 -16.24 9.23 7.35
C THR A 67 -17.60 8.71 6.93
N ALA A 68 -17.58 7.74 6.03
CA ALA A 68 -18.80 7.13 5.52
C ALA A 68 -18.53 5.70 5.12
N GLU A 69 -19.59 4.91 4.99
CA GLU A 69 -19.45 3.54 4.55
C GLU A 69 -19.18 3.52 3.05
N ARG A 70 -18.28 2.64 2.62
CA ARG A 70 -17.88 2.60 1.22
C ARG A 70 -18.93 1.90 0.37
N GLN A 71 -20.11 2.51 0.32
CA GLN A 71 -21.23 2.06 -0.49
C GLN A 71 -22.38 3.06 -0.37
N ARG A 72 -22.38 4.06 -1.24
CA ARG A 72 -23.43 5.07 -1.23
C ARG A 72 -24.73 4.51 -1.78
N LEU A 73 -25.67 4.23 -0.88
CA LEU A 73 -26.95 3.69 -1.27
C LEU A 73 -27.97 4.81 -1.43
N LYS A 74 -27.67 5.97 -0.84
CA LYS A 74 -28.53 7.13 -0.96
C LYS A 74 -28.41 7.74 -2.36
N GLU A 75 -29.16 7.17 -3.29
CA GLU A 75 -29.22 7.65 -4.65
C GLU A 75 -30.52 7.16 -5.27
N PRO A 76 -31.63 7.88 -5.01
CA PRO A 76 -32.97 7.44 -5.37
C PRO A 76 -33.36 7.79 -6.80
N GLU A 77 -32.38 8.20 -7.59
CA GLU A 77 -32.61 8.57 -8.96
C GLU A 77 -31.40 8.22 -9.82
N ARG A 78 -31.62 7.95 -11.09
CA ARG A 78 -30.55 7.53 -11.99
C ARG A 78 -30.83 7.92 -13.42
N GLU A 79 -32.00 8.53 -13.65
CA GLU A 79 -32.42 8.88 -14.99
C GLU A 79 -32.37 10.39 -15.21
N ASN A 80 -31.85 11.11 -14.21
CA ASN A 80 -31.80 12.57 -14.27
C ASN A 80 -30.42 13.04 -14.68
N ARG A 81 -29.75 12.26 -15.51
CA ARG A 81 -28.42 12.61 -15.99
C ARG A 81 -28.55 13.60 -17.15
N GLU A 82 -28.86 14.85 -16.83
CA GLU A 82 -29.11 15.85 -17.85
C GLU A 82 -27.82 16.36 -18.49
N LEU A 83 -27.35 15.61 -19.47
CA LEU A 83 -26.20 15.99 -20.28
C LEU A 83 -26.55 15.80 -21.75
N ARG A 84 -26.86 14.57 -22.11
CA ARG A 84 -27.41 14.27 -23.43
C ARG A 84 -28.94 14.26 -23.33
N ARG A 85 -29.55 15.34 -23.77
CA ARG A 85 -30.99 15.49 -23.64
C ARG A 85 -31.72 14.58 -24.62
N SER A 86 -32.72 13.89 -24.11
CA SER A 86 -33.54 13.00 -24.94
C SER A 86 -34.96 13.57 -25.04
N ASN A 87 -35.07 14.86 -24.76
CA ASN A 87 -36.36 15.53 -24.73
C ASN A 87 -36.74 16.03 -26.11
N ASP A 88 -35.76 16.06 -27.02
CA ASP A 88 -35.98 16.56 -28.35
C ASP A 88 -35.73 15.49 -29.42
N ILE A 89 -34.67 14.71 -29.25
CA ILE A 89 -34.37 13.63 -30.18
C ILE A 89 -35.36 12.47 -30.02
N LEU A 90 -36.41 12.49 -30.85
CA LEU A 90 -37.45 11.46 -30.86
C LEU A 90 -38.20 11.43 -29.53
N ARG A 91 -39.08 12.40 -29.35
CA ARG A 91 -39.90 12.45 -28.14
C ARG A 91 -41.34 12.07 -28.49
N LEU A 92 -41.96 11.28 -27.62
CA LEU A 92 -43.35 10.91 -27.80
C LEU A 92 -44.25 12.12 -27.56
N ALA A 93 -45.34 12.19 -28.31
CA ALA A 93 -46.27 13.30 -28.18
C ALA A 93 -47.13 13.14 -26.94
N SER A 94 -46.70 13.75 -25.84
CA SER A 94 -47.47 13.72 -24.62
C SER A 94 -48.49 14.86 -24.60
N ALA A 95 -49.69 14.57 -25.09
CA ALA A 95 -50.74 15.57 -25.18
C ALA A 95 -52.08 14.97 -24.76
N TYR A 96 -52.21 14.72 -23.46
CA TYR A 96 -53.44 14.21 -22.88
C TYR A 96 -53.36 14.31 -21.36
N PHE A 97 -52.38 13.60 -20.79
CA PHE A 97 -52.17 13.53 -19.35
C PHE A 97 -53.44 13.03 -18.66
N ALA A 98 -53.59 11.72 -18.63
CA ALA A 98 -54.81 11.10 -18.12
C ALA A 98 -55.03 11.43 -16.65
N LYS A 99 -56.29 11.66 -16.30
CA LYS A 99 -56.66 11.97 -14.94
C LYS A 99 -56.97 10.70 -14.17
N ALA A 100 -56.87 9.56 -14.85
CA ALA A 100 -57.11 8.27 -14.24
C ALA A 100 -56.07 7.97 -13.16
N GLU A 101 -54.95 8.69 -13.23
CA GLU A 101 -53.91 8.59 -12.22
C GLU A 101 -54.47 9.04 -10.87
N PHE A 102 -55.34 10.04 -10.91
CA PHE A 102 -56.02 10.53 -9.73
C PHE A 102 -57.29 9.71 -9.52
N ASP A 103 -57.24 8.79 -8.58
CA ASP A 103 -58.36 7.88 -8.37
C ASP A 103 -59.40 8.52 -7.47
N ARG A 104 -60.64 8.49 -7.93
CA ARG A 104 -61.77 9.00 -7.16
C ARG A 104 -62.85 7.94 -7.09
N LEU A 105 -63.10 7.46 -5.87
CA LEU A 105 -63.96 6.30 -5.68
C LEU A 105 -65.34 6.68 -5.15
N TRP A 106 -65.38 7.52 -4.13
CA TRP A 106 -66.63 7.79 -3.44
C TRP A 106 -67.17 9.19 -3.74
N LYS A 107 -68.18 9.24 -4.60
CA LYS A 107 -68.96 10.44 -4.87
C LYS A 107 -68.12 11.57 -5.44
N LYS A 108 -67.09 11.23 -6.21
CA LYS A 108 -66.25 12.24 -6.82
C LYS A 108 -66.26 12.10 -8.32
#